data_1LYW
#
_entry.id   1LYW
#
_cell.length_a   140.256
_cell.length_b   136.797
_cell.length_c   140.416
_cell.angle_alpha   90.00
_cell.angle_beta   90.00
_cell.angle_gamma   90.00
#
_symmetry.space_group_name_H-M   'P 21 21 2'
#
loop_
_entity.id
_entity.type
_entity.pdbx_description
1 polymer 'CATHEPSIN D'
2 polymer 'CATHEPSIN D'
3 non-polymer '4-(2-HYDROXYETHYL)-1-PIPERAZINE ETHANESULFONIC ACID'
4 water water
#
loop_
_entity_poly.entity_id
_entity_poly.type
_entity_poly.pdbx_seq_one_letter_code
_entity_poly.pdbx_strand_id
1 'polypeptide(L)'
;GPIPEVLKNYMDAQYYGEIGIGTPPQCFTVVFDTGSSNLWVPSIHCKLLDIACWIHHKYNSDKSSTYVKNGTSFDIHYGS
GSLSGYLSQDTVSVPCQ
;
A,C,E,G
2 'polypeptide(L)'
;GGVKVERQVFGEATKQPGITFIAAKFDGILGMAYPRISVNNVLPVFDNLMQQKLVDQNIFSFYLSRDPDAQPGGELMLGG
TDSKYYKGSLSYLNVTRKAYWQVHLDQVEVASGLTLCKEGCEAIVDTGTSLMVGPVDEVRELQKAIGAVPLIQGEYMIPC
EKVSTLPAITLKLGGKGYKLSPEDYTLKVSQAGKTLCLSGFMGMDIPPPSGPLWILGDVFIGRYYTVFDRDNNRVGFAEA
A
;
B,D,F,H
#
loop_
_chem_comp.id
_chem_comp.type
_chem_comp.name
_chem_comp.formula
EPE non-polymer '4-(2-HYDROXYETHYL)-1-PIPERAZINE ETHANESULFONIC ACID' 'C8 H18 N2 O4 S'
#
# COMPACT_ATOMS: atom_id res chain seq x y z
N ILE A 3 26.17 22.66 -29.19
CA ILE A 3 24.87 23.25 -28.81
C ILE A 3 24.77 23.11 -27.29
N PRO A 4 24.84 24.24 -26.57
CA PRO A 4 24.76 24.29 -25.11
C PRO A 4 23.34 24.21 -24.53
N GLU A 5 23.18 23.40 -23.49
CA GLU A 5 21.89 23.18 -22.84
C GLU A 5 21.23 24.41 -22.22
N VAL A 6 21.94 25.54 -22.21
CA VAL A 6 21.42 26.79 -21.64
C VAL A 6 20.29 27.32 -22.53
N LEU A 7 20.54 27.24 -23.82
CA LEU A 7 19.62 27.70 -24.85
C LEU A 7 18.43 26.76 -25.04
N LYS A 8 18.50 25.60 -24.39
CA LYS A 8 17.43 24.60 -24.48
C LYS A 8 16.24 24.95 -23.61
N ASN A 9 15.05 24.85 -24.18
CA ASN A 9 13.82 25.17 -23.46
C ASN A 9 13.67 24.23 -22.28
N TYR A 10 13.00 23.10 -22.46
CA TYR A 10 12.84 22.14 -21.37
C TYR A 10 12.06 22.64 -20.17
N MET A 11 11.97 23.95 -20.00
CA MET A 11 11.20 24.51 -18.90
C MET A 11 9.87 24.94 -19.43
N ASP A 12 9.80 25.24 -20.72
CA ASP A 12 8.57 25.62 -21.39
C ASP A 12 8.57 25.11 -22.83
N ALA A 13 9.11 23.91 -23.04
CA ALA A 13 9.14 23.34 -24.38
C ALA A 13 7.75 23.35 -24.95
N GLN A 14 7.65 23.62 -26.25
CA GLN A 14 6.37 23.67 -26.96
C GLN A 14 5.94 22.36 -27.58
N TYR A 15 6.88 21.46 -27.85
CA TYR A 15 6.56 20.18 -28.50
C TYR A 15 6.79 18.94 -27.65
N TYR A 16 5.75 18.55 -26.96
CA TYR A 16 5.79 17.38 -26.10
C TYR A 16 4.53 16.57 -26.32
N GLY A 17 4.57 15.35 -25.80
CA GLY A 17 3.45 14.44 -25.95
C GLY A 17 3.75 13.22 -25.10
N GLU A 18 2.80 12.30 -25.06
CA GLU A 18 2.96 11.09 -24.28
C GLU A 18 3.41 9.86 -25.10
N ILE A 19 4.27 9.05 -24.50
CA ILE A 19 4.77 7.83 -25.13
C ILE A 19 4.73 6.78 -24.02
N GLY A 20 5.06 5.54 -24.36
CA GLY A 20 5.06 4.51 -23.36
C GLY A 20 6.30 3.65 -23.40
N ILE A 21 6.75 3.16 -22.25
CA ILE A 21 7.90 2.28 -22.19
C ILE A 21 7.43 1.09 -21.36
N GLY A 22 7.79 -0.11 -21.84
CA GLY A 22 7.45 -1.35 -21.16
C GLY A 22 6.13 -1.96 -21.57
N THR A 23 5.90 -3.17 -21.07
CA THR A 23 4.67 -3.93 -21.32
C THR A 23 4.19 -4.53 -20.00
N PRO A 24 3.09 -4.01 -19.44
CA PRO A 24 2.25 -2.92 -19.95
C PRO A 24 3.02 -1.60 -20.05
N PRO A 25 2.64 -0.74 -21.02
CA PRO A 25 3.28 0.55 -21.23
C PRO A 25 3.13 1.40 -19.99
N GLN A 26 4.18 2.16 -19.70
CA GLN A 26 4.19 3.07 -18.57
C GLN A 26 4.27 4.43 -19.26
N CYS A 27 3.30 5.29 -19.00
CA CYS A 27 3.27 6.59 -19.65
C CYS A 27 4.16 7.64 -19.08
N PHE A 28 4.72 8.43 -19.99
CA PHE A 28 5.63 9.51 -19.65
C PHE A 28 5.45 10.60 -20.67
N THR A 29 5.43 11.83 -20.21
CA THR A 29 5.34 12.96 -21.13
C THR A 29 6.78 13.41 -21.31
N VAL A 30 7.26 13.43 -22.55
CA VAL A 30 8.62 13.83 -22.83
C VAL A 30 8.64 14.93 -23.86
N VAL A 31 9.79 15.57 -24.01
CA VAL A 31 9.90 16.66 -24.96
C VAL A 31 10.49 16.15 -26.25
N PHE A 32 9.75 16.29 -27.35
CA PHE A 32 10.19 15.87 -28.68
C PHE A 32 11.22 16.89 -29.09
N ASP A 33 12.47 16.44 -29.13
CA ASP A 33 13.61 17.29 -29.37
C ASP A 33 14.46 16.95 -30.58
N THR A 34 14.25 17.67 -31.69
CA THR A 34 15.04 17.42 -32.90
C THR A 34 16.54 17.78 -32.84
N GLY A 35 17.03 18.24 -31.68
CA GLY A 35 18.44 18.59 -31.59
C GLY A 35 19.29 17.65 -30.80
N SER A 36 18.70 16.53 -30.43
CA SER A 36 19.39 15.52 -29.66
C SER A 36 18.92 14.18 -30.22
N SER A 37 19.58 13.09 -29.82
CA SER A 37 19.24 11.77 -30.33
C SER A 37 19.03 10.64 -29.29
N ASN A 38 18.84 11.00 -28.02
CA ASN A 38 18.65 9.99 -26.99
C ASN A 38 17.32 10.13 -26.28
N LEU A 39 16.79 9.00 -25.81
CA LEU A 39 15.54 8.98 -25.05
C LEU A 39 15.89 8.59 -23.62
N TRP A 40 15.35 9.31 -22.65
CA TRP A 40 15.58 9.00 -21.25
C TRP A 40 14.39 9.47 -20.42
N VAL A 41 14.05 8.68 -19.40
CA VAL A 41 12.93 8.97 -18.51
C VAL A 41 13.43 8.82 -17.07
N PRO A 42 12.68 9.35 -16.10
CA PRO A 42 13.09 9.23 -14.70
C PRO A 42 13.03 7.75 -14.32
N SER A 43 13.79 7.35 -13.30
CA SER A 43 13.80 5.97 -12.86
C SER A 43 13.16 5.94 -11.50
N ILE A 44 12.53 4.83 -11.15
CA ILE A 44 11.90 4.69 -9.85
C ILE A 44 13.05 4.74 -8.81
N HIS A 45 14.23 4.28 -9.20
CA HIS A 45 15.36 4.28 -8.29
C HIS A 45 16.05 5.62 -8.25
N CYS A 46 15.32 6.68 -7.95
CA CYS A 46 15.92 8.00 -7.92
C CYS A 46 16.82 8.12 -6.69
N LYS A 47 17.98 8.74 -6.88
CA LYS A 47 18.94 8.89 -5.80
C LYS A 47 18.42 9.72 -4.65
N LEU A 48 17.73 10.81 -4.97
CA LEU A 48 17.20 11.66 -3.91
C LEU A 48 15.69 11.84 -3.98
N LEU A 49 15.07 12.02 -2.83
CA LEU A 49 13.64 12.24 -2.80
C LEU A 49 13.48 13.74 -2.81
N ASP A 50 13.55 14.29 -4.01
CA ASP A 50 13.41 15.73 -4.23
C ASP A 50 12.13 15.98 -5.05
N ILE A 51 11.84 17.24 -5.37
CA ILE A 51 10.65 17.59 -6.15
C ILE A 51 10.64 16.90 -7.50
N ALA A 52 11.83 16.69 -8.05
CA ALA A 52 11.96 16.04 -9.34
C ALA A 52 11.48 14.60 -9.25
N CYS A 53 11.92 13.88 -8.22
CA CYS A 53 11.50 12.49 -8.07
C CYS A 53 10.05 12.40 -7.62
N TRP A 54 9.55 13.44 -6.97
CA TRP A 54 8.17 13.45 -6.49
C TRP A 54 7.12 13.55 -7.61
N ILE A 55 7.10 14.66 -8.35
CA ILE A 55 6.11 14.87 -9.42
C ILE A 55 6.30 14.14 -10.72
N HIS A 56 7.53 13.79 -11.07
CA HIS A 56 7.75 13.10 -12.34
C HIS A 56 7.33 11.65 -12.29
N HIS A 57 7.15 11.08 -13.49
CA HIS A 57 6.79 9.69 -13.67
C HIS A 57 8.09 8.96 -13.83
N LYS A 58 8.23 7.83 -13.15
CA LYS A 58 9.46 7.08 -13.23
C LYS A 58 9.27 5.66 -13.74
N TYR A 59 10.25 5.19 -14.48
CA TYR A 59 10.24 3.87 -15.09
C TYR A 59 10.53 2.77 -14.08
N ASN A 60 9.74 1.71 -14.15
CA ASN A 60 9.90 0.55 -13.29
C ASN A 60 9.99 -0.67 -14.18
N SER A 61 11.16 -1.24 -14.32
CA SER A 61 11.34 -2.42 -15.14
C SER A 61 10.78 -3.69 -14.48
N ASP A 62 10.70 -3.72 -13.16
CA ASP A 62 10.15 -4.88 -12.47
C ASP A 62 8.77 -5.19 -13.07
N LYS A 63 8.02 -4.15 -13.43
CA LYS A 63 6.68 -4.29 -13.99
C LYS A 63 6.63 -4.20 -15.51
N SER A 64 7.44 -5.01 -16.18
CA SER A 64 7.51 -5.00 -17.65
C SER A 64 7.96 -6.35 -18.22
N SER A 65 7.08 -7.02 -18.94
CA SER A 65 7.40 -8.33 -19.51
C SER A 65 8.40 -8.28 -20.66
N THR A 66 8.58 -7.11 -21.26
CA THR A 66 9.50 -6.95 -22.39
C THR A 66 10.89 -6.46 -22.07
N TYR A 67 11.04 -5.81 -20.93
CA TYR A 67 12.31 -5.28 -20.48
C TYR A 67 13.53 -6.22 -20.56
N VAL A 68 14.66 -5.67 -21.00
CA VAL A 68 15.90 -6.43 -21.07
C VAL A 68 17.02 -5.58 -20.43
N LYS A 69 17.66 -6.14 -19.41
CA LYS A 69 18.74 -5.50 -18.69
C LYS A 69 19.90 -5.09 -19.60
N ASN A 70 20.62 -4.05 -19.19
CA ASN A 70 21.79 -3.56 -19.92
C ASN A 70 22.77 -3.08 -18.86
N GLY A 71 22.38 -2.06 -18.10
CA GLY A 71 23.22 -1.58 -17.02
C GLY A 71 24.38 -0.64 -17.28
N THR A 72 24.76 -0.47 -18.53
CA THR A 72 25.84 0.47 -18.85
C THR A 72 25.44 1.77 -18.16
N SER A 73 26.20 2.14 -17.13
CA SER A 73 25.88 3.36 -16.41
C SER A 73 26.39 4.55 -17.19
N PHE A 74 25.69 5.67 -17.08
CA PHE A 74 26.11 6.88 -17.78
C PHE A 74 26.03 8.12 -16.87
N ASP A 75 26.68 9.18 -17.34
CA ASP A 75 26.72 10.45 -16.61
C ASP A 75 27.35 11.59 -17.43
N ILE A 76 26.52 12.36 -18.12
CA ILE A 76 27.01 13.50 -18.90
C ILE A 76 26.69 14.73 -18.08
N HIS A 77 27.55 15.74 -18.20
CA HIS A 77 27.34 16.98 -17.47
C HIS A 77 26.45 17.93 -18.29
N TYR A 78 25.15 17.66 -18.23
CA TYR A 78 24.08 18.40 -18.92
C TYR A 78 24.17 19.89 -18.62
N GLY A 79 25.09 20.57 -19.30
CA GLY A 79 25.27 22.00 -19.11
C GLY A 79 25.41 22.37 -17.66
N SER A 80 24.28 22.76 -17.07
CA SER A 80 24.20 23.17 -15.67
C SER A 80 24.71 22.14 -14.67
N GLY A 81 24.14 20.94 -14.70
CA GLY A 81 24.55 19.90 -13.76
C GLY A 81 24.98 18.63 -14.45
N SER A 82 24.65 17.50 -13.85
CA SER A 82 24.98 16.18 -14.39
C SER A 82 23.72 15.35 -14.43
N LEU A 83 23.44 14.72 -15.56
CA LEU A 83 22.28 13.85 -15.72
C LEU A 83 22.84 12.44 -15.69
N SER A 84 22.48 11.66 -14.66
CA SER A 84 22.99 10.31 -14.53
C SER A 84 21.95 9.22 -14.31
N GLY A 85 22.28 8.03 -14.78
CA GLY A 85 21.42 6.88 -14.65
C GLY A 85 22.07 5.72 -15.36
N TYR A 86 21.27 4.84 -15.95
CA TYR A 86 21.81 3.70 -16.66
C TYR A 86 20.97 3.32 -17.87
N LEU A 87 21.59 2.67 -18.84
CA LEU A 87 20.89 2.26 -20.04
C LEU A 87 20.06 1.03 -19.74
N SER A 88 18.98 0.85 -20.50
CA SER A 88 18.07 -0.29 -20.36
C SER A 88 17.30 -0.50 -21.66
N GLN A 89 16.91 -1.74 -21.93
CA GLN A 89 16.22 -2.03 -23.17
C GLN A 89 14.75 -2.30 -22.89
N ASP A 90 13.88 -1.95 -23.84
CA ASP A 90 12.43 -2.19 -23.72
C ASP A 90 11.68 -1.75 -25.01
N THR A 91 10.37 -1.95 -25.05
CA THR A 91 9.53 -1.60 -26.19
C THR A 91 8.88 -0.24 -25.96
N VAL A 92 9.10 0.71 -26.88
CA VAL A 92 8.51 2.06 -26.77
C VAL A 92 7.22 2.19 -27.58
N SER A 93 6.21 2.81 -27.01
CA SER A 93 4.93 2.93 -27.70
C SER A 93 4.51 4.38 -27.91
N VAL A 94 4.18 4.75 -29.15
CA VAL A 94 3.77 6.14 -29.38
C VAL A 94 2.46 6.20 -30.16
N PRO A 95 1.41 6.76 -29.52
CA PRO A 95 1.51 7.28 -28.16
C PRO A 95 1.40 6.15 -27.12
N CYS A 96 1.35 6.50 -25.85
CA CYS A 96 1.24 5.52 -24.79
C CYS A 96 -0.19 4.99 -24.75
N GLN A 97 -1.09 5.84 -24.25
CA GLN A 97 -2.52 5.53 -24.14
C GLN A 97 -3.29 5.93 -25.40
N GLY B 1 -2.08 3.74 -27.46
CA GLY B 1 -2.14 2.90 -28.70
C GLY B 1 -1.72 3.73 -29.91
N GLY B 2 -0.70 3.24 -30.63
CA GLY B 2 -0.19 3.94 -31.81
C GLY B 2 0.84 3.11 -32.58
N VAL B 3 2.07 3.03 -32.05
CA VAL B 3 3.15 2.24 -32.67
C VAL B 3 3.94 1.62 -31.52
N LYS B 4 4.71 0.57 -31.80
CA LYS B 4 5.52 -0.06 -30.77
C LYS B 4 6.93 -0.36 -31.27
N VAL B 5 7.87 0.51 -30.90
CA VAL B 5 9.26 0.35 -31.27
C VAL B 5 9.87 -0.70 -30.34
N GLU B 6 10.14 -1.89 -30.88
CA GLU B 6 10.70 -2.93 -30.06
C GLU B 6 12.21 -2.78 -29.92
N ARG B 7 12.75 -3.45 -28.90
CA ARG B 7 14.18 -3.44 -28.58
C ARG B 7 14.85 -2.08 -28.49
N GLN B 8 14.14 -1.10 -27.94
CA GLN B 8 14.74 0.23 -27.81
C GLN B 8 15.53 0.39 -26.52
N VAL B 9 16.78 0.81 -26.66
CA VAL B 9 17.64 1.10 -25.52
C VAL B 9 17.35 2.57 -25.16
N PHE B 10 17.31 2.87 -23.88
CA PHE B 10 17.04 4.21 -23.45
C PHE B 10 17.72 4.44 -22.10
N GLY B 11 17.45 5.57 -21.48
CA GLY B 11 18.10 5.84 -20.22
C GLY B 11 17.16 6.02 -19.08
N GLU B 12 17.52 5.40 -17.97
CA GLU B 12 16.77 5.52 -16.72
C GLU B 12 17.65 6.47 -15.91
N ALA B 13 17.16 7.66 -15.63
CA ALA B 13 17.93 8.62 -14.87
C ALA B 13 17.71 8.46 -13.37
N THR B 14 18.80 8.21 -12.65
CA THR B 14 18.76 8.05 -11.21
C THR B 14 19.06 9.41 -10.56
N LYS B 15 19.51 10.36 -11.37
CA LYS B 15 19.82 11.72 -10.92
C LYS B 15 19.66 12.62 -12.16
N GLN B 16 18.74 13.57 -12.07
CA GLN B 16 18.46 14.46 -13.18
C GLN B 16 18.25 15.87 -12.66
N PRO B 17 18.25 16.87 -13.57
CA PRO B 17 18.06 18.30 -13.27
C PRO B 17 16.80 18.67 -12.49
N GLY B 18 16.85 19.84 -11.87
CA GLY B 18 15.75 20.29 -11.05
C GLY B 18 14.56 20.79 -11.84
N ILE B 19 13.53 21.17 -11.09
CA ILE B 19 12.27 21.70 -11.60
C ILE B 19 12.53 23.07 -12.22
N THR B 20 13.66 23.65 -11.86
CA THR B 20 14.07 24.96 -12.36
C THR B 20 14.59 24.89 -13.78
N PHE B 21 14.98 23.68 -14.19
CA PHE B 21 15.53 23.44 -15.50
C PHE B 21 14.61 22.61 -16.37
N ILE B 22 14.04 21.55 -15.80
CA ILE B 22 13.07 20.71 -16.52
C ILE B 22 11.81 20.79 -15.69
N ALA B 23 10.76 21.29 -16.30
CA ALA B 23 9.48 21.46 -15.64
C ALA B 23 8.77 20.18 -15.18
N ALA B 24 7.92 20.34 -14.16
CA ALA B 24 7.13 19.25 -13.57
C ALA B 24 6.36 18.47 -14.65
N LYS B 25 6.00 19.17 -15.71
CA LYS B 25 5.26 18.56 -16.81
C LYS B 25 6.02 17.50 -17.62
N PHE B 26 7.31 17.72 -17.87
CA PHE B 26 8.07 16.77 -18.68
C PHE B 26 8.89 15.78 -17.85
N ASP B 27 8.73 14.51 -18.18
CA ASP B 27 9.42 13.44 -17.48
C ASP B 27 10.77 13.16 -18.10
N GLY B 28 10.86 13.30 -19.42
CA GLY B 28 12.11 13.02 -20.08
C GLY B 28 12.22 13.61 -21.46
N ILE B 29 13.32 13.33 -22.13
CA ILE B 29 13.59 13.84 -23.45
C ILE B 29 13.60 12.68 -24.47
N LEU B 30 13.07 12.93 -25.66
CA LEU B 30 13.06 11.93 -26.73
C LEU B 30 13.70 12.62 -27.94
N GLY B 31 15.00 12.44 -28.09
CA GLY B 31 15.74 13.07 -29.17
C GLY B 31 15.39 12.55 -30.57
N MET B 32 15.38 13.41 -31.57
CA MET B 32 15.03 12.96 -32.92
C MET B 32 16.05 13.33 -34.02
N ALA B 33 17.28 13.61 -33.59
CA ALA B 33 18.36 13.95 -34.49
C ALA B 33 19.08 12.68 -34.91
N TYR B 34 20.05 12.82 -35.81
CA TYR B 34 20.78 11.65 -36.31
C TYR B 34 21.62 10.92 -35.25
N PRO B 35 21.92 9.63 -35.50
CA PRO B 35 22.71 8.87 -34.53
C PRO B 35 24.08 9.45 -34.17
N ARG B 36 24.70 10.19 -35.09
CA ARG B 36 26.02 10.78 -34.88
C ARG B 36 26.20 11.62 -33.61
N ILE B 37 25.11 12.25 -33.16
CA ILE B 37 25.14 13.07 -31.96
C ILE B 37 24.48 12.33 -30.79
N SER B 38 24.26 11.03 -30.96
CA SER B 38 23.63 10.23 -29.93
C SER B 38 24.63 9.85 -28.84
N VAL B 39 24.29 10.15 -27.59
CA VAL B 39 25.14 9.82 -26.45
C VAL B 39 25.42 8.32 -26.41
N ASN B 40 26.70 7.97 -26.30
CA ASN B 40 27.10 6.57 -26.23
C ASN B 40 26.56 5.70 -27.38
N ASN B 41 26.61 6.23 -28.60
CA ASN B 41 26.19 5.47 -29.78
C ASN B 41 24.85 4.74 -29.71
N VAL B 42 23.98 5.14 -28.79
CA VAL B 42 22.69 4.49 -28.64
C VAL B 42 21.72 4.81 -29.78
N LEU B 43 21.40 3.80 -30.60
CA LEU B 43 20.47 3.97 -31.74
C LEU B 43 19.15 4.63 -31.31
N PRO B 44 18.90 5.86 -31.82
CA PRO B 44 17.71 6.64 -31.52
C PRO B 44 16.43 5.90 -31.81
N VAL B 45 15.34 6.32 -31.14
CA VAL B 45 14.04 5.70 -31.32
C VAL B 45 13.62 5.64 -32.76
N PHE B 46 13.48 6.80 -33.39
CA PHE B 46 13.04 6.85 -34.77
C PHE B 46 13.84 5.97 -35.73
N ASP B 47 15.14 5.84 -35.48
CA ASP B 47 16.00 5.01 -36.32
C ASP B 47 15.58 3.56 -36.25
N ASN B 48 15.43 3.09 -35.01
CA ASN B 48 15.01 1.74 -34.70
C ASN B 48 13.65 1.54 -35.35
N LEU B 49 12.81 2.55 -35.18
CA LEU B 49 11.46 2.60 -35.72
C LEU B 49 11.53 2.55 -37.24
N MET B 50 12.65 3.02 -37.79
CA MET B 50 12.86 2.98 -39.23
C MET B 50 13.26 1.57 -39.60
N GLN B 51 14.27 1.03 -38.90
CA GLN B 51 14.77 -0.33 -39.16
C GLN B 51 13.66 -1.37 -39.07
N GLN B 52 12.81 -1.23 -38.07
CA GLN B 52 11.70 -2.16 -37.87
C GLN B 52 10.55 -1.90 -38.84
N LYS B 53 10.75 -0.92 -39.70
CA LYS B 53 9.79 -0.57 -40.75
C LYS B 53 8.37 -0.40 -40.23
N LEU B 54 8.25 0.39 -39.18
CA LEU B 54 6.97 0.62 -38.54
C LEU B 54 6.08 1.72 -39.14
N VAL B 55 6.64 2.53 -40.04
CA VAL B 55 5.84 3.58 -40.67
C VAL B 55 6.00 3.59 -42.19
N ASP B 56 4.96 4.02 -42.86
CA ASP B 56 4.94 4.10 -44.33
C ASP B 56 6.14 4.89 -44.88
N GLN B 57 6.36 6.12 -44.40
CA GLN B 57 7.48 6.93 -44.85
C GLN B 57 8.26 7.43 -43.63
N ASN B 58 9.57 7.28 -43.68
CA ASN B 58 10.47 7.72 -42.63
C ASN B 58 10.52 9.23 -42.56
N ILE B 59 9.48 9.81 -41.97
CA ILE B 59 9.40 11.25 -41.79
C ILE B 59 8.46 11.50 -40.60
N PHE B 60 8.40 12.74 -40.12
CA PHE B 60 7.50 13.11 -39.04
C PHE B 60 7.28 14.61 -39.09
N SER B 61 6.26 15.10 -38.43
CA SER B 61 5.96 16.52 -38.47
C SER B 61 5.45 17.11 -37.17
N PHE B 62 5.63 18.42 -37.01
CA PHE B 62 5.19 19.11 -35.81
C PHE B 62 4.30 20.26 -36.21
N TYR B 63 3.12 20.30 -35.63
CA TYR B 63 2.16 21.34 -35.91
C TYR B 63 1.94 21.97 -34.57
N LEU B 64 2.25 23.26 -34.46
CA LEU B 64 2.02 23.93 -33.20
C LEU B 64 0.61 24.46 -33.31
N SER B 65 -0.33 23.60 -32.91
CA SER B 65 -1.76 23.87 -32.96
C SER B 65 -2.16 25.15 -32.24
N ARG B 66 -1.12 25.87 -31.77
CA ARG B 66 -1.21 27.12 -31.06
C ARG B 66 -2.18 28.07 -31.75
N ASP B 67 -3.45 27.74 -31.63
CA ASP B 67 -4.49 28.55 -32.21
C ASP B 67 -5.45 28.88 -31.07
N PRO B 68 -6.28 27.91 -30.61
CA PRO B 68 -7.16 28.34 -29.52
C PRO B 68 -6.84 27.78 -28.14
N ASP B 69 -7.30 26.57 -27.89
CA ASP B 69 -7.11 25.87 -26.62
C ASP B 69 -6.92 24.40 -26.97
N ALA B 70 -6.15 24.15 -28.03
CA ALA B 70 -5.89 22.79 -28.49
C ALA B 70 -4.99 22.08 -27.49
N GLN B 71 -4.54 20.88 -27.85
CA GLN B 71 -3.65 20.14 -26.98
C GLN B 71 -2.30 20.85 -26.89
N PRO B 72 -1.87 21.20 -25.66
CA PRO B 72 -0.58 21.87 -25.51
C PRO B 72 0.50 20.85 -25.88
N GLY B 73 1.64 21.30 -26.38
CA GLY B 73 2.69 20.37 -26.75
C GLY B 73 2.73 20.07 -28.22
N GLY B 74 1.93 20.81 -28.97
CA GLY B 74 1.87 20.63 -30.40
C GLY B 74 1.34 19.27 -30.79
N GLU B 75 1.46 18.96 -32.08
CA GLU B 75 1.01 17.70 -32.64
C GLU B 75 2.09 17.11 -33.54
N LEU B 76 2.67 16.01 -33.09
CA LEU B 76 3.70 15.29 -33.84
C LEU B 76 3.05 14.15 -34.63
N MET B 77 3.46 13.98 -35.88
CA MET B 77 2.93 12.90 -36.71
C MET B 77 4.10 12.08 -37.24
N LEU B 78 4.17 10.81 -36.88
CA LEU B 78 5.26 9.96 -37.36
C LEU B 78 4.76 9.12 -38.52
N GLY B 79 5.44 9.23 -39.66
CA GLY B 79 5.04 8.46 -40.81
C GLY B 79 4.80 9.31 -42.03
N GLY B 80 4.14 10.45 -41.88
CA GLY B 80 3.88 11.30 -43.03
C GLY B 80 3.47 12.74 -42.73
N THR B 81 3.16 13.50 -43.79
CA THR B 81 2.72 14.87 -43.62
C THR B 81 1.20 14.84 -43.75
N ASP B 82 0.54 15.89 -43.31
CA ASP B 82 -0.89 15.90 -43.46
C ASP B 82 -1.33 17.26 -43.91
N SER B 83 -1.99 17.26 -45.07
CA SER B 83 -2.50 18.46 -45.70
C SER B 83 -3.06 19.44 -44.69
N LYS B 84 -3.95 18.96 -43.83
CA LYS B 84 -4.61 19.82 -42.84
C LYS B 84 -3.71 20.72 -42.02
N TYR B 85 -2.45 20.36 -41.89
CA TYR B 85 -1.54 21.13 -41.09
C TYR B 85 -0.97 22.37 -41.77
N TYR B 86 -1.15 22.49 -43.08
CA TYR B 86 -0.58 23.62 -43.78
C TYR B 86 -1.42 24.27 -44.85
N LYS B 87 -0.93 25.39 -45.35
CA LYS B 87 -1.58 26.13 -46.41
C LYS B 87 -0.59 26.08 -47.57
N GLY B 88 -1.08 25.79 -48.76
CA GLY B 88 -0.18 25.72 -49.90
C GLY B 88 0.64 24.45 -50.02
N SER B 89 1.93 24.60 -50.16
CA SER B 89 2.81 23.45 -50.29
C SER B 89 4.03 23.57 -49.40
N LEU B 90 4.77 22.47 -49.26
CA LEU B 90 5.98 22.44 -48.47
C LEU B 90 7.15 22.65 -49.42
N SER B 91 8.21 23.26 -48.92
CA SER B 91 9.43 23.51 -49.68
C SER B 91 10.53 22.87 -48.86
N TYR B 92 11.38 22.09 -49.48
CA TYR B 92 12.40 21.39 -48.73
C TYR B 92 13.78 21.92 -48.88
N LEU B 93 14.63 21.58 -47.92
CA LEU B 93 16.03 21.96 -47.92
C LEU B 93 16.80 20.68 -47.62
N ASN B 94 17.87 20.41 -48.36
CA ASN B 94 18.67 19.21 -48.09
C ASN B 94 19.47 19.35 -46.79
N VAL B 95 19.53 18.30 -45.98
CA VAL B 95 20.28 18.33 -44.73
C VAL B 95 21.77 18.37 -45.06
N THR B 96 22.46 19.38 -44.58
CA THR B 96 23.86 19.55 -44.86
C THR B 96 24.87 18.69 -44.12
N ARG B 97 24.65 18.47 -42.82
CA ARG B 97 25.52 17.62 -42.00
C ARG B 97 24.64 16.70 -41.16
N LYS B 98 24.63 15.42 -41.52
CA LYS B 98 23.82 14.40 -40.81
C LYS B 98 24.22 14.13 -39.34
N ALA B 99 23.96 15.10 -38.48
CA ALA B 99 24.25 15.02 -37.05
C ALA B 99 23.02 15.69 -36.46
N TYR B 100 22.94 17.02 -36.60
CA TYR B 100 21.76 17.76 -36.14
C TYR B 100 20.92 17.81 -37.39
N TRP B 101 19.74 18.39 -37.32
CA TRP B 101 18.92 18.53 -38.52
C TRP B 101 19.37 19.88 -39.05
N GLN B 102 20.60 19.90 -39.56
CA GLN B 102 21.26 21.09 -40.08
C GLN B 102 21.02 21.33 -41.56
N VAL B 103 20.85 22.59 -41.94
CA VAL B 103 20.63 22.95 -43.34
C VAL B 103 21.31 24.28 -43.65
N HIS B 104 21.09 24.81 -44.85
CA HIS B 104 21.73 26.04 -45.24
C HIS B 104 20.83 27.28 -45.28
N LEU B 105 21.25 28.26 -44.51
CA LEU B 105 20.56 29.54 -44.39
C LEU B 105 21.19 30.42 -45.45
N ASP B 106 20.35 31.14 -46.19
CA ASP B 106 20.81 32.04 -47.24
C ASP B 106 21.17 33.40 -46.67
N GLN B 107 20.25 33.99 -45.92
CA GLN B 107 20.48 35.28 -45.29
C GLN B 107 19.29 35.69 -44.45
N VAL B 108 19.57 36.44 -43.40
CA VAL B 108 18.54 36.94 -42.51
C VAL B 108 18.47 38.43 -42.83
N GLU B 109 17.26 38.94 -43.09
CA GLU B 109 17.10 40.36 -43.38
C GLU B 109 16.12 40.98 -42.40
N VAL B 110 16.52 42.13 -41.83
CA VAL B 110 15.70 42.86 -40.87
C VAL B 110 15.06 44.05 -41.58
N ALA B 111 13.75 44.19 -41.47
CA ALA B 111 12.98 45.27 -42.09
C ALA B 111 13.73 46.59 -42.25
N SER B 112 14.30 47.09 -41.16
CA SER B 112 15.06 48.33 -41.11
C SER B 112 15.98 48.53 -42.32
N GLY B 113 16.89 47.59 -42.52
CA GLY B 113 17.81 47.67 -43.62
C GLY B 113 19.10 46.91 -43.34
N LEU B 114 19.02 46.06 -42.31
CA LEU B 114 20.13 45.25 -41.86
C LEU B 114 20.05 43.87 -42.45
N THR B 115 21.20 43.27 -42.75
CA THR B 115 21.22 41.92 -43.29
C THR B 115 22.31 41.10 -42.59
N LEU B 116 21.94 39.94 -42.07
CA LEU B 116 22.85 39.04 -41.35
C LEU B 116 22.96 37.72 -42.11
N CYS B 117 24.05 36.97 -41.87
CA CYS B 117 24.30 35.71 -42.57
C CYS B 117 24.25 36.14 -44.03
N LYS B 118 24.92 37.26 -44.29
CA LYS B 118 24.98 37.89 -45.60
C LYS B 118 25.43 37.01 -46.76
N GLU B 119 26.41 36.16 -46.53
CA GLU B 119 26.86 35.27 -47.59
C GLU B 119 26.42 33.83 -47.34
N GLY B 120 25.31 33.70 -46.62
CA GLY B 120 24.77 32.39 -46.30
C GLY B 120 25.48 31.78 -45.11
N CYS B 121 24.85 30.78 -44.49
CA CYS B 121 25.45 30.13 -43.35
C CYS B 121 24.78 28.78 -43.02
N GLU B 122 25.10 28.24 -41.85
CA GLU B 122 24.54 26.97 -41.41
C GLU B 122 23.50 27.19 -40.32
N ALA B 123 22.41 26.43 -40.39
CA ALA B 123 21.32 26.55 -39.43
C ALA B 123 20.73 25.19 -39.09
N ILE B 124 20.47 24.91 -37.80
CA ILE B 124 19.85 23.62 -37.45
C ILE B 124 18.45 23.83 -36.91
N VAL B 125 17.52 23.01 -37.39
CA VAL B 125 16.14 23.11 -36.95
C VAL B 125 16.07 22.37 -35.61
N ASP B 126 15.68 23.11 -34.58
CA ASP B 126 15.66 22.58 -33.23
C ASP B 126 14.35 22.82 -32.44
N THR B 127 13.49 21.80 -32.40
CA THR B 127 12.23 21.89 -31.67
C THR B 127 12.43 21.94 -30.16
N GLY B 128 13.65 21.67 -29.70
CA GLY B 128 13.94 21.69 -28.28
C GLY B 128 14.41 23.02 -27.71
N THR B 129 14.91 23.91 -28.58
CA THR B 129 15.37 25.24 -28.16
C THR B 129 14.26 26.19 -28.51
N SER B 130 14.13 27.24 -27.71
CA SER B 130 13.11 28.23 -27.99
C SER B 130 13.75 29.41 -28.74
N LEU B 131 14.74 30.04 -28.10
CA LEU B 131 15.43 31.18 -28.69
C LEU B 131 15.94 30.89 -30.08
N MET B 132 16.14 31.95 -30.86
CA MET B 132 16.73 31.84 -32.19
C MET B 132 18.16 32.20 -31.79
N VAL B 133 19.11 31.32 -32.07
CA VAL B 133 20.50 31.61 -31.71
C VAL B 133 21.33 31.93 -32.94
N GLY B 134 22.30 32.80 -32.76
CA GLY B 134 23.16 33.16 -33.87
C GLY B 134 24.47 33.69 -33.36
N PRO B 135 25.47 33.85 -34.25
CA PRO B 135 26.80 34.37 -33.89
C PRO B 135 26.63 35.69 -33.16
N VAL B 136 27.25 35.81 -32.00
CA VAL B 136 27.09 37.01 -31.21
C VAL B 136 27.46 38.31 -31.90
N ASP B 137 28.56 38.34 -32.64
CA ASP B 137 28.92 39.58 -33.28
C ASP B 137 27.92 39.93 -34.35
N GLU B 138 27.27 38.90 -34.86
CA GLU B 138 26.28 39.05 -35.91
C GLU B 138 24.91 39.41 -35.34
N VAL B 139 24.54 38.74 -34.27
CA VAL B 139 23.24 38.98 -33.68
C VAL B 139 23.27 40.22 -32.82
N ARG B 140 24.46 40.66 -32.42
CA ARG B 140 24.55 41.85 -31.58
C ARG B 140 23.95 42.99 -32.36
N GLU B 141 24.17 42.98 -33.68
CA GLU B 141 23.66 44.00 -34.59
C GLU B 141 22.15 43.94 -34.73
N LEU B 142 21.61 42.73 -34.75
CA LEU B 142 20.16 42.52 -34.87
C LEU B 142 19.52 43.07 -33.60
N GLN B 143 20.08 42.68 -32.46
CA GLN B 143 19.57 43.13 -31.18
C GLN B 143 19.49 44.64 -31.21
N LYS B 144 20.43 45.27 -31.93
CA LYS B 144 20.49 46.70 -32.06
C LYS B 144 19.37 47.24 -32.95
N ALA B 145 19.31 46.76 -34.19
CA ALA B 145 18.30 47.19 -35.13
C ALA B 145 16.87 47.12 -34.58
N ILE B 146 16.54 46.02 -33.91
CA ILE B 146 15.19 45.88 -33.34
C ILE B 146 15.03 46.73 -32.09
N GLY B 147 16.08 47.46 -31.74
CA GLY B 147 16.07 48.33 -30.59
C GLY B 147 15.94 47.63 -29.25
N ALA B 148 16.56 46.46 -29.12
CA ALA B 148 16.52 45.73 -27.86
C ALA B 148 17.55 46.38 -26.92
N VAL B 149 17.34 46.25 -25.63
CA VAL B 149 18.23 46.86 -24.64
C VAL B 149 19.02 45.82 -23.87
N PRO B 150 20.34 45.77 -24.10
CA PRO B 150 21.21 44.82 -23.41
C PRO B 150 21.32 45.12 -21.95
N LEU B 151 21.01 44.14 -21.11
CA LEU B 151 21.16 44.36 -19.69
C LEU B 151 22.44 43.64 -19.30
N ILE B 152 22.88 43.83 -18.06
CA ILE B 152 24.06 43.12 -17.58
C ILE B 152 23.50 41.70 -17.42
N GLN B 153 24.35 40.68 -17.44
CA GLN B 153 23.90 39.28 -17.35
C GLN B 153 23.41 38.70 -18.70
N GLY B 154 22.87 39.52 -19.60
CA GLY B 154 22.47 38.97 -20.90
C GLY B 154 21.16 39.26 -21.63
N GLU B 155 20.08 39.49 -20.89
CA GLU B 155 18.81 39.76 -21.54
C GLU B 155 18.75 41.11 -22.24
N TYR B 156 18.27 41.07 -23.47
CA TYR B 156 18.08 42.24 -24.28
C TYR B 156 16.60 42.54 -24.21
N MET B 157 16.24 43.44 -23.30
CA MET B 157 14.84 43.80 -23.07
C MET B 157 14.23 44.68 -24.15
N ILE B 158 12.90 44.61 -24.27
CA ILE B 158 12.14 45.39 -25.23
C ILE B 158 10.89 45.86 -24.48
N PRO B 159 10.63 47.17 -24.45
CA PRO B 159 9.45 47.73 -23.77
C PRO B 159 8.19 47.03 -24.27
N CYS B 160 7.47 46.38 -23.37
CA CYS B 160 6.25 45.65 -23.73
C CYS B 160 5.30 46.37 -24.66
N GLU B 161 5.19 47.69 -24.50
CA GLU B 161 4.32 48.52 -25.32
C GLU B 161 4.87 48.70 -26.75
N LYS B 162 6.18 48.90 -26.85
CA LYS B 162 6.82 49.09 -28.14
C LYS B 162 6.88 47.86 -29.06
N VAL B 163 6.58 46.67 -28.54
CA VAL B 163 6.64 45.45 -29.35
C VAL B 163 5.98 45.53 -30.72
N SER B 164 4.70 45.88 -30.77
CA SER B 164 3.97 45.98 -32.03
C SER B 164 4.68 46.73 -33.16
N THR B 165 5.54 47.68 -32.80
CA THR B 165 6.25 48.47 -33.80
C THR B 165 7.61 47.97 -34.23
N LEU B 166 8.08 46.88 -33.63
CA LEU B 166 9.39 46.33 -34.00
C LEU B 166 9.41 45.76 -35.41
N PRO B 167 10.57 45.88 -36.09
CA PRO B 167 10.74 45.39 -37.47
C PRO B 167 10.63 43.87 -37.60
N ALA B 168 9.91 43.44 -38.62
CA ALA B 168 9.76 42.02 -38.87
C ALA B 168 11.13 41.54 -39.34
N ILE B 169 11.52 40.33 -38.98
CA ILE B 169 12.80 39.79 -39.42
C ILE B 169 12.40 38.65 -40.34
N THR B 170 13.14 38.53 -41.44
CA THR B 170 12.88 37.51 -42.45
C THR B 170 14.12 36.66 -42.75
N LEU B 171 14.00 35.35 -42.57
CA LEU B 171 15.10 34.43 -42.85
C LEU B 171 14.86 33.92 -44.26
N LYS B 172 15.93 33.81 -45.05
CA LYS B 172 15.84 33.33 -46.41
C LYS B 172 16.33 31.90 -46.44
N LEU B 173 15.40 30.97 -46.67
CA LEU B 173 15.70 29.56 -46.70
C LEU B 173 15.35 28.97 -48.07
N GLY B 174 16.31 28.26 -48.65
CA GLY B 174 16.12 27.65 -49.95
C GLY B 174 15.65 28.63 -51.02
N GLY B 175 16.11 29.88 -50.90
CA GLY B 175 15.72 30.90 -51.84
C GLY B 175 14.39 31.51 -51.46
N LYS B 176 13.63 30.85 -50.59
CA LYS B 176 12.34 31.34 -50.14
C LYS B 176 12.60 32.15 -48.88
N GLY B 177 11.72 33.11 -48.58
CA GLY B 177 11.91 33.93 -47.41
C GLY B 177 10.79 33.80 -46.41
N TYR B 178 11.10 33.30 -45.22
CA TYR B 178 10.12 33.12 -44.16
C TYR B 178 10.16 34.32 -43.21
N LYS B 179 8.98 34.84 -42.91
CA LYS B 179 8.78 36.02 -42.06
C LYS B 179 8.62 35.72 -40.57
N LEU B 180 9.00 36.71 -39.76
CA LEU B 180 8.90 36.66 -38.31
C LEU B 180 8.52 38.07 -37.87
N SER B 181 7.43 38.20 -37.13
CA SER B 181 6.97 39.50 -36.67
C SER B 181 7.41 39.64 -35.22
N PRO B 182 7.49 40.87 -34.68
CA PRO B 182 7.90 41.02 -33.29
C PRO B 182 7.05 40.18 -32.36
N GLU B 183 5.75 40.17 -32.61
CA GLU B 183 4.83 39.39 -31.78
C GLU B 183 5.32 37.95 -31.74
N ASP B 184 5.93 37.51 -32.83
CA ASP B 184 6.45 36.15 -32.93
C ASP B 184 7.86 35.94 -32.40
N TYR B 185 8.74 36.93 -32.52
CA TYR B 185 10.11 36.75 -32.08
C TYR B 185 10.45 37.42 -30.74
N THR B 186 9.44 38.04 -30.15
CA THR B 186 9.61 38.71 -28.87
C THR B 186 9.02 37.88 -27.74
N LEU B 187 9.88 37.16 -27.03
CA LEU B 187 9.44 36.35 -25.90
C LEU B 187 8.97 37.24 -24.73
N LYS B 188 7.82 36.91 -24.16
CA LYS B 188 7.27 37.64 -23.03
C LYS B 188 7.19 36.77 -21.79
N VAL B 189 7.22 37.39 -20.62
CA VAL B 189 7.15 36.69 -19.35
C VAL B 189 6.14 37.46 -18.51
N SER B 190 5.60 36.82 -17.48
CA SER B 190 4.62 37.45 -16.60
C SER B 190 4.89 36.89 -15.21
N GLN B 191 5.04 37.78 -14.23
CA GLN B 191 5.33 37.38 -12.87
C GLN B 191 4.61 38.30 -11.92
N ALA B 192 3.98 37.69 -10.91
CA ALA B 192 3.19 38.38 -9.86
C ALA B 192 2.28 39.49 -10.36
N GLY B 193 1.77 39.32 -11.58
CA GLY B 193 0.89 40.32 -12.16
C GLY B 193 1.57 41.37 -13.03
N LYS B 194 2.77 41.08 -13.51
CA LYS B 194 3.52 41.99 -14.37
C LYS B 194 4.16 41.20 -15.50
N THR B 195 4.12 41.75 -16.71
CA THR B 195 4.72 41.09 -17.86
C THR B 195 6.04 41.76 -18.17
N LEU B 196 6.97 41.01 -18.76
CA LEU B 196 8.29 41.51 -19.15
C LEU B 196 8.49 41.10 -20.59
N CYS B 197 8.75 42.06 -21.48
CA CYS B 197 9.00 41.74 -22.87
C CYS B 197 10.46 41.79 -23.13
N LEU B 198 10.99 40.77 -23.81
CA LEU B 198 12.40 40.71 -24.13
C LEU B 198 12.65 40.00 -25.46
N SER B 199 13.83 40.23 -26.04
CA SER B 199 14.16 39.64 -27.32
C SER B 199 14.20 38.11 -27.32
N GLY B 200 13.83 37.53 -28.46
CA GLY B 200 13.84 36.09 -28.61
C GLY B 200 15.10 35.62 -29.31
N PHE B 201 16.04 36.53 -29.57
CA PHE B 201 17.29 36.14 -30.21
C PHE B 201 18.37 35.89 -29.17
N MET B 202 19.30 35.00 -29.50
CA MET B 202 20.35 34.65 -28.59
C MET B 202 21.69 34.84 -29.24
N GLY B 203 22.55 35.62 -28.60
CA GLY B 203 23.88 35.82 -29.14
C GLY B 203 24.73 34.78 -28.45
N MET B 204 25.07 33.70 -29.14
CA MET B 204 25.87 32.65 -28.52
C MET B 204 26.69 31.98 -29.57
N ASP B 205 28.00 31.88 -29.33
CA ASP B 205 28.90 31.24 -30.29
C ASP B 205 29.11 29.73 -30.05
N ILE B 206 28.73 28.96 -31.07
CA ILE B 206 28.84 27.50 -31.10
C ILE B 206 30.24 27.15 -31.56
N PRO B 207 31.08 26.66 -30.63
CA PRO B 207 32.45 26.30 -30.97
C PRO B 207 32.48 25.22 -32.02
N PRO B 208 33.27 25.43 -33.08
CA PRO B 208 33.41 24.47 -34.18
C PRO B 208 33.98 23.14 -33.70
N PRO B 209 34.06 22.13 -34.59
CA PRO B 209 33.67 22.06 -36.00
C PRO B 209 32.17 21.93 -36.30
N SER B 210 31.33 21.86 -35.27
CA SER B 210 29.89 21.81 -35.49
C SER B 210 29.50 23.27 -35.72
N GLY B 211 30.00 24.13 -34.85
CA GLY B 211 29.72 25.55 -35.00
C GLY B 211 30.73 26.10 -35.98
N PRO B 212 30.53 27.33 -36.50
CA PRO B 212 29.44 28.28 -36.27
C PRO B 212 28.09 27.78 -36.78
N LEU B 213 27.05 27.93 -35.96
CA LEU B 213 25.69 27.51 -36.31
C LEU B 213 24.64 28.48 -35.77
N TRP B 214 23.56 28.63 -36.52
CA TRP B 214 22.42 29.45 -36.13
C TRP B 214 21.43 28.38 -35.71
N ILE B 215 20.89 28.46 -34.50
CA ILE B 215 19.92 27.44 -34.06
C ILE B 215 18.52 28.02 -34.22
N LEU B 216 17.71 27.39 -35.08
CA LEU B 216 16.33 27.85 -35.34
C LEU B 216 15.36 27.17 -34.33
N GLY B 217 15.03 27.88 -33.26
CA GLY B 217 14.14 27.37 -32.23
C GLY B 217 12.66 27.50 -32.52
N ASP B 218 11.83 27.30 -31.50
CA ASP B 218 10.39 27.34 -31.69
C ASP B 218 9.80 28.71 -32.01
N VAL B 219 10.59 29.76 -31.83
CA VAL B 219 10.13 31.10 -32.18
C VAL B 219 9.88 31.10 -33.70
N PHE B 220 10.64 30.28 -34.40
CA PHE B 220 10.52 30.13 -35.84
C PHE B 220 9.60 28.97 -36.17
N ILE B 221 9.89 27.80 -35.61
CA ILE B 221 9.08 26.59 -35.87
C ILE B 221 7.59 26.70 -35.50
N GLY B 222 7.27 27.36 -34.40
CA GLY B 222 5.87 27.50 -34.04
C GLY B 222 5.10 28.18 -35.17
N ARG B 223 5.82 28.91 -36.00
CA ARG B 223 5.19 29.63 -37.10
C ARG B 223 4.96 28.80 -38.36
N TYR B 224 5.87 27.87 -38.67
CA TYR B 224 5.75 27.06 -39.88
C TYR B 224 5.66 25.56 -39.66
N TYR B 225 4.72 24.92 -40.36
CA TYR B 225 4.55 23.48 -40.28
C TYR B 225 5.91 22.91 -40.71
N THR B 226 6.55 22.16 -39.84
CA THR B 226 7.85 21.61 -40.16
C THR B 226 7.87 20.07 -40.29
N VAL B 227 8.43 19.61 -41.39
CA VAL B 227 8.55 18.20 -41.69
C VAL B 227 10.02 17.76 -41.71
N PHE B 228 10.36 16.73 -40.94
CA PHE B 228 11.72 16.23 -40.90
C PHE B 228 11.70 14.92 -41.64
N ASP B 229 12.45 14.84 -42.72
CA ASP B 229 12.47 13.64 -43.55
C ASP B 229 13.80 12.91 -43.55
N ARG B 230 13.75 11.67 -43.07
CA ARG B 230 14.91 10.79 -42.97
C ARG B 230 15.19 9.97 -44.23
N ASP B 231 14.12 9.67 -44.98
CA ASP B 231 14.25 8.91 -46.22
C ASP B 231 15.09 9.69 -47.20
N ASN B 232 14.77 10.97 -47.36
CA ASN B 232 15.47 11.82 -48.29
C ASN B 232 16.45 12.78 -47.69
N ASN B 233 16.49 12.91 -46.36
CA ASN B 233 17.42 13.83 -45.72
C ASN B 233 17.15 15.28 -46.09
N ARG B 234 15.97 15.76 -45.73
CA ARG B 234 15.61 17.13 -46.03
C ARG B 234 14.67 17.59 -44.94
N VAL B 235 14.35 18.88 -44.94
CA VAL B 235 13.47 19.49 -43.95
C VAL B 235 12.57 20.40 -44.76
N GLY B 236 11.25 20.25 -44.61
CA GLY B 236 10.35 21.09 -45.36
C GLY B 236 9.48 22.01 -44.50
N PHE B 237 9.14 23.19 -45.01
CA PHE B 237 8.30 24.11 -44.26
C PHE B 237 7.10 24.53 -45.11
N ALA B 238 5.98 24.73 -44.45
CA ALA B 238 4.77 25.17 -45.11
C ALA B 238 4.05 26.09 -44.12
N GLU B 239 3.30 27.07 -44.61
CA GLU B 239 2.58 27.96 -43.71
C GLU B 239 1.68 27.07 -42.88
N ALA B 240 1.84 27.14 -41.57
CA ALA B 240 1.04 26.34 -40.66
C ALA B 240 -0.40 26.81 -40.80
N ALA B 241 -1.28 25.87 -41.09
CA ALA B 241 -2.70 26.14 -41.28
C ALA B 241 -3.38 26.38 -39.96
N ILE C 3 13.28 37.15 11.58
CA ILE C 3 12.59 36.24 10.62
C ILE C 3 13.44 36.15 9.36
N PRO C 4 14.05 34.98 9.08
CA PRO C 4 14.87 34.91 7.88
C PRO C 4 14.04 35.15 6.62
N GLU C 5 14.61 35.97 5.73
CA GLU C 5 14.00 36.35 4.46
C GLU C 5 13.41 35.20 3.65
N VAL C 6 13.88 33.99 3.91
CA VAL C 6 13.40 32.78 3.24
C VAL C 6 11.87 32.74 3.35
N LEU C 7 11.41 33.09 4.54
CA LEU C 7 10.00 33.08 4.88
C LEU C 7 9.17 34.29 4.40
N LYS C 8 9.83 35.40 4.12
CA LYS C 8 9.15 36.61 3.64
C LYS C 8 8.78 36.37 2.20
N ASN C 9 7.51 36.54 1.85
CA ASN C 9 7.06 36.31 0.47
C ASN C 9 7.83 37.15 -0.55
N TYR C 10 7.28 38.27 -0.98
CA TYR C 10 7.97 39.09 -1.96
C TYR C 10 7.94 38.50 -3.38
N MET C 11 7.48 37.26 -3.53
CA MET C 11 7.37 36.71 -4.86
C MET C 11 5.90 36.79 -5.26
N ASP C 12 5.03 36.82 -4.26
CA ASP C 12 3.60 36.93 -4.45
C ASP C 12 2.91 37.30 -3.13
N ALA C 13 3.21 38.49 -2.62
CA ALA C 13 2.57 38.93 -1.39
C ALA C 13 1.13 39.20 -1.78
N GLN C 14 0.23 39.12 -0.81
CA GLN C 14 -1.17 39.34 -1.10
C GLN C 14 -1.54 40.79 -0.91
N TYR C 15 -0.98 41.39 0.15
CA TYR C 15 -1.28 42.77 0.46
C TYR C 15 -0.17 43.68 -0.01
N TYR C 16 -0.45 44.38 -1.11
CA TYR C 16 0.48 45.33 -1.68
C TYR C 16 -0.34 46.38 -2.39
N GLY C 17 0.12 47.63 -2.35
CA GLY C 17 -0.60 48.71 -2.99
C GLY C 17 0.30 49.81 -3.50
N GLU C 18 -0.28 50.85 -4.09
CA GLU C 18 0.54 51.91 -4.62
C GLU C 18 0.65 53.15 -3.74
N ILE C 19 1.88 53.53 -3.47
CA ILE C 19 2.12 54.71 -2.66
C ILE C 19 2.85 55.66 -3.59
N GLY C 20 3.15 56.85 -3.09
CA GLY C 20 3.87 57.82 -3.90
C GLY C 20 4.91 58.52 -3.07
N ILE C 21 6.09 58.75 -3.64
CA ILE C 21 7.15 59.43 -2.91
C ILE C 21 7.58 60.68 -3.67
N GLY C 22 7.48 61.84 -3.03
CA GLY C 22 7.89 63.07 -3.66
C GLY C 22 6.76 64.02 -4.01
N THR C 23 7.11 65.25 -4.36
CA THR C 23 6.13 66.25 -4.75
C THR C 23 6.57 66.85 -6.08
N PRO C 24 5.83 66.57 -7.18
CA PRO C 24 4.63 65.74 -7.26
C PRO C 24 4.94 64.28 -6.91
N PRO C 25 3.92 63.51 -6.50
CA PRO C 25 4.12 62.11 -6.14
C PRO C 25 4.72 61.28 -7.25
N GLN C 26 5.47 60.29 -6.81
CA GLN C 26 6.11 59.34 -7.69
C GLN C 26 5.61 57.99 -7.15
N CYS C 27 4.71 57.37 -7.90
CA CYS C 27 4.10 56.11 -7.54
C CYS C 27 5.03 54.90 -7.59
N PHE C 28 4.79 53.98 -6.67
CA PHE C 28 5.53 52.75 -6.57
C PHE C 28 4.58 51.72 -6.01
N THR C 29 4.81 50.45 -6.38
CA THR C 29 4.03 49.34 -5.86
C THR C 29 4.87 48.83 -4.69
N VAL C 30 4.24 48.76 -3.53
CA VAL C 30 4.92 48.31 -2.34
C VAL C 30 4.14 47.20 -1.70
N VAL C 31 4.85 46.37 -0.95
CA VAL C 31 4.27 45.26 -0.22
C VAL C 31 3.99 45.86 1.13
N PHE C 32 2.81 45.59 1.70
CA PHE C 32 2.47 46.05 3.04
C PHE C 32 2.90 44.93 3.97
N ASP C 33 4.03 45.12 4.63
CA ASP C 33 4.60 44.10 5.49
C ASP C 33 4.54 44.42 6.96
N THR C 34 3.58 43.83 7.62
CA THR C 34 3.42 44.04 9.04
C THR C 34 4.52 43.24 9.77
N GLY C 35 5.50 42.75 9.03
CA GLY C 35 6.55 41.98 9.67
C GLY C 35 7.88 42.69 9.63
N SER C 36 7.83 43.94 9.24
CA SER C 36 9.01 44.78 9.15
C SER C 36 8.49 46.21 9.32
N SER C 37 9.40 47.17 9.49
CA SER C 37 8.96 48.55 9.73
C SER C 37 9.67 49.61 8.87
N ASN C 38 10.47 49.19 7.91
CA ASN C 38 11.19 50.12 7.08
C ASN C 38 10.63 50.20 5.68
N LEU C 39 10.78 51.37 5.07
CA LEU C 39 10.32 51.62 3.71
C LEU C 39 11.51 51.90 2.82
N TRP C 40 11.55 51.21 1.68
CA TRP C 40 12.61 51.39 0.69
C TRP C 40 11.98 51.15 -0.67
N VAL C 41 12.50 51.85 -1.67
CA VAL C 41 12.05 51.72 -3.05
C VAL C 41 13.35 51.80 -3.85
N PRO C 42 13.33 51.38 -5.12
CA PRO C 42 14.52 51.40 -6.00
C PRO C 42 14.97 52.81 -6.33
N SER C 43 16.27 53.04 -6.23
CA SER C 43 16.82 54.34 -6.53
C SER C 43 16.99 54.35 -8.03
N ILE C 44 17.14 55.54 -8.60
CA ILE C 44 17.34 55.69 -10.03
C ILE C 44 18.81 55.42 -10.33
N HIS C 45 19.63 55.52 -9.28
CA HIS C 45 21.07 55.28 -9.36
C HIS C 45 21.43 53.82 -9.18
N CYS C 46 20.91 52.96 -10.06
CA CYS C 46 21.20 51.54 -9.99
C CYS C 46 22.71 51.37 -10.12
N LYS C 47 23.31 50.49 -9.33
CA LYS C 47 24.75 50.27 -9.47
C LYS C 47 24.94 49.57 -10.81
N LEU C 48 24.15 48.52 -11.03
CA LEU C 48 24.23 47.75 -12.26
C LEU C 48 22.87 47.77 -12.91
N LEU C 49 22.83 47.86 -14.24
CA LEU C 49 21.56 47.84 -14.93
C LEU C 49 21.21 46.40 -15.22
N ASP C 50 20.48 45.79 -14.30
CA ASP C 50 20.01 44.43 -14.44
C ASP C 50 18.49 44.47 -14.53
N ILE C 51 17.85 43.31 -14.54
CA ILE C 51 16.39 43.18 -14.63
C ILE C 51 15.61 44.04 -13.65
N ALA C 52 15.80 43.80 -12.35
CA ALA C 52 15.11 44.57 -11.31
C ALA C 52 15.29 46.09 -11.46
N CYS C 53 16.37 46.54 -12.11
CA CYS C 53 16.61 47.98 -12.32
C CYS C 53 15.90 48.45 -13.58
N TRP C 54 15.55 47.51 -14.45
CA TRP C 54 14.84 47.82 -15.69
C TRP C 54 13.32 47.84 -15.55
N ILE C 55 12.75 46.92 -14.77
CA ILE C 55 11.29 46.87 -14.59
C ILE C 55 10.73 47.59 -13.36
N HIS C 56 11.60 47.87 -12.40
CA HIS C 56 11.13 48.53 -11.19
C HIS C 56 11.09 50.04 -11.31
N HIS C 57 10.05 50.63 -10.72
CA HIS C 57 9.88 52.06 -10.70
C HIS C 57 10.95 52.53 -9.73
N LYS C 58 11.78 53.47 -10.17
CA LYS C 58 12.85 53.98 -9.32
C LYS C 58 12.57 55.44 -8.98
N TYR C 59 12.88 55.84 -7.75
CA TYR C 59 12.67 57.22 -7.32
C TYR C 59 13.79 58.17 -7.77
N ASN C 60 13.39 59.32 -8.31
CA ASN C 60 14.35 60.32 -8.77
C ASN C 60 14.22 61.55 -7.88
N SER C 61 15.19 61.77 -7.00
CA SER C 61 15.14 62.92 -6.09
C SER C 61 15.15 64.27 -6.80
N ASP C 62 15.85 64.36 -7.92
CA ASP C 62 15.94 65.59 -8.67
C ASP C 62 14.60 66.13 -9.07
N LYS C 63 13.64 65.24 -9.26
CA LYS C 63 12.34 65.68 -9.69
C LYS C 63 11.32 65.85 -8.57
N SER C 64 11.78 65.92 -7.33
CA SER C 64 10.86 66.12 -6.20
C SER C 64 11.22 67.37 -5.41
N SER C 65 10.26 68.30 -5.35
CA SER C 65 10.43 69.55 -4.64
C SER C 65 10.48 69.42 -3.14
N THR C 66 10.09 68.27 -2.61
CA THR C 66 10.08 68.06 -1.16
C THR C 66 11.28 67.27 -0.64
N TYR C 67 12.17 66.85 -1.54
CA TYR C 67 13.33 66.06 -1.13
C TYR C 67 14.27 66.79 -0.22
N VAL C 68 14.84 66.03 0.69
CA VAL C 68 15.78 66.53 1.67
C VAL C 68 16.82 65.43 1.74
N LYS C 69 18.04 65.73 1.33
CA LYS C 69 19.13 64.76 1.35
C LYS C 69 19.34 64.22 2.75
N ASN C 70 20.01 63.07 2.82
CA ASN C 70 20.34 62.43 4.07
C ASN C 70 21.65 61.82 3.65
N GLY C 71 21.57 60.73 2.90
CA GLY C 71 22.78 60.09 2.45
C GLY C 71 23.33 58.98 3.32
N THR C 72 22.79 58.82 4.53
CA THR C 72 23.26 57.75 5.42
C THR C 72 23.06 56.41 4.73
N SER C 73 24.15 55.85 4.23
CA SER C 73 24.14 54.57 3.54
C SER C 73 23.68 53.44 4.47
N PHE C 74 22.97 52.46 3.91
CA PHE C 74 22.50 51.32 4.69
C PHE C 74 22.88 50.05 3.95
N ASP C 75 22.94 48.93 4.67
CA ASP C 75 23.27 47.64 4.07
C ASP C 75 22.77 46.50 4.91
N ILE C 76 22.09 45.58 4.25
CA ILE C 76 21.53 44.41 4.92
C ILE C 76 21.78 43.16 4.07
N HIS C 77 22.38 42.12 4.65
CA HIS C 77 22.64 40.89 3.90
C HIS C 77 21.46 39.92 4.03
N TYR C 78 20.66 39.87 2.98
CA TYR C 78 19.49 39.00 2.90
C TYR C 78 19.87 37.53 2.72
N GLY C 79 21.15 37.22 2.90
CA GLY C 79 21.65 35.87 2.74
C GLY C 79 21.81 35.62 1.25
N SER C 80 20.66 35.52 0.58
CA SER C 80 20.57 35.32 -0.85
C SER C 80 21.19 36.53 -1.52
N GLY C 81 21.01 37.69 -0.89
CA GLY C 81 21.56 38.90 -1.43
C GLY C 81 21.84 39.95 -0.36
N SER C 82 21.99 41.18 -0.83
CA SER C 82 22.24 42.32 0.04
C SER C 82 21.40 43.46 -0.51
N LEU C 83 20.71 44.15 0.40
CA LEU C 83 19.90 45.29 0.06
C LEU C 83 20.66 46.50 0.59
N SER C 84 20.95 47.44 -0.30
CA SER C 84 21.69 48.65 0.04
C SER C 84 21.27 49.87 -0.80
N GLY C 85 21.68 51.04 -0.33
CA GLY C 85 21.37 52.30 -0.99
C GLY C 85 21.67 53.36 0.04
N TYR C 86 20.76 54.31 0.22
CA TYR C 86 20.95 55.37 1.20
C TYR C 86 19.64 56.06 1.54
N LEU C 87 19.53 56.56 2.78
CA LEU C 87 18.33 57.22 3.22
C LEU C 87 18.08 58.56 2.49
N SER C 88 16.82 58.94 2.37
CA SER C 88 16.41 60.18 1.72
C SER C 88 15.14 60.60 2.43
N GLN C 89 14.87 61.88 2.46
CA GLN C 89 13.65 62.31 3.11
C GLN C 89 12.73 62.96 2.11
N ASP C 90 11.47 62.60 2.16
CA ASP C 90 10.49 63.15 1.26
C ASP C 90 9.12 62.98 1.89
N THR C 91 8.08 63.10 1.08
CA THR C 91 6.67 63.01 1.50
C THR C 91 5.95 61.81 0.89
N VAL C 92 5.63 60.84 1.74
CA VAL C 92 4.95 59.66 1.27
C VAL C 92 3.43 59.85 1.27
N SER C 93 2.83 59.55 0.13
CA SER C 93 1.39 59.68 -0.02
C SER C 93 0.73 58.31 -0.13
N VAL C 94 -0.40 58.15 0.55
CA VAL C 94 -1.20 56.93 0.52
C VAL C 94 -2.67 57.34 0.31
N PRO C 95 -3.23 57.05 -0.87
CA PRO C 95 -2.52 56.38 -1.97
C PRO C 95 -1.75 57.40 -2.78
N CYS C 96 -1.28 56.98 -3.95
CA CYS C 96 -0.51 57.84 -4.83
C CYS C 96 -1.46 58.75 -5.60
N GLN C 97 -2.71 58.31 -5.75
CA GLN C 97 -3.73 59.06 -6.47
C GLN C 97 -4.85 59.56 -5.53
N GLY D 1 -6.74 60.94 -3.52
CA GLY D 1 -6.69 61.69 -2.23
C GLY D 1 -6.74 60.77 -1.02
N GLY D 2 -5.64 60.74 -0.26
CA GLY D 2 -5.56 59.89 0.93
C GLY D 2 -4.91 60.62 2.11
N VAL D 3 -3.66 60.31 2.39
CA VAL D 3 -2.94 60.95 3.48
C VAL D 3 -1.61 61.44 2.90
N LYS D 4 -0.95 62.36 3.62
CA LYS D 4 0.32 62.89 3.14
C LYS D 4 1.32 62.98 4.27
N VAL D 5 2.04 61.89 4.46
CA VAL D 5 3.05 61.78 5.52
C VAL D 5 4.29 62.57 5.07
N GLU D 6 4.38 63.82 5.47
CA GLU D 6 5.54 64.60 5.07
C GLU D 6 6.67 64.36 6.06
N ARG D 7 7.90 64.60 5.60
CA ARG D 7 9.11 64.45 6.40
C ARG D 7 9.43 62.98 6.69
N GLN D 8 9.02 62.11 5.75
CA GLN D 8 9.20 60.67 5.86
C GLN D 8 10.50 60.14 5.32
N VAL D 9 11.41 59.74 6.21
CA VAL D 9 12.71 59.21 5.77
C VAL D 9 12.51 57.81 5.23
N PHE D 10 13.29 57.44 4.23
CA PHE D 10 13.22 56.14 3.62
C PHE D 10 14.54 55.86 2.90
N GLY D 11 14.66 54.69 2.30
CA GLY D 11 15.89 54.38 1.60
C GLY D 11 15.55 54.12 0.14
N GLU D 12 16.43 54.60 -0.73
CA GLU D 12 16.30 54.38 -2.15
C GLU D 12 17.49 53.46 -2.34
N ALA D 13 17.23 52.24 -2.80
CA ALA D 13 18.27 51.24 -2.97
C ALA D 13 19.04 51.24 -4.29
N THR D 14 20.36 51.13 -4.19
CA THR D 14 21.27 51.12 -5.32
C THR D 14 21.53 49.67 -5.72
N LYS D 15 21.32 48.77 -4.77
CA LYS D 15 21.51 47.32 -4.93
C LYS D 15 20.45 46.59 -4.13
N GLN D 16 19.71 45.73 -4.80
CA GLN D 16 18.64 44.98 -4.15
C GLN D 16 18.58 43.58 -4.73
N PRO D 17 17.98 42.63 -3.98
CA PRO D 17 17.83 41.23 -4.43
C PRO D 17 16.87 41.21 -5.62
N GLY D 18 17.22 40.41 -6.64
CA GLY D 18 16.45 40.33 -7.86
C GLY D 18 15.13 39.58 -8.01
N ILE D 19 14.66 39.60 -9.25
CA ILE D 19 13.41 39.01 -9.70
C ILE D 19 13.01 37.63 -9.20
N THR D 20 13.92 36.91 -8.55
CA THR D 20 13.61 35.58 -8.04
C THR D 20 13.16 35.64 -6.58
N PHE D 21 13.47 36.74 -5.91
CA PHE D 21 13.07 36.93 -4.52
C PHE D 21 11.97 38.00 -4.49
N ILE D 22 12.12 39.02 -5.32
CA ILE D 22 11.16 40.11 -5.40
C ILE D 22 10.59 40.23 -6.79
N ALA D 23 9.32 39.87 -6.89
CA ALA D 23 8.56 39.87 -8.13
C ALA D 23 8.67 41.17 -8.93
N ALA D 24 8.64 41.03 -10.24
CA ALA D 24 8.74 42.16 -11.14
C ALA D 24 7.75 43.23 -10.71
N LYS D 25 6.60 42.76 -10.24
CA LYS D 25 5.50 43.61 -9.81
C LYS D 25 5.72 44.49 -8.58
N PHE D 26 6.66 44.17 -7.71
CA PHE D 26 6.85 44.98 -6.49
C PHE D 26 8.11 45.84 -6.43
N ASP D 27 7.91 47.15 -6.36
CA ASP D 27 9.02 48.10 -6.33
C ASP D 27 9.81 48.07 -5.04
N GLY D 28 9.08 48.23 -3.93
CA GLY D 28 9.69 48.21 -2.62
C GLY D 28 8.78 47.58 -1.57
N ILE D 29 9.20 47.70 -0.32
CA ILE D 29 8.45 47.15 0.79
C ILE D 29 8.19 48.30 1.75
N LEU D 30 6.99 48.33 2.34
CA LEU D 30 6.58 49.34 3.32
C LEU D 30 6.32 48.64 4.67
N GLY D 31 7.38 48.49 5.45
CA GLY D 31 7.24 47.88 6.76
C GLY D 31 6.23 48.63 7.59
N MET D 32 5.34 47.90 8.25
CA MET D 32 4.30 48.50 9.08
C MET D 32 4.27 48.07 10.55
N ALA D 33 5.37 47.48 11.02
CA ALA D 33 5.49 47.01 12.40
C ALA D 33 5.84 48.18 13.29
N TYR D 34 6.17 47.90 14.55
CA TYR D 34 6.51 48.93 15.52
C TYR D 34 7.92 49.38 15.28
N PRO D 35 8.23 50.64 15.64
CA PRO D 35 9.56 51.25 15.48
C PRO D 35 10.72 50.54 16.19
N ARG D 36 10.39 49.64 17.12
CA ARG D 36 11.41 48.94 17.89
C ARG D 36 12.33 48.09 17.04
N ILE D 37 11.84 47.61 15.90
CA ILE D 37 12.66 46.79 15.05
C ILE D 37 13.00 47.52 13.74
N SER D 38 12.90 48.84 13.77
CA SER D 38 13.16 49.61 12.59
C SER D 38 14.64 49.77 12.34
N VAL D 39 15.12 49.29 11.19
CA VAL D 39 16.53 49.41 10.84
C VAL D 39 16.99 50.86 10.83
N ASN D 40 18.18 51.08 11.36
CA ASN D 40 18.70 52.42 11.43
C ASN D 40 17.83 53.28 12.34
N ASN D 41 16.90 52.64 13.03
CA ASN D 41 16.00 53.33 13.95
C ASN D 41 15.36 54.51 13.26
N VAL D 42 14.57 54.22 12.23
CA VAL D 42 13.88 55.21 11.43
C VAL D 42 12.38 55.11 11.71
N LEU D 43 11.76 56.22 12.11
CA LEU D 43 10.33 56.20 12.41
C LEU D 43 9.57 55.62 11.22
N PRO D 44 8.84 54.51 11.43
CA PRO D 44 8.06 53.84 10.38
C PRO D 44 7.06 54.81 9.76
N VAL D 45 6.63 54.54 8.52
CA VAL D 45 5.67 55.41 7.87
C VAL D 45 4.43 55.69 8.74
N PHE D 46 3.69 54.64 9.10
CA PHE D 46 2.49 54.81 9.93
C PHE D 46 2.76 55.59 11.21
N ASP D 47 3.93 55.41 11.79
CA ASP D 47 4.30 56.13 13.01
C ASP D 47 4.38 57.63 12.70
N ASN D 48 4.77 57.99 11.49
CA ASN D 48 4.80 59.41 11.12
C ASN D 48 3.36 59.89 10.88
N LEU D 49 2.54 59.00 10.35
CA LEU D 49 1.13 59.24 10.08
C LEU D 49 0.40 59.50 11.41
N MET D 50 0.94 58.95 12.49
CA MET D 50 0.38 59.13 13.83
C MET D 50 0.85 60.43 14.51
N GLN D 51 2.12 60.78 14.37
CA GLN D 51 2.63 62.00 15.02
C GLN D 51 1.95 63.23 14.48
N GLN D 52 1.61 63.14 13.21
CA GLN D 52 0.94 64.22 12.49
C GLN D 52 -0.57 64.31 12.68
N LYS D 53 -1.14 63.39 13.44
CA LYS D 53 -2.57 63.36 13.69
C LYS D 53 -3.28 63.47 12.35
N LEU D 54 -2.96 62.56 11.44
CA LEU D 54 -3.54 62.54 10.11
C LEU D 54 -4.73 61.59 9.95
N VAL D 55 -4.95 60.77 10.97
CA VAL D 55 -6.02 59.79 10.94
C VAL D 55 -6.91 59.83 12.17
N ASP D 56 -8.17 59.49 11.94
CA ASP D 56 -9.19 59.46 12.99
C ASP D 56 -8.82 58.44 14.06
N GLN D 57 -8.50 57.24 13.60
CA GLN D 57 -8.09 56.15 14.47
C GLN D 57 -6.70 55.79 14.00
N ASN D 58 -5.78 55.55 14.93
CA ASN D 58 -4.42 55.16 14.55
C ASN D 58 -4.45 53.66 14.36
N ILE D 59 -5.30 53.23 13.44
CA ILE D 59 -5.46 51.82 13.16
C ILE D 59 -5.70 51.66 11.67
N PHE D 60 -5.14 50.59 11.12
CA PHE D 60 -5.29 50.25 9.72
C PHE D 60 -5.74 48.80 9.66
N SER D 61 -6.40 48.39 8.58
CA SER D 61 -6.87 47.02 8.45
C SER D 61 -6.62 46.46 7.05
N PHE D 62 -6.63 45.12 6.90
CA PHE D 62 -6.37 44.48 5.59
C PHE D 62 -7.45 43.47 5.30
N TYR D 63 -8.00 43.50 4.09
CA TYR D 63 -9.02 42.57 3.65
C TYR D 63 -8.61 42.05 2.30
N LEU D 64 -8.81 40.76 2.06
CA LEU D 64 -8.43 40.13 0.78
C LEU D 64 -9.49 39.21 0.22
N SER D 65 -10.11 39.59 -0.89
CA SER D 65 -11.09 38.70 -1.49
C SER D 65 -10.43 38.12 -2.74
N ARG D 66 -9.45 37.25 -2.55
CA ARG D 66 -8.71 36.63 -3.65
C ARG D 66 -9.65 35.65 -4.37
N ASP D 67 -10.72 36.17 -4.98
CA ASP D 67 -11.70 35.32 -5.63
C ASP D 67 -12.43 35.94 -6.84
N PRO D 68 -13.19 37.04 -6.62
CA PRO D 68 -13.85 37.56 -7.81
C PRO D 68 -12.85 38.13 -8.80
N ASP D 69 -13.38 38.76 -9.84
CA ASP D 69 -12.51 39.38 -10.84
C ASP D 69 -12.05 40.72 -10.27
N ALA D 70 -11.90 40.77 -8.96
CA ALA D 70 -11.46 41.97 -8.27
C ALA D 70 -9.97 42.11 -8.49
N GLN D 71 -9.53 43.37 -8.60
CA GLN D 71 -8.14 43.68 -8.83
C GLN D 71 -7.30 43.04 -7.73
N PRO D 72 -6.14 42.46 -8.10
CA PRO D 72 -5.22 41.81 -7.17
C PRO D 72 -4.61 42.82 -6.22
N GLY D 73 -4.12 42.30 -5.10
CA GLY D 73 -3.55 43.14 -4.07
C GLY D 73 -4.54 43.02 -2.94
N GLY D 74 -4.26 43.62 -1.81
CA GLY D 74 -5.21 43.52 -0.73
C GLY D 74 -5.74 44.90 -0.52
N GLU D 75 -6.79 45.01 0.30
CA GLU D 75 -7.35 46.32 0.60
C GLU D 75 -6.82 46.78 1.96
N LEU D 76 -5.99 47.81 1.94
CA LEU D 76 -5.47 48.34 3.18
C LEU D 76 -6.27 49.57 3.45
N MET D 77 -6.75 49.72 4.66
CA MET D 77 -7.53 50.90 5.01
C MET D 77 -6.86 51.50 6.23
N LEU D 78 -6.32 52.70 6.03
CA LEU D 78 -5.63 53.41 7.08
C LEU D 78 -6.60 54.34 7.82
N GLY D 79 -6.59 54.25 9.14
CA GLY D 79 -7.44 55.12 9.91
C GLY D 79 -8.72 54.58 10.50
N GLY D 80 -9.08 53.34 10.19
CA GLY D 80 -10.31 52.78 10.73
C GLY D 80 -10.64 51.40 10.18
N THR D 81 -11.91 50.99 10.29
CA THR D 81 -12.35 49.69 9.78
C THR D 81 -13.67 49.86 9.06
N ASP D 82 -14.12 48.83 8.35
CA ASP D 82 -15.38 48.94 7.65
C ASP D 82 -16.12 47.61 7.64
N SER D 83 -17.37 47.64 8.08
CA SER D 83 -18.20 46.45 8.16
C SER D 83 -18.41 45.67 6.86
N LYS D 84 -18.30 46.33 5.70
CA LYS D 84 -18.49 45.64 4.40
C LYS D 84 -17.47 44.53 4.18
N TYR D 85 -16.41 44.55 4.99
CA TYR D 85 -15.33 43.59 4.89
C TYR D 85 -15.57 42.30 5.66
N TYR D 86 -16.07 42.41 6.89
CA TYR D 86 -16.27 41.23 7.72
C TYR D 86 -17.67 40.76 8.01
N LYS D 87 -17.71 39.70 8.81
CA LYS D 87 -18.95 39.09 9.25
C LYS D 87 -18.83 38.95 10.75
N GLY D 88 -19.90 39.29 11.45
CA GLY D 88 -19.89 39.16 12.90
C GLY D 88 -19.28 40.37 13.55
N SER D 89 -18.26 40.15 14.37
CA SER D 89 -17.59 41.24 15.06
C SER D 89 -16.11 40.96 15.16
N LEU D 90 -15.31 41.99 15.41
CA LEU D 90 -13.87 41.82 15.53
C LEU D 90 -13.53 41.19 16.87
N SER D 91 -12.58 40.28 16.86
CA SER D 91 -12.14 39.62 18.06
C SER D 91 -10.77 40.22 18.31
N TYR D 92 -10.65 41.04 19.34
CA TYR D 92 -9.37 41.66 19.63
C TYR D 92 -8.46 40.84 20.58
N LEU D 93 -7.15 41.06 20.45
CA LEU D 93 -6.10 40.41 21.25
C LEU D 93 -4.94 41.39 21.28
N ASN D 94 -4.55 41.87 22.45
CA ASN D 94 -3.47 42.84 22.48
C ASN D 94 -2.07 42.30 22.21
N VAL D 95 -1.29 43.10 21.50
CA VAL D 95 0.08 42.76 21.17
C VAL D 95 0.93 42.61 22.45
N THR D 96 1.42 41.41 22.69
CA THR D 96 2.24 41.06 23.86
C THR D 96 3.67 41.60 23.89
N ARG D 97 4.14 42.12 22.76
CA ARG D 97 5.47 42.70 22.65
C ARG D 97 5.50 43.62 21.44
N LYS D 98 5.82 44.88 21.68
CA LYS D 98 5.86 45.86 20.61
C LYS D 98 7.16 45.91 19.79
N ALA D 99 7.20 45.00 18.82
CA ALA D 99 8.29 44.83 17.87
C ALA D 99 7.55 44.51 16.58
N TYR D 100 6.98 43.32 16.56
CA TYR D 100 6.21 42.85 15.44
C TYR D 100 4.82 42.88 16.04
N TRP D 101 3.81 42.53 15.25
CA TRP D 101 2.45 42.50 15.77
C TRP D 101 2.32 41.16 16.48
N GLN D 102 2.88 41.14 17.70
CA GLN D 102 2.96 39.93 18.51
C GLN D 102 1.81 39.67 19.43
N VAL D 103 1.11 38.56 19.20
CA VAL D 103 -0.03 38.13 19.99
C VAL D 103 0.22 36.73 20.56
N HIS D 104 -0.39 36.46 21.70
CA HIS D 104 -0.24 35.16 22.34
C HIS D 104 -1.21 34.14 21.74
N LEU D 105 -0.68 33.16 21.02
CA LEU D 105 -1.47 32.08 20.43
C LEU D 105 -1.73 31.07 21.55
N ASP D 106 -2.97 30.65 21.73
CA ASP D 106 -3.29 29.73 22.81
C ASP D 106 -2.94 28.30 22.57
N GLN D 107 -3.24 27.80 21.37
CA GLN D 107 -3.00 26.40 21.05
C GLN D 107 -3.24 26.18 19.56
N VAL D 108 -2.77 25.06 19.03
CA VAL D 108 -2.96 24.71 17.62
C VAL D 108 -3.46 23.27 17.55
N GLU D 109 -4.71 23.07 17.16
CA GLU D 109 -5.26 21.72 17.09
C GLU D 109 -5.53 21.30 15.67
N VAL D 110 -5.01 20.13 15.28
CA VAL D 110 -5.22 19.58 13.94
C VAL D 110 -6.35 18.56 14.08
N ALA D 111 -7.53 18.91 13.57
CA ALA D 111 -8.76 18.11 13.58
C ALA D 111 -8.63 16.64 13.93
N SER D 112 -7.77 15.95 13.19
CA SER D 112 -7.59 14.53 13.41
C SER D 112 -6.87 14.20 14.73
N GLY D 113 -7.06 15.02 15.76
CA GLY D 113 -6.46 14.74 17.05
C GLY D 113 -5.28 15.53 17.59
N LEU D 114 -4.14 15.54 16.89
CA LEU D 114 -2.94 16.26 17.34
C LEU D 114 -3.16 17.68 17.84
N THR D 115 -2.48 18.03 18.93
CA THR D 115 -2.62 19.36 19.52
C THR D 115 -1.28 20.01 19.87
N LEU D 116 -0.87 20.94 19.01
CA LEU D 116 0.38 21.69 19.14
C LEU D 116 0.14 22.91 20.00
N CYS D 117 1.23 23.52 20.47
CA CYS D 117 1.16 24.69 21.32
C CYS D 117 0.10 24.41 22.39
N LYS D 118 0.20 23.22 22.98
CA LYS D 118 -0.71 22.73 24.01
C LYS D 118 -0.94 23.69 25.16
N GLU D 119 0.14 24.33 25.59
CA GLU D 119 0.10 25.24 26.72
C GLU D 119 0.13 26.74 26.40
N GLY D 120 0.02 27.07 25.11
CA GLY D 120 0.06 28.47 24.71
C GLY D 120 1.45 28.90 24.27
N CYS D 121 1.50 29.70 23.22
CA CYS D 121 2.77 30.20 22.67
C CYS D 121 2.62 31.61 22.10
N GLU D 122 3.73 32.10 21.55
CA GLU D 122 3.78 33.44 20.96
C GLU D 122 3.77 33.39 19.44
N ALA D 123 3.14 34.37 18.83
CA ALA D 123 3.03 34.42 17.38
C ALA D 123 2.94 35.86 16.88
N ILE D 124 3.41 36.10 15.66
CA ILE D 124 3.34 37.43 15.08
C ILE D 124 2.45 37.34 13.84
N VAL D 125 1.64 38.36 13.61
CA VAL D 125 0.79 38.40 12.44
C VAL D 125 1.66 39.07 11.38
N ASP D 126 1.88 38.38 10.26
CA ASP D 126 2.76 38.87 9.22
C ASP D 126 2.15 38.77 7.84
N THR D 127 1.82 39.92 7.24
CA THR D 127 1.22 39.97 5.90
C THR D 127 2.27 39.74 4.83
N GLY D 128 3.53 39.92 5.21
CA GLY D 128 4.65 39.71 4.30
C GLY D 128 4.92 38.22 4.14
N THR D 129 4.73 37.46 5.21
CA THR D 129 4.94 36.00 5.25
C THR D 129 3.71 35.29 4.71
N SER D 130 3.90 34.26 3.92
CA SER D 130 2.77 33.52 3.39
C SER D 130 2.46 32.35 4.29
N LEU D 131 3.53 31.68 4.68
CA LEU D 131 3.49 30.51 5.52
C LEU D 131 2.97 30.70 6.91
N MET D 132 2.75 29.56 7.56
CA MET D 132 2.33 29.49 8.94
C MET D 132 3.57 28.80 9.48
N VAL D 133 4.59 29.57 9.81
CA VAL D 133 5.82 29.01 10.33
C VAL D 133 5.66 28.75 11.82
N GLY D 134 6.31 27.70 12.33
CA GLY D 134 6.21 27.38 13.74
C GLY D 134 7.35 26.47 14.08
N PRO D 135 7.70 26.30 15.36
CA PRO D 135 8.80 25.44 15.80
C PRO D 135 8.84 24.10 15.09
N VAL D 136 10.00 23.79 14.51
CA VAL D 136 10.21 22.57 13.74
C VAL D 136 9.83 21.31 14.48
N ASP D 137 10.15 21.23 15.77
CA ASP D 137 9.79 20.04 16.53
C ASP D 137 8.28 19.84 16.60
N GLU D 138 7.53 20.94 16.61
CA GLU D 138 6.08 20.85 16.65
C GLU D 138 5.54 20.63 15.24
N VAL D 139 5.89 21.52 14.32
CA VAL D 139 5.42 21.42 12.93
C VAL D 139 5.62 20.04 12.31
N ARG D 140 6.75 19.38 12.58
CA ARG D 140 7.03 18.04 12.05
C ARG D 140 5.87 17.08 12.35
N GLU D 141 5.34 17.17 13.57
CA GLU D 141 4.21 16.35 13.99
C GLU D 141 2.94 16.76 13.23
N LEU D 142 2.88 18.02 12.80
CA LEU D 142 1.72 18.54 12.06
C LEU D 142 1.70 18.00 10.64
N GLN D 143 2.84 18.01 9.95
CA GLN D 143 2.89 17.49 8.60
C GLN D 143 2.56 15.99 8.64
N LYS D 144 2.88 15.33 9.75
CA LYS D 144 2.58 13.91 9.92
C LYS D 144 1.08 13.76 10.00
N ALA D 145 0.47 14.60 10.83
CA ALA D 145 -0.98 14.59 11.00
C ALA D 145 -1.69 14.90 9.70
N ILE D 146 -1.09 15.71 8.82
CA ILE D 146 -1.76 16.03 7.57
C ILE D 146 -1.25 15.18 6.39
N GLY D 147 -0.44 14.17 6.72
CA GLY D 147 0.09 13.25 5.73
C GLY D 147 0.86 13.87 4.57
N ALA D 148 1.82 14.72 4.87
CA ALA D 148 2.60 15.34 3.83
C ALA D 148 3.93 14.64 3.70
N VAL D 149 4.39 14.45 2.48
CA VAL D 149 5.66 13.78 2.23
C VAL D 149 6.87 14.70 2.38
N PRO D 150 7.84 14.27 3.17
CA PRO D 150 9.03 15.07 3.39
C PRO D 150 9.98 14.89 2.23
N LEU D 151 10.47 15.99 1.67
CA LEU D 151 11.42 15.93 0.58
C LEU D 151 12.72 16.50 1.10
N ILE D 152 13.82 15.97 0.55
CA ILE D 152 15.18 16.34 0.93
C ILE D 152 15.53 17.83 1.02
N GLN D 153 15.11 18.62 0.05
CA GLN D 153 15.45 20.05 0.08
C GLN D 153 14.66 20.79 1.15
N GLY D 154 13.71 20.11 1.77
CA GLY D 154 12.93 20.75 2.82
C GLY D 154 11.44 20.87 2.55
N GLU D 155 10.99 20.32 1.43
CA GLU D 155 9.57 20.37 1.09
C GLU D 155 8.75 19.40 1.91
N TYR D 156 7.46 19.57 1.77
CA TYR D 156 6.45 18.74 2.41
C TYR D 156 5.34 18.77 1.38
N MET D 157 5.34 17.75 0.52
CA MET D 157 4.38 17.68 -0.56
C MET D 157 3.15 16.90 -0.18
N ILE D 158 2.09 17.05 -0.97
CA ILE D 158 0.83 16.36 -0.71
C ILE D 158 0.17 16.08 -2.07
N PRO D 159 -0.42 14.89 -2.23
CA PRO D 159 -1.09 14.53 -3.48
C PRO D 159 -2.24 15.51 -3.72
N CYS D 160 -2.10 16.35 -4.74
CA CYS D 160 -3.09 17.38 -5.04
C CYS D 160 -4.53 16.95 -4.93
N GLU D 161 -4.82 15.73 -5.37
CA GLU D 161 -6.17 15.18 -5.27
C GLU D 161 -6.47 14.91 -3.78
N LYS D 162 -5.55 14.22 -3.11
CA LYS D 162 -5.67 13.93 -1.69
C LYS D 162 -6.04 15.22 -0.96
N VAL D 163 -5.32 16.30 -1.27
CA VAL D 163 -5.50 17.61 -0.65
C VAL D 163 -6.84 17.90 0.02
N SER D 164 -7.92 17.71 -0.71
CA SER D 164 -9.26 17.99 -0.20
C SER D 164 -9.75 17.07 0.90
N THR D 165 -8.84 16.40 1.61
CA THR D 165 -9.27 15.48 2.65
C THR D 165 -8.54 15.63 3.97
N LEU D 166 -7.51 16.47 4.00
CA LEU D 166 -6.74 16.63 5.23
C LEU D 166 -7.56 17.30 6.34
N PRO D 167 -7.23 16.98 7.61
CA PRO D 167 -7.91 17.51 8.78
C PRO D 167 -7.83 19.01 8.84
N ALA D 168 -8.86 19.65 9.37
CA ALA D 168 -8.84 21.11 9.48
C ALA D 168 -7.88 21.48 10.63
N ILE D 169 -7.33 22.68 10.57
CA ILE D 169 -6.41 23.15 11.59
C ILE D 169 -7.05 24.37 12.21
N THR D 170 -7.26 24.31 13.51
CA THR D 170 -7.93 25.36 14.26
C THR D 170 -7.04 26.09 15.24
N LEU D 171 -6.67 27.33 14.90
CA LEU D 171 -5.84 28.14 15.79
C LEU D 171 -6.74 28.68 16.89
N LYS D 172 -6.28 28.65 18.13
CA LYS D 172 -7.10 29.11 19.27
C LYS D 172 -6.66 30.47 19.72
N LEU D 173 -7.11 31.49 19.01
CA LEU D 173 -6.72 32.83 19.37
C LEU D 173 -7.72 33.57 20.23
N GLY D 174 -7.24 33.99 21.40
CA GLY D 174 -8.04 34.73 22.35
C GLY D 174 -9.28 34.00 22.81
N GLY D 175 -9.14 32.72 23.08
CA GLY D 175 -10.27 31.94 23.54
C GLY D 175 -11.21 31.43 22.47
N LYS D 176 -11.06 31.92 21.25
CA LYS D 176 -11.93 31.48 20.18
C LYS D 176 -11.07 30.74 19.19
N GLY D 177 -11.66 29.83 18.41
CA GLY D 177 -10.89 29.07 17.47
C GLY D 177 -11.03 29.68 16.10
N TYR D 178 -10.04 29.44 15.24
CA TYR D 178 -10.03 29.96 13.86
C TYR D 178 -9.50 28.85 12.99
N LYS D 179 -10.39 28.19 12.25
CA LYS D 179 -10.00 27.07 11.41
C LYS D 179 -9.49 27.42 10.03
N LEU D 180 -8.62 26.56 9.50
CA LEU D 180 -8.04 26.71 8.18
C LEU D 180 -8.20 25.35 7.52
N SER D 181 -8.90 25.31 6.40
CA SER D 181 -9.13 24.06 5.70
C SER D 181 -7.90 23.72 4.90
N PRO D 182 -7.76 22.46 4.47
CA PRO D 182 -6.60 22.08 3.68
C PRO D 182 -6.54 22.93 2.41
N GLU D 183 -7.70 23.41 1.96
CA GLU D 183 -7.78 24.24 0.77
C GLU D 183 -7.08 25.56 1.09
N ASP D 184 -7.15 25.96 2.36
CA ASP D 184 -6.53 27.21 2.79
C ASP D 184 -5.04 27.05 2.95
N TYR D 185 -4.65 26.19 3.89
CA TYR D 185 -3.25 25.99 4.18
C TYR D 185 -2.41 25.26 3.14
N THR D 186 -3.00 24.77 2.06
CA THR D 186 -2.20 24.07 1.04
C THR D 186 -1.72 24.98 -0.10
N LEU D 187 -0.41 25.07 -0.30
CA LEU D 187 0.15 25.92 -1.34
C LEU D 187 0.18 25.22 -2.69
N LYS D 188 -0.32 25.90 -3.71
CA LYS D 188 -0.37 25.32 -5.06
C LYS D 188 0.49 26.10 -6.06
N VAL D 189 1.38 25.36 -6.73
CA VAL D 189 2.27 25.92 -7.74
C VAL D 189 2.06 25.17 -9.05
N SER D 190 1.86 25.90 -10.13
CA SER D 190 1.65 25.25 -11.40
C SER D 190 2.85 25.49 -12.30
N GLN D 191 3.12 24.54 -13.20
CA GLN D 191 4.26 24.62 -14.10
C GLN D 191 3.98 23.82 -15.36
N ALA D 192 3.89 24.54 -16.48
CA ALA D 192 3.57 23.95 -17.78
C ALA D 192 2.25 23.13 -17.68
N GLY D 193 1.42 23.51 -16.72
CA GLY D 193 0.16 22.84 -16.51
C GLY D 193 0.24 21.72 -15.48
N LYS D 194 1.44 21.42 -15.03
CA LYS D 194 1.58 20.39 -14.02
C LYS D 194 1.55 21.17 -12.71
N THR D 195 0.61 20.85 -11.84
CA THR D 195 0.50 21.54 -10.57
C THR D 195 1.14 20.72 -9.46
N LEU D 196 1.75 21.39 -8.50
CA LEU D 196 2.40 20.73 -7.38
C LEU D 196 1.77 21.34 -6.14
N CYS D 197 1.42 20.51 -5.17
CA CYS D 197 0.83 21.00 -3.94
C CYS D 197 1.81 20.71 -2.83
N LEU D 198 1.98 21.71 -1.96
CA LEU D 198 2.88 21.65 -0.82
C LEU D 198 2.14 22.18 0.39
N SER D 199 2.64 21.86 1.57
CA SER D 199 1.99 22.32 2.79
C SER D 199 2.22 23.84 2.94
N GLY D 200 1.38 24.48 3.76
CA GLY D 200 1.52 25.90 4.01
C GLY D 200 2.24 26.13 5.32
N PHE D 201 2.45 25.05 6.06
CA PHE D 201 3.15 25.12 7.33
C PHE D 201 4.62 24.81 7.11
N MET D 202 5.48 25.53 7.78
CA MET D 202 6.91 25.30 7.65
C MET D 202 7.42 25.49 9.06
N GLY D 203 8.29 24.60 9.50
CA GLY D 203 8.81 24.70 10.83
C GLY D 203 10.24 25.15 10.79
N MET D 204 10.50 26.31 11.38
CA MET D 204 11.85 26.86 11.42
C MET D 204 11.99 27.49 12.80
N ASP D 205 13.11 27.28 13.47
CA ASP D 205 13.30 27.85 14.80
C ASP D 205 13.84 29.29 14.85
N ILE D 206 12.97 30.25 15.20
CA ILE D 206 13.38 31.66 15.31
C ILE D 206 14.13 31.79 16.66
N PRO D 207 15.42 32.19 16.63
CA PRO D 207 16.26 32.35 17.83
C PRO D 207 15.82 33.47 18.78
N PRO D 208 16.24 33.39 20.07
CA PRO D 208 15.96 34.32 21.16
C PRO D 208 16.81 35.59 21.08
N PRO D 209 16.40 36.64 21.82
CA PRO D 209 15.21 36.64 22.69
C PRO D 209 13.89 36.92 21.95
N SER D 210 13.96 37.15 20.64
CA SER D 210 12.73 37.41 19.88
C SER D 210 11.92 36.12 19.85
N GLY D 211 12.51 35.09 19.25
CA GLY D 211 11.86 33.82 19.19
C GLY D 211 11.88 33.19 20.57
N PRO D 212 11.28 32.00 20.72
CA PRO D 212 10.60 31.25 19.66
C PRO D 212 9.26 31.90 19.39
N LEU D 213 8.74 31.69 18.18
CA LEU D 213 7.45 32.27 17.81
C LEU D 213 6.92 31.84 16.45
N TRP D 214 5.62 31.57 16.42
CA TRP D 214 4.96 31.16 15.20
C TRP D 214 4.79 32.42 14.38
N ILE D 215 4.77 32.29 13.06
CA ILE D 215 4.59 33.44 12.20
C ILE D 215 3.33 33.24 11.35
N LEU D 216 2.22 33.73 11.87
CA LEU D 216 0.92 33.64 11.20
C LEU D 216 0.99 34.44 9.89
N GLY D 217 1.05 33.76 8.75
CA GLY D 217 1.13 34.44 7.47
C GLY D 217 -0.21 34.68 6.78
N ASP D 218 -0.15 34.96 5.47
CA ASP D 218 -1.36 35.21 4.71
C ASP D 218 -2.28 34.00 4.54
N VAL D 219 -1.79 32.81 4.89
CA VAL D 219 -2.61 31.61 4.78
C VAL D 219 -3.73 31.87 5.78
N PHE D 220 -3.33 32.28 6.98
CA PHE D 220 -4.25 32.60 8.06
C PHE D 220 -4.92 33.94 7.77
N ILE D 221 -4.08 34.98 7.65
CA ILE D 221 -4.57 36.34 7.42
C ILE D 221 -5.56 36.47 6.27
N GLY D 222 -5.26 35.91 5.11
CA GLY D 222 -6.16 36.02 3.98
C GLY D 222 -7.59 35.56 4.29
N ARG D 223 -7.72 34.70 5.29
CA ARG D 223 -9.03 34.18 5.67
C ARG D 223 -9.71 35.12 6.64
N TYR D 224 -8.93 35.75 7.51
CA TYR D 224 -9.51 36.66 8.48
C TYR D 224 -9.18 38.15 8.32
N TYR D 225 -10.23 38.97 8.30
CA TYR D 225 -10.08 40.40 8.18
C TYR D 225 -9.36 40.83 9.46
N THR D 226 -8.13 41.28 9.35
CA THR D 226 -7.38 41.68 10.52
C THR D 226 -7.34 43.20 10.66
N VAL D 227 -7.13 43.67 11.88
CA VAL D 227 -7.03 45.10 12.17
C VAL D 227 -5.91 45.27 13.17
N PHE D 228 -4.90 46.08 12.81
CA PHE D 228 -3.77 46.36 13.70
C PHE D 228 -4.11 47.69 14.37
N ASP D 229 -4.21 47.65 15.69
CA ASP D 229 -4.64 48.78 16.47
C ASP D 229 -3.52 49.44 17.24
N ARG D 230 -3.03 50.58 16.74
CA ARG D 230 -1.93 51.29 17.38
C ARG D 230 -2.26 52.11 18.61
N ASP D 231 -3.55 52.43 18.79
CA ASP D 231 -3.96 53.20 19.95
C ASP D 231 -4.10 52.33 21.19
N ASN D 232 -4.60 51.11 21.01
CA ASN D 232 -4.79 50.19 22.13
C ASN D 232 -3.88 48.96 22.02
N ASN D 233 -2.84 49.09 21.19
CA ASN D 233 -1.87 48.02 20.94
C ASN D 233 -2.47 46.62 20.82
N ARG D 234 -3.46 46.42 19.97
CA ARG D 234 -4.07 45.11 19.86
C ARG D 234 -4.37 44.75 18.44
N VAL D 235 -4.57 43.47 18.19
CA VAL D 235 -4.90 42.95 16.86
C VAL D 235 -6.34 42.46 16.93
N GLY D 236 -7.11 42.62 15.86
CA GLY D 236 -8.50 42.19 15.88
C GLY D 236 -8.86 41.46 14.61
N PHE D 237 -9.26 40.20 14.73
CA PHE D 237 -9.63 39.37 13.56
C PHE D 237 -11.15 39.18 13.50
N ALA D 238 -11.65 39.00 12.28
CA ALA D 238 -13.06 38.76 12.02
C ALA D 238 -13.11 38.03 10.71
N GLU D 239 -14.11 37.20 10.53
CA GLU D 239 -14.26 36.43 9.30
C GLU D 239 -14.52 37.39 8.16
N ALA D 240 -13.91 37.14 7.00
CA ALA D 240 -14.07 37.97 5.82
C ALA D 240 -15.40 37.74 5.08
N ALA D 241 -15.83 38.74 4.34
CA ALA D 241 -17.05 38.65 3.58
C ALA D 241 -16.66 38.34 2.13
N ILE E 3 -8.80 -33.70 7.78
CA ILE E 3 -7.92 -34.79 7.31
C ILE E 3 -6.52 -34.50 7.86
N PRO E 4 -6.14 -35.16 8.97
CA PRO E 4 -4.83 -34.98 9.61
C PRO E 4 -3.70 -34.86 8.59
N GLU E 5 -2.85 -33.85 8.76
CA GLU E 5 -1.76 -33.61 7.83
C GLU E 5 -0.68 -34.69 7.86
N VAL E 6 -0.83 -35.64 8.78
CA VAL E 6 0.11 -36.76 8.91
C VAL E 6 -0.15 -37.68 7.72
N LEU E 7 -1.42 -37.74 7.32
CA LEU E 7 -1.83 -38.58 6.22
C LEU E 7 -1.43 -37.94 4.90
N LYS E 8 -1.61 -36.62 4.80
CA LYS E 8 -1.25 -35.86 3.59
C LYS E 8 0.22 -36.11 3.29
N ASN E 9 0.52 -36.44 2.05
CA ASN E 9 1.89 -36.74 1.64
C ASN E 9 2.85 -35.54 1.74
N TYR E 10 3.13 -34.93 0.58
CA TYR E 10 4.02 -33.77 0.50
C TYR E 10 5.49 -34.13 0.47
N MET E 11 5.85 -35.28 1.02
CA MET E 11 7.24 -35.68 0.97
C MET E 11 7.46 -36.40 -0.34
N ASP E 12 6.49 -37.22 -0.73
CA ASP E 12 6.60 -37.99 -1.95
C ASP E 12 5.27 -38.00 -2.71
N ALA E 13 4.82 -36.84 -3.16
CA ALA E 13 3.55 -36.71 -3.90
C ALA E 13 3.70 -37.20 -5.35
N GLN E 14 2.61 -37.66 -5.95
CA GLN E 14 2.67 -38.20 -7.30
C GLN E 14 2.24 -37.23 -8.37
N TYR E 15 1.21 -36.47 -8.04
CA TYR E 15 0.65 -35.52 -8.95
C TYR E 15 1.06 -34.13 -8.55
N TYR E 16 2.13 -33.65 -9.16
CA TYR E 16 2.65 -32.32 -8.90
C TYR E 16 3.14 -31.77 -10.23
N GLY E 17 2.94 -30.49 -10.46
CA GLY E 17 3.38 -29.90 -11.71
C GLY E 17 3.80 -28.45 -11.55
N GLU E 18 4.10 -27.80 -12.66
CA GLU E 18 4.47 -26.41 -12.63
C GLU E 18 3.32 -25.53 -13.08
N ILE E 19 3.15 -24.43 -12.35
CA ILE E 19 2.13 -23.46 -12.68
C ILE E 19 2.88 -22.13 -12.89
N GLY E 20 2.17 -21.02 -12.90
CA GLY E 20 2.80 -19.73 -13.05
C GLY E 20 2.00 -18.72 -12.27
N ILE E 21 2.66 -17.68 -11.76
CA ILE E 21 1.95 -16.65 -11.03
C ILE E 21 2.56 -15.33 -11.45
N GLY E 22 1.73 -14.43 -11.95
CA GLY E 22 2.23 -13.13 -12.35
C GLY E 22 2.47 -12.96 -13.83
N THR E 23 3.02 -11.81 -14.17
CA THR E 23 3.27 -11.48 -15.56
C THR E 23 4.58 -10.68 -15.66
N PRO E 24 5.63 -11.29 -16.22
CA PRO E 24 5.66 -12.64 -16.77
C PRO E 24 5.48 -13.74 -15.72
N PRO E 25 5.05 -14.93 -16.13
CA PRO E 25 4.86 -16.01 -15.16
C PRO E 25 6.07 -16.36 -14.38
N GLN E 26 5.86 -16.56 -13.08
CA GLN E 26 6.92 -16.98 -12.17
C GLN E 26 6.58 -18.45 -11.92
N CYS E 27 7.44 -19.35 -12.36
CA CYS E 27 7.19 -20.77 -12.23
C CYS E 27 7.37 -21.36 -10.84
N PHE E 28 6.52 -22.32 -10.52
CA PHE E 28 6.54 -22.98 -9.22
C PHE E 28 6.07 -24.41 -9.38
N THR E 29 6.64 -25.35 -8.62
CA THR E 29 6.20 -26.75 -8.65
C THR E 29 5.21 -26.90 -7.51
N VAL E 30 4.04 -27.42 -7.83
CA VAL E 30 2.95 -27.54 -6.88
C VAL E 30 2.32 -28.92 -6.86
N VAL E 31 1.83 -29.29 -5.68
CA VAL E 31 1.19 -30.57 -5.48
C VAL E 31 -0.27 -30.42 -5.83
N PHE E 32 -0.73 -31.20 -6.81
CA PHE E 32 -2.13 -31.21 -7.24
C PHE E 32 -2.88 -32.07 -6.20
N ASP E 33 -3.54 -31.35 -5.30
CA ASP E 33 -4.21 -31.94 -4.17
C ASP E 33 -5.71 -31.88 -4.18
N THR E 34 -6.36 -32.92 -4.67
CA THR E 34 -7.81 -32.95 -4.72
C THR E 34 -8.45 -33.11 -3.34
N GLY E 35 -7.60 -33.00 -2.33
CA GLY E 35 -8.03 -33.13 -0.95
C GLY E 35 -8.10 -31.84 -0.18
N SER E 36 -7.59 -30.76 -0.76
CA SER E 36 -7.62 -29.44 -0.13
C SER E 36 -8.15 -28.49 -1.19
N SER E 37 -8.38 -27.24 -0.82
CA SER E 37 -8.91 -26.29 -1.79
C SER E 37 -8.25 -24.92 -1.89
N ASN E 38 -7.00 -24.82 -1.47
CA ASN E 38 -6.29 -23.56 -1.51
C ASN E 38 -4.98 -23.69 -2.28
N LEU E 39 -4.58 -22.60 -2.94
CA LEU E 39 -3.31 -22.57 -3.64
C LEU E 39 -2.38 -21.64 -2.84
N TRP E 40 -1.10 -21.95 -2.81
CA TRP E 40 -0.16 -21.09 -2.10
C TRP E 40 1.24 -21.49 -2.50
N VAL E 41 2.11 -20.48 -2.57
CA VAL E 41 3.51 -20.74 -2.88
C VAL E 41 4.31 -19.94 -1.86
N PRO E 42 5.63 -20.15 -1.83
CA PRO E 42 6.37 -19.36 -0.86
C PRO E 42 6.48 -17.94 -1.40
N SER E 43 6.86 -17.02 -0.52
CA SER E 43 7.02 -15.62 -0.85
C SER E 43 8.50 -15.28 -0.66
N ILE E 44 9.02 -14.38 -1.51
CA ILE E 44 10.39 -13.93 -1.42
C ILE E 44 10.62 -13.39 0.02
N HIS E 45 9.54 -12.93 0.63
CA HIS E 45 9.57 -12.38 1.98
C HIS E 45 9.63 -13.43 3.06
N CYS E 46 10.72 -14.19 3.10
CA CYS E 46 10.91 -15.22 4.13
C CYS E 46 11.10 -14.52 5.47
N LYS E 47 10.41 -14.99 6.51
CA LYS E 47 10.56 -14.38 7.83
C LYS E 47 11.77 -14.96 8.57
N LEU E 48 12.46 -15.91 7.92
CA LEU E 48 13.66 -16.59 8.44
C LEU E 48 14.29 -17.23 7.23
N LEU E 49 15.63 -17.14 7.12
CA LEU E 49 16.32 -17.75 5.99
C LEU E 49 16.64 -19.19 6.32
N ASP E 50 15.62 -20.04 6.30
CA ASP E 50 15.78 -21.47 6.58
C ASP E 50 15.94 -22.23 5.26
N ILE E 51 15.98 -23.55 5.34
CA ILE E 51 16.15 -24.37 4.16
C ILE E 51 14.94 -24.23 3.25
N ALA E 52 13.74 -24.19 3.82
CA ALA E 52 12.52 -24.05 3.03
C ALA E 52 12.57 -22.80 2.13
N CYS E 53 13.25 -21.76 2.60
CA CYS E 53 13.40 -20.51 1.87
C CYS E 53 14.52 -20.61 0.86
N TRP E 54 15.61 -21.27 1.23
CA TRP E 54 16.75 -21.39 0.34
C TRP E 54 16.53 -22.09 -0.99
N ILE E 55 16.14 -23.37 -0.99
CA ILE E 55 15.96 -24.07 -2.26
C ILE E 55 14.66 -23.83 -2.99
N HIS E 56 13.63 -23.47 -2.25
CA HIS E 56 12.33 -23.23 -2.88
C HIS E 56 12.35 -21.98 -3.76
N HIS E 57 11.46 -21.96 -4.76
CA HIS E 57 11.32 -20.80 -5.61
C HIS E 57 10.49 -19.91 -4.73
N LYS E 58 10.37 -18.64 -5.07
CA LYS E 58 9.59 -17.76 -4.23
C LYS E 58 8.84 -16.76 -5.06
N TYR E 59 7.67 -16.35 -4.58
CA TYR E 59 6.88 -15.38 -5.32
C TYR E 59 7.31 -13.95 -4.99
N ASN E 60 7.61 -13.18 -6.02
CA ASN E 60 8.03 -11.80 -5.87
C ASN E 60 7.04 -10.99 -6.67
N SER E 61 6.18 -10.26 -5.98
CA SER E 61 5.16 -9.49 -6.68
C SER E 61 5.67 -8.24 -7.40
N ASP E 62 6.84 -7.73 -7.02
CA ASP E 62 7.36 -6.54 -7.68
C ASP E 62 7.59 -6.82 -9.13
N LYS E 63 7.75 -8.10 -9.46
CA LYS E 63 7.99 -8.50 -10.83
C LYS E 63 6.72 -8.88 -11.57
N SER E 64 5.56 -8.32 -11.19
CA SER E 64 4.34 -8.69 -11.91
C SER E 64 3.42 -7.54 -12.33
N SER E 65 3.12 -7.49 -13.63
CA SER E 65 2.24 -6.47 -14.18
C SER E 65 0.85 -6.61 -13.58
N THR E 66 0.38 -7.85 -13.51
CA THR E 66 -0.95 -8.21 -13.03
C THR E 66 -1.18 -8.42 -11.54
N TYR E 67 -0.17 -8.22 -10.70
CA TYR E 67 -0.36 -8.42 -9.26
C TYR E 67 -1.29 -7.41 -8.65
N VAL E 68 -2.18 -7.87 -7.76
CA VAL E 68 -3.13 -6.97 -7.10
C VAL E 68 -3.03 -7.20 -5.60
N LYS E 69 -2.70 -6.15 -4.89
CA LYS E 69 -2.51 -6.26 -3.45
C LYS E 69 -3.79 -6.65 -2.71
N ASN E 70 -3.63 -7.44 -1.65
CA ASN E 70 -4.77 -7.83 -0.80
C ASN E 70 -4.36 -7.67 0.67
N GLY E 71 -3.27 -8.32 1.07
CA GLY E 71 -2.77 -8.18 2.42
C GLY E 71 -3.38 -8.95 3.56
N THR E 72 -4.57 -9.54 3.35
CA THR E 72 -5.23 -10.32 4.41
C THR E 72 -4.30 -11.43 4.89
N SER E 73 -4.19 -11.57 6.20
CA SER E 73 -3.32 -12.57 6.79
C SER E 73 -4.04 -13.89 7.11
N PHE E 74 -3.27 -14.97 7.02
CA PHE E 74 -3.75 -16.31 7.34
C PHE E 74 -2.63 -16.87 8.19
N ASP E 75 -2.96 -17.90 8.95
CA ASP E 75 -2.02 -18.61 9.83
C ASP E 75 -2.80 -19.88 10.13
N ILE E 76 -2.46 -20.93 9.39
CA ILE E 76 -3.12 -22.21 9.57
C ILE E 76 -2.16 -23.16 10.24
N HIS E 77 -2.46 -23.50 11.50
CA HIS E 77 -1.66 -24.45 12.27
C HIS E 77 -2.15 -25.82 11.84
N TYR E 78 -1.35 -26.84 12.08
CA TYR E 78 -1.75 -28.18 11.67
C TYR E 78 -0.97 -29.26 12.40
N GLY E 79 -0.47 -28.91 13.59
CA GLY E 79 0.29 -29.87 14.37
C GLY E 79 1.79 -29.83 14.12
N SER E 80 2.22 -30.29 12.95
CA SER E 80 3.63 -30.29 12.60
C SER E 80 4.18 -28.89 12.85
N GLY E 81 3.31 -27.91 12.65
CA GLY E 81 3.66 -26.52 12.86
C GLY E 81 2.53 -25.68 12.32
N SER E 82 2.87 -24.67 11.54
CA SER E 82 1.90 -23.77 10.93
C SER E 82 2.43 -23.21 9.61
N LEU E 83 1.51 -22.69 8.79
CA LEU E 83 1.82 -22.09 7.50
C LEU E 83 1.22 -20.69 7.55
N SER E 84 2.10 -19.70 7.51
CA SER E 84 1.74 -18.29 7.60
C SER E 84 2.01 -17.52 6.32
N GLY E 85 1.48 -16.30 6.26
CA GLY E 85 1.68 -15.46 5.10
C GLY E 85 0.53 -14.49 4.93
N TYR E 86 0.28 -14.10 3.70
CA TYR E 86 -0.81 -13.19 3.42
C TYR E 86 -1.27 -13.50 2.02
N LEU E 87 -2.53 -13.18 1.74
CA LEU E 87 -3.13 -13.41 0.44
C LEU E 87 -2.68 -12.35 -0.54
N SER E 88 -2.76 -12.66 -1.83
CA SER E 88 -2.38 -11.73 -2.88
C SER E 88 -3.15 -12.14 -4.09
N GLN E 89 -3.44 -11.20 -4.98
CA GLN E 89 -4.14 -11.49 -6.22
C GLN E 89 -3.13 -11.47 -7.35
N ASP E 90 -3.36 -12.34 -8.34
CA ASP E 90 -2.50 -12.44 -9.51
C ASP E 90 -3.08 -13.46 -10.49
N THR E 91 -2.45 -13.57 -11.66
CA THR E 91 -2.88 -14.49 -12.72
C THR E 91 -2.14 -15.80 -12.59
N VAL E 92 -2.87 -16.90 -12.48
CA VAL E 92 -2.22 -18.20 -12.38
C VAL E 92 -2.37 -18.88 -13.73
N SER E 93 -1.24 -19.05 -14.42
CA SER E 93 -1.20 -19.66 -15.74
C SER E 93 -0.85 -21.12 -15.57
N VAL E 94 -1.54 -21.98 -16.30
CA VAL E 94 -1.28 -23.40 -16.24
C VAL E 94 -1.22 -23.95 -17.64
N PRO E 95 -0.04 -24.43 -18.05
CA PRO E 95 1.14 -24.43 -17.18
C PRO E 95 1.92 -23.14 -17.34
N CYS E 96 3.07 -23.09 -16.70
CA CYS E 96 3.93 -21.93 -16.77
C CYS E 96 4.28 -21.77 -18.24
N GLN E 97 4.65 -22.89 -18.86
CA GLN E 97 5.01 -22.91 -20.28
C GLN E 97 4.02 -23.81 -21.05
N GLY F 1 1.50 -21.31 -20.71
CA GLY F 1 0.51 -21.24 -21.83
C GLY F 1 -0.76 -21.96 -21.42
N GLY F 2 -1.13 -23.01 -22.16
CA GLY F 2 -2.32 -23.80 -21.86
C GLY F 2 -3.54 -22.95 -21.56
N VAL F 3 -3.72 -22.63 -20.28
CA VAL F 3 -4.82 -21.79 -19.81
C VAL F 3 -4.24 -20.67 -18.94
N LYS F 4 -5.03 -19.64 -18.70
CA LYS F 4 -4.62 -18.51 -17.89
C LYS F 4 -5.80 -18.06 -17.07
N VAL F 5 -5.76 -18.35 -15.79
CA VAL F 5 -6.85 -17.99 -14.89
C VAL F 5 -6.56 -16.57 -14.38
N GLU F 6 -7.42 -15.62 -14.71
CA GLU F 6 -7.20 -14.24 -14.27
C GLU F 6 -7.79 -13.93 -12.90
N ARG F 7 -7.37 -12.80 -12.32
CA ARG F 7 -7.84 -12.36 -11.01
C ARG F 7 -7.82 -13.46 -9.94
N GLN F 8 -6.83 -14.36 -10.00
CA GLN F 8 -6.75 -15.47 -9.03
C GLN F 8 -6.14 -15.05 -7.69
N VAL F 9 -6.83 -15.42 -6.61
CA VAL F 9 -6.36 -15.10 -5.26
C VAL F 9 -5.70 -16.33 -4.64
N PHE F 10 -4.43 -16.18 -4.28
CA PHE F 10 -3.68 -17.28 -3.70
C PHE F 10 -3.03 -16.78 -2.42
N GLY F 11 -2.27 -17.65 -1.79
CA GLY F 11 -1.60 -17.31 -0.55
C GLY F 11 -0.10 -17.28 -0.75
N GLU F 12 0.52 -16.32 -0.07
CA GLU F 12 1.96 -16.11 -0.12
C GLU F 12 2.40 -16.50 1.28
N ALA F 13 2.99 -17.68 1.44
CA ALA F 13 3.42 -18.11 2.75
C ALA F 13 4.75 -17.53 3.15
N THR F 14 4.77 -16.84 4.29
CA THR F 14 5.96 -16.21 4.85
C THR F 14 6.69 -17.15 5.81
N LYS F 15 5.94 -18.15 6.29
CA LYS F 15 6.45 -19.17 7.20
C LYS F 15 5.76 -20.40 6.70
N GLN F 16 6.47 -21.50 6.55
CA GLN F 16 5.87 -22.75 6.06
C GLN F 16 6.52 -23.99 6.66
N PRO F 17 5.89 -25.16 6.50
CA PRO F 17 6.45 -26.40 7.04
C PRO F 17 7.76 -26.74 6.30
N GLY F 18 8.70 -27.32 7.03
CA GLY F 18 10.01 -27.64 6.48
C GLY F 18 10.24 -28.53 5.27
N ILE F 19 11.26 -29.36 5.40
CA ILE F 19 11.72 -30.28 4.38
C ILE F 19 11.24 -31.71 4.69
N THR F 20 10.95 -31.94 5.96
CA THR F 20 10.49 -33.25 6.39
C THR F 20 9.01 -33.48 6.05
N PHE F 21 8.23 -32.39 6.09
CA PHE F 21 6.80 -32.42 5.76
C PHE F 21 6.70 -32.27 4.24
N ILE F 22 6.83 -31.04 3.75
CA ILE F 22 6.80 -30.78 2.33
C ILE F 22 8.23 -30.99 1.78
N ALA F 23 8.34 -31.63 0.62
CA ALA F 23 9.65 -31.91 0.05
C ALA F 23 10.31 -30.79 -0.73
N ALA F 24 11.64 -30.82 -0.81
CA ALA F 24 12.44 -29.83 -1.53
C ALA F 24 11.86 -29.46 -2.89
N LYS F 25 11.58 -30.48 -3.70
CA LYS F 25 11.03 -30.35 -5.05
C LYS F 25 9.74 -29.52 -5.10
N PHE F 26 8.92 -29.68 -4.07
CA PHE F 26 7.64 -29.00 -3.99
C PHE F 26 7.69 -27.60 -3.37
N ASP F 27 7.32 -26.60 -4.17
CA ASP F 27 7.27 -25.22 -3.70
C ASP F 27 5.90 -24.89 -3.09
N GLY F 28 4.84 -25.52 -3.61
CA GLY F 28 3.50 -25.25 -3.08
C GLY F 28 2.44 -26.33 -3.27
N ILE F 29 1.19 -25.99 -2.96
CA ILE F 29 0.07 -26.91 -3.09
C ILE F 29 -1.07 -26.23 -3.82
N LEU F 30 -1.61 -26.87 -4.86
CA LEU F 30 -2.74 -26.31 -5.60
C LEU F 30 -3.89 -27.22 -5.24
N GLY F 31 -4.61 -26.87 -4.17
CA GLY F 31 -5.76 -27.67 -3.77
C GLY F 31 -6.82 -27.56 -4.83
N MET F 32 -7.31 -28.72 -5.30
CA MET F 32 -8.32 -28.80 -6.37
C MET F 32 -9.71 -29.31 -5.97
N ALA F 33 -10.07 -29.25 -4.70
CA ALA F 33 -11.38 -29.73 -4.28
C ALA F 33 -12.43 -28.63 -4.43
N TYR F 34 -13.51 -28.73 -3.65
CA TYR F 34 -14.58 -27.75 -3.73
C TYR F 34 -14.32 -26.46 -2.96
N PRO F 35 -15.03 -25.38 -3.29
CA PRO F 35 -14.78 -24.14 -2.55
C PRO F 35 -15.39 -24.13 -1.18
N ARG F 36 -15.89 -25.28 -0.74
CA ARG F 36 -16.54 -25.38 0.57
C ARG F 36 -15.56 -25.56 1.72
N ILE F 37 -14.36 -26.01 1.40
CA ILE F 37 -13.38 -26.24 2.44
C ILE F 37 -12.16 -25.33 2.29
N SER F 38 -12.36 -24.23 1.58
CA SER F 38 -11.30 -23.27 1.34
C SER F 38 -11.09 -22.35 2.54
N VAL F 39 -9.88 -22.32 3.07
CA VAL F 39 -9.63 -21.45 4.21
C VAL F 39 -9.86 -20.01 3.71
N ASN F 40 -10.48 -19.19 4.56
CA ASN F 40 -10.77 -17.80 4.26
C ASN F 40 -11.73 -17.65 3.09
N ASN F 41 -12.38 -18.77 2.73
CA ASN F 41 -13.36 -18.78 1.67
C ASN F 41 -12.82 -18.18 0.38
N VAL F 42 -11.57 -18.52 0.07
CA VAL F 42 -10.92 -18.02 -1.14
C VAL F 42 -11.35 -18.90 -2.36
N LEU F 43 -11.95 -18.30 -3.38
CA LEU F 43 -12.38 -19.07 -4.55
C LEU F 43 -11.19 -19.78 -5.18
N PRO F 44 -11.20 -21.12 -5.16
CA PRO F 44 -10.11 -21.90 -5.72
C PRO F 44 -9.88 -21.73 -7.21
N VAL F 45 -8.66 -22.07 -7.61
CA VAL F 45 -8.21 -21.98 -8.99
C VAL F 45 -9.21 -22.51 -10.02
N PHE F 46 -9.44 -23.82 -10.04
CA PHE F 46 -10.35 -24.37 -11.05
C PHE F 46 -11.72 -23.72 -11.03
N ASP F 47 -12.14 -23.19 -9.88
CA ASP F 47 -13.45 -22.55 -9.84
C ASP F 47 -13.40 -21.34 -10.73
N ASN F 48 -12.33 -20.55 -10.58
CA ASN F 48 -12.10 -19.36 -11.40
C ASN F 48 -12.05 -19.81 -12.87
N LEU F 49 -11.28 -20.85 -13.14
CA LEU F 49 -11.18 -21.40 -14.48
C LEU F 49 -12.60 -21.65 -15.03
N MET F 50 -13.46 -22.28 -14.25
CA MET F 50 -14.84 -22.57 -14.65
C MET F 50 -15.61 -21.28 -14.88
N GLN F 51 -15.47 -20.36 -13.93
CA GLN F 51 -16.14 -19.06 -13.93
C GLN F 51 -15.74 -18.17 -15.11
N GLN F 52 -14.51 -18.28 -15.56
CA GLN F 52 -14.06 -17.47 -16.68
C GLN F 52 -14.29 -18.20 -18.00
N LYS F 53 -14.89 -19.38 -17.94
CA LYS F 53 -15.15 -20.18 -19.15
C LYS F 53 -13.91 -20.46 -19.97
N LEU F 54 -12.79 -20.71 -19.28
CA LEU F 54 -11.47 -20.99 -19.87
C LEU F 54 -11.25 -22.37 -20.48
N VAL F 55 -12.24 -23.23 -20.31
CA VAL F 55 -12.20 -24.60 -20.82
C VAL F 55 -13.65 -24.98 -21.13
N ASP F 56 -13.84 -25.69 -22.23
CA ASP F 56 -15.16 -26.12 -22.64
C ASP F 56 -15.28 -27.58 -22.28
N GLN F 57 -15.43 -27.78 -20.96
CA GLN F 57 -15.58 -29.07 -20.28
C GLN F 57 -14.87 -28.81 -18.97
N ASN F 58 -15.67 -28.56 -17.92
CA ASN F 58 -15.14 -28.28 -16.59
C ASN F 58 -14.86 -29.54 -15.84
N ILE F 59 -13.74 -30.16 -16.20
CA ILE F 59 -13.29 -31.39 -15.58
C ILE F 59 -11.79 -31.37 -15.76
N PHE F 60 -11.12 -32.33 -15.13
CA PHE F 60 -9.69 -32.48 -15.25
C PHE F 60 -9.45 -33.93 -14.85
N SER F 61 -8.32 -34.50 -15.26
CA SER F 61 -8.04 -35.89 -14.95
C SER F 61 -6.58 -36.11 -14.71
N PHE F 62 -6.25 -37.13 -13.94
CA PHE F 62 -4.85 -37.47 -13.63
C PHE F 62 -4.53 -38.85 -14.17
N TYR F 63 -3.34 -38.98 -14.76
CA TYR F 63 -2.85 -40.26 -15.27
C TYR F 63 -1.43 -40.37 -14.75
N LEU F 64 -1.15 -41.40 -13.96
CA LEU F 64 0.20 -41.60 -13.43
C LEU F 64 0.93 -42.74 -14.13
N SER F 65 1.84 -42.40 -15.04
CA SER F 65 2.58 -43.40 -15.79
C SER F 65 3.35 -44.40 -14.93
N ARG F 66 3.35 -45.64 -15.38
CA ARG F 66 4.08 -46.72 -14.70
C ARG F 66 5.35 -47.02 -15.50
N ASP F 67 5.65 -46.17 -16.48
CA ASP F 67 6.83 -46.31 -17.33
C ASP F 67 8.03 -45.72 -16.60
N PRO F 68 9.18 -46.42 -16.65
CA PRO F 68 10.45 -46.01 -16.01
C PRO F 68 10.87 -44.62 -16.45
N ASP F 69 11.39 -43.85 -15.51
CA ASP F 69 11.82 -42.46 -15.76
C ASP F 69 10.57 -41.64 -16.08
N ALA F 70 10.10 -41.73 -17.32
CA ALA F 70 8.91 -41.01 -17.74
C ALA F 70 8.97 -39.52 -17.37
N GLN F 71 7.80 -38.94 -17.14
CA GLN F 71 7.72 -37.55 -16.74
C GLN F 71 7.18 -37.57 -15.32
N PRO F 72 8.09 -37.53 -14.32
CA PRO F 72 7.68 -37.53 -12.91
C PRO F 72 6.56 -36.52 -12.63
N GLY F 73 5.57 -36.96 -11.85
CA GLY F 73 4.43 -36.12 -11.52
C GLY F 73 3.16 -36.52 -12.28
N GLY F 74 3.27 -37.53 -13.14
CA GLY F 74 2.13 -37.97 -13.91
C GLY F 74 1.63 -36.85 -14.78
N GLU F 75 0.36 -36.88 -15.15
CA GLU F 75 -0.19 -35.83 -15.98
C GLU F 75 -1.58 -35.40 -15.54
N LEU F 76 -1.76 -34.11 -15.26
CA LEU F 76 -3.06 -33.55 -14.89
C LEU F 76 -3.53 -32.87 -16.17
N MET F 77 -4.65 -33.32 -16.74
CA MET F 77 -5.19 -32.72 -17.96
C MET F 77 -6.48 -31.98 -17.60
N LEU F 78 -6.55 -30.71 -17.94
CA LEU F 78 -7.74 -29.92 -17.66
C LEU F 78 -8.69 -29.92 -18.87
N GLY F 79 -9.98 -29.71 -18.61
CA GLY F 79 -10.96 -29.66 -19.67
C GLY F 79 -11.17 -30.84 -20.62
N GLY F 80 -11.10 -32.06 -20.09
CA GLY F 80 -11.32 -33.21 -20.95
C GLY F 80 -10.47 -34.41 -20.60
N THR F 81 -10.97 -35.58 -20.99
CA THR F 81 -10.28 -36.84 -20.75
C THR F 81 -9.65 -37.23 -22.08
N ASP F 82 -8.83 -38.27 -22.08
CA ASP F 82 -8.24 -38.72 -23.33
C ASP F 82 -8.05 -40.23 -23.28
N SER F 83 -8.50 -40.90 -24.34
CA SER F 83 -8.42 -42.35 -24.50
C SER F 83 -7.00 -42.86 -24.33
N LYS F 84 -6.02 -42.03 -24.66
CA LYS F 84 -4.62 -42.40 -24.54
C LYS F 84 -4.10 -42.56 -23.11
N TYR F 85 -5.00 -42.64 -22.14
CA TYR F 85 -4.59 -42.79 -20.75
C TYR F 85 -5.24 -43.97 -20.03
N TYR F 86 -6.14 -44.68 -20.68
CA TYR F 86 -6.82 -45.76 -20.00
C TYR F 86 -7.36 -46.76 -20.97
N LYS F 87 -7.73 -47.92 -20.49
CA LYS F 87 -8.28 -48.93 -21.36
C LYS F 87 -9.78 -49.09 -21.08
N GLY F 88 -10.52 -49.57 -22.07
CA GLY F 88 -11.95 -49.78 -21.91
C GLY F 88 -12.76 -48.51 -21.75
N SER F 89 -13.40 -48.36 -20.60
CA SER F 89 -14.21 -47.17 -20.37
C SER F 89 -14.13 -46.59 -18.96
N LEU F 90 -14.61 -45.35 -18.81
CA LEU F 90 -14.65 -44.66 -17.52
C LEU F 90 -15.97 -45.03 -16.85
N SER F 91 -15.92 -45.24 -15.54
CA SER F 91 -17.11 -45.58 -14.79
C SER F 91 -17.28 -44.44 -13.80
N TYR F 92 -18.45 -43.85 -13.74
CA TYR F 92 -18.63 -42.71 -12.85
C TYR F 92 -19.39 -42.92 -11.57
N LEU F 93 -18.75 -42.53 -10.47
CA LEU F 93 -19.35 -42.57 -9.16
C LEU F 93 -19.90 -41.16 -9.02
N ASN F 94 -20.83 -40.99 -8.10
CA ASN F 94 -21.46 -39.70 -7.84
C ASN F 94 -20.74 -39.01 -6.66
N VAL F 95 -20.76 -37.68 -6.63
CA VAL F 95 -20.14 -36.94 -5.55
C VAL F 95 -21.16 -36.70 -4.42
N THR F 96 -21.17 -37.58 -3.42
CA THR F 96 -22.12 -37.53 -2.32
C THR F 96 -22.17 -36.24 -1.47
N ARG F 97 -21.09 -35.47 -1.47
CA ARG F 97 -21.07 -34.20 -0.75
C ARG F 97 -20.08 -33.29 -1.46
N LYS F 98 -20.40 -32.01 -1.54
CA LYS F 98 -19.50 -31.08 -2.20
C LYS F 98 -18.65 -30.29 -1.20
N ALA F 99 -17.41 -30.75 -1.06
CA ALA F 99 -16.41 -30.17 -0.17
C ALA F 99 -15.13 -30.91 -0.54
N TYR F 100 -15.18 -32.23 -0.43
CA TYR F 100 -14.08 -33.12 -0.80
C TYR F 100 -14.65 -33.84 -2.01
N TRP F 101 -13.81 -34.52 -2.76
CA TRP F 101 -14.33 -35.25 -3.90
C TRP F 101 -14.80 -36.55 -3.31
N GLN F 102 -15.99 -36.49 -2.72
CA GLN F 102 -16.61 -37.61 -2.00
C GLN F 102 -17.59 -38.47 -2.78
N VAL F 103 -17.33 -39.78 -2.74
CA VAL F 103 -18.17 -40.77 -3.37
C VAL F 103 -18.46 -41.86 -2.34
N HIS F 104 -19.53 -42.62 -2.57
CA HIS F 104 -19.93 -43.69 -1.67
C HIS F 104 -19.15 -44.97 -1.99
N LEU F 105 -18.55 -45.57 -0.97
CA LEU F 105 -17.81 -46.80 -1.16
C LEU F 105 -18.76 -47.94 -0.79
N ASP F 106 -18.87 -48.94 -1.67
CA ASP F 106 -19.74 -50.10 -1.45
C ASP F 106 -19.26 -51.12 -0.39
N GLN F 107 -18.04 -51.64 -0.57
CA GLN F 107 -17.43 -52.61 0.35
C GLN F 107 -15.95 -52.78 0.05
N VAL F 108 -15.12 -52.91 1.10
CA VAL F 108 -13.69 -53.16 0.92
C VAL F 108 -13.52 -54.64 1.27
N GLU F 109 -13.00 -55.44 0.35
CA GLU F 109 -12.83 -56.86 0.62
C GLU F 109 -11.39 -57.33 0.37
N VAL F 110 -10.94 -58.31 1.15
CA VAL F 110 -9.58 -58.87 1.05
C VAL F 110 -9.65 -60.25 0.36
N ALA F 111 -8.58 -60.62 -0.34
CA ALA F 111 -8.53 -61.92 -1.04
C ALA F 111 -8.74 -63.08 -0.07
N SER F 112 -8.44 -62.83 1.20
CA SER F 112 -8.61 -63.83 2.23
C SER F 112 -9.97 -63.73 2.89
N GLY F 113 -11.02 -63.75 2.08
CA GLY F 113 -12.38 -63.70 2.59
C GLY F 113 -12.94 -62.53 3.39
N LEU F 114 -12.11 -61.86 4.20
CA LEU F 114 -12.56 -60.73 5.01
C LEU F 114 -13.22 -59.64 4.16
N THR F 115 -14.19 -58.93 4.74
CA THR F 115 -14.85 -57.86 4.01
C THR F 115 -15.19 -56.70 4.94
N LEU F 116 -14.47 -55.60 4.74
CA LEU F 116 -14.63 -54.37 5.50
C LEU F 116 -15.64 -53.49 4.77
N CYS F 117 -16.21 -52.54 5.50
CA CYS F 117 -17.22 -51.62 4.96
C CYS F 117 -18.31 -52.41 4.24
N LYS F 118 -18.92 -53.35 4.97
CA LYS F 118 -19.99 -54.19 4.43
C LYS F 118 -21.30 -53.46 4.21
N GLU F 119 -21.60 -52.55 5.12
CA GLU F 119 -22.84 -51.79 5.04
C GLU F 119 -22.75 -50.59 4.12
N GLY F 120 -21.61 -50.43 3.43
CA GLY F 120 -21.41 -49.30 2.54
C GLY F 120 -20.99 -48.05 3.29
N CYS F 121 -19.83 -47.50 2.96
CA CYS F 121 -19.32 -46.31 3.63
C CYS F 121 -19.12 -45.13 2.69
N GLU F 122 -18.39 -44.12 3.16
CA GLU F 122 -18.08 -42.91 2.38
C GLU F 122 -16.58 -42.85 2.07
N ALA F 123 -16.21 -42.31 0.91
CA ALA F 123 -14.81 -42.22 0.53
C ALA F 123 -14.54 -40.93 -0.24
N ILE F 124 -13.35 -40.40 -0.06
CA ILE F 124 -12.93 -39.23 -0.79
C ILE F 124 -11.70 -39.64 -1.59
N VAL F 125 -11.62 -39.14 -2.82
CA VAL F 125 -10.49 -39.41 -3.70
C VAL F 125 -9.54 -38.26 -3.40
N ASP F 126 -8.29 -38.59 -3.07
CA ASP F 126 -7.30 -37.60 -2.68
C ASP F 126 -5.92 -37.79 -3.31
N THR F 127 -5.64 -37.08 -4.40
CA THR F 127 -4.33 -37.20 -5.05
C THR F 127 -3.18 -36.75 -4.14
N GLY F 128 -3.52 -36.09 -3.04
CA GLY F 128 -2.49 -35.60 -2.14
C GLY F 128 -2.04 -36.54 -1.05
N THR F 129 -2.72 -37.67 -0.92
CA THR F 129 -2.38 -38.63 0.11
C THR F 129 -2.11 -39.93 -0.61
N SER F 130 -1.10 -40.66 -0.16
CA SER F 130 -0.76 -41.92 -0.78
C SER F 130 -1.41 -43.05 -0.01
N LEU F 131 -1.41 -42.90 1.31
CA LEU F 131 -1.99 -43.87 2.22
C LEU F 131 -3.44 -44.04 1.94
N MET F 132 -3.93 -45.22 2.27
CA MET F 132 -5.35 -45.59 2.15
C MET F 132 -5.75 -45.52 3.62
N VAL F 133 -6.87 -44.87 3.93
CA VAL F 133 -7.26 -44.73 5.31
C VAL F 133 -8.69 -45.16 5.55
N GLY F 134 -8.92 -45.76 6.70
CA GLY F 134 -10.24 -46.23 7.04
C GLY F 134 -10.33 -46.19 8.54
N PRO F 135 -11.51 -46.43 9.10
CA PRO F 135 -11.70 -46.42 10.54
C PRO F 135 -10.74 -47.37 11.27
N VAL F 136 -10.02 -46.85 12.26
CA VAL F 136 -9.04 -47.62 13.01
C VAL F 136 -9.51 -49.00 13.40
N ASP F 137 -10.79 -49.13 13.72
CA ASP F 137 -11.31 -50.44 14.12
C ASP F 137 -11.38 -51.44 12.99
N GLU F 138 -11.54 -50.98 11.77
CA GLU F 138 -11.63 -51.89 10.65
C GLU F 138 -10.28 -52.19 10.06
N VAL F 139 -9.48 -51.16 9.94
CA VAL F 139 -8.17 -51.33 9.34
C VAL F 139 -7.37 -52.35 10.15
N ARG F 140 -7.61 -52.37 11.46
CA ARG F 140 -6.93 -53.31 12.35
C ARG F 140 -7.12 -54.70 11.72
N GLU F 141 -8.39 -55.06 11.52
CA GLU F 141 -8.72 -56.35 10.94
C GLU F 141 -8.09 -56.57 9.59
N LEU F 142 -7.88 -55.49 8.84
CA LEU F 142 -7.27 -55.62 7.52
C LEU F 142 -5.79 -55.92 7.65
N GLN F 143 -5.15 -55.26 8.60
CA GLN F 143 -3.73 -55.49 8.81
C GLN F 143 -3.50 -56.93 9.20
N LYS F 144 -4.50 -57.50 9.87
CA LYS F 144 -4.44 -58.89 10.28
C LYS F 144 -4.66 -59.73 9.05
N ALA F 145 -5.65 -59.34 8.25
CA ALA F 145 -5.97 -60.07 7.02
C ALA F 145 -4.73 -60.16 6.12
N ILE F 146 -3.92 -59.11 6.09
CA ILE F 146 -2.72 -59.11 5.26
C ILE F 146 -1.46 -59.51 6.03
N GLY F 147 -1.62 -59.75 7.33
CA GLY F 147 -0.49 -60.17 8.14
C GLY F 147 0.65 -59.16 8.25
N ALA F 148 0.34 -57.95 8.74
CA ALA F 148 1.34 -56.90 8.91
C ALA F 148 1.62 -56.79 10.42
N VAL F 149 2.90 -56.66 10.78
CA VAL F 149 3.28 -56.57 12.20
C VAL F 149 3.21 -55.15 12.75
N PRO F 150 2.32 -54.91 13.72
CA PRO F 150 2.20 -53.57 14.29
C PRO F 150 3.38 -53.23 15.19
N LEU F 151 3.90 -52.01 15.04
CA LEU F 151 5.04 -51.54 15.83
C LEU F 151 4.59 -50.47 16.81
N ILE F 152 5.29 -50.37 17.92
CA ILE F 152 4.97 -49.43 19.01
C ILE F 152 4.55 -48.02 18.63
N GLN F 153 4.89 -47.58 17.43
CA GLN F 153 4.54 -46.23 17.03
C GLN F 153 3.50 -46.04 15.92
N GLY F 154 2.80 -47.11 15.54
CA GLY F 154 1.78 -47.00 14.52
C GLY F 154 1.95 -47.74 13.20
N GLU F 155 3.18 -47.95 12.76
CA GLU F 155 3.39 -48.64 11.49
C GLU F 155 3.14 -50.12 11.60
N TYR F 156 2.73 -50.73 10.48
CA TYR F 156 2.47 -52.17 10.40
C TYR F 156 3.41 -52.77 9.35
N MET F 157 4.57 -53.22 9.82
CA MET F 157 5.60 -53.76 8.95
C MET F 157 5.29 -55.09 8.30
N ILE F 158 5.78 -55.25 7.08
CA ILE F 158 5.62 -56.48 6.32
C ILE F 158 7.00 -56.93 5.81
N PRO F 159 7.31 -58.22 5.89
CA PRO F 159 8.58 -58.75 5.41
C PRO F 159 8.57 -58.64 3.90
N CYS F 160 9.52 -57.90 3.33
CA CYS F 160 9.57 -57.67 1.89
C CYS F 160 9.45 -58.90 1.04
N GLU F 161 10.00 -60.02 1.49
CA GLU F 161 9.90 -61.22 0.69
C GLU F 161 8.43 -61.61 0.66
N LYS F 162 7.86 -61.71 1.85
CA LYS F 162 6.46 -62.09 2.00
C LYS F 162 5.47 -61.19 1.26
N VAL F 163 5.92 -60.01 0.82
CA VAL F 163 5.05 -59.09 0.11
C VAL F 163 4.32 -59.71 -1.08
N SER F 164 5.03 -60.46 -1.91
CA SER F 164 4.42 -61.06 -3.07
C SER F 164 3.35 -62.11 -2.70
N THR F 165 3.40 -62.56 -1.47
CA THR F 165 2.46 -63.57 -0.98
C THR F 165 1.23 -63.01 -0.29
N LEU F 166 1.10 -61.68 -0.25
CA LEU F 166 -0.05 -61.06 0.41
C LEU F 166 -1.33 -61.10 -0.42
N PRO F 167 -2.49 -61.05 0.25
CA PRO F 167 -3.81 -61.06 -0.40
C PRO F 167 -4.08 -59.79 -1.17
N ALA F 168 -4.76 -59.94 -2.30
CA ALA F 168 -5.14 -58.80 -3.12
C ALA F 168 -6.42 -58.24 -2.48
N ILE F 169 -6.51 -56.92 -2.41
CA ILE F 169 -7.66 -56.24 -1.82
C ILE F 169 -8.46 -55.62 -2.93
N THR F 170 -9.79 -55.74 -2.86
CA THR F 170 -10.66 -55.19 -3.88
C THR F 170 -11.58 -54.15 -3.26
N LEU F 171 -11.79 -53.06 -4.01
CA LEU F 171 -12.64 -51.95 -3.59
C LEU F 171 -13.90 -51.98 -4.45
N LYS F 172 -15.05 -52.14 -3.83
CA LYS F 172 -16.28 -52.18 -4.60
C LYS F 172 -16.74 -50.73 -4.78
N LEU F 173 -16.40 -50.15 -5.91
CA LEU F 173 -16.75 -48.77 -6.21
C LEU F 173 -17.78 -48.70 -7.32
N GLY F 174 -18.94 -48.10 -6.98
CA GLY F 174 -20.01 -47.95 -7.95
C GLY F 174 -20.27 -49.26 -8.65
N GLY F 175 -20.72 -50.26 -7.91
CA GLY F 175 -21.02 -51.56 -8.46
C GLY F 175 -19.84 -52.37 -8.99
N LYS F 176 -18.77 -51.72 -9.42
CA LYS F 176 -17.61 -52.45 -9.97
C LYS F 176 -16.48 -52.56 -8.97
N GLY F 177 -15.70 -53.63 -9.09
CA GLY F 177 -14.60 -53.84 -8.18
C GLY F 177 -13.26 -53.38 -8.71
N TYR F 178 -12.51 -52.70 -7.85
CA TYR F 178 -11.21 -52.18 -8.20
C TYR F 178 -10.12 -52.88 -7.37
N LYS F 179 -9.33 -53.71 -8.04
CA LYS F 179 -8.29 -54.49 -7.38
C LYS F 179 -6.94 -53.80 -7.13
N LEU F 180 -6.43 -53.98 -5.93
CA LEU F 180 -5.14 -53.43 -5.53
C LEU F 180 -4.35 -54.68 -5.15
N SER F 181 -3.25 -54.94 -5.86
CA SER F 181 -2.42 -56.10 -5.53
C SER F 181 -1.55 -55.71 -4.35
N PRO F 182 -1.02 -56.71 -3.61
CA PRO F 182 -0.17 -56.36 -2.48
C PRO F 182 0.98 -55.48 -2.94
N GLU F 183 1.44 -55.69 -4.17
CA GLU F 183 2.51 -54.86 -4.72
C GLU F 183 2.01 -53.41 -4.79
N ASP F 184 0.71 -53.25 -5.08
CA ASP F 184 0.10 -51.93 -5.18
C ASP F 184 -0.14 -51.20 -3.86
N TYR F 185 -0.41 -51.94 -2.79
CA TYR F 185 -0.64 -51.29 -1.48
C TYR F 185 0.46 -51.45 -0.45
N THR F 186 1.61 -51.97 -0.87
CA THR F 186 2.76 -52.17 0.01
C THR F 186 3.73 -51.04 -0.31
N LEU F 187 4.30 -50.41 0.72
CA LEU F 187 5.25 -49.33 0.53
C LEU F 187 6.65 -49.85 0.79
N LYS F 188 7.62 -49.41 -0.01
CA LYS F 188 9.00 -49.80 0.19
C LYS F 188 9.81 -48.51 0.34
N VAL F 189 10.32 -48.29 1.55
CA VAL F 189 11.12 -47.11 1.85
C VAL F 189 12.55 -47.59 2.15
N SER F 190 13.40 -47.54 1.14
CA SER F 190 14.78 -47.97 1.26
C SER F 190 15.63 -46.90 1.98
N GLN F 191 16.65 -47.36 2.71
CA GLN F 191 17.53 -46.45 3.45
C GLN F 191 18.95 -47.02 3.66
N ALA F 192 19.95 -46.25 3.20
CA ALA F 192 21.36 -46.62 3.29
C ALA F 192 21.65 -48.05 2.85
N GLY F 193 20.82 -48.59 1.97
CA GLY F 193 21.00 -49.95 1.49
C GLY F 193 19.91 -50.93 1.90
N LYS F 194 19.39 -50.80 3.13
CA LYS F 194 18.34 -51.69 3.61
C LYS F 194 16.98 -51.05 3.32
N THR F 195 16.04 -51.84 2.83
CA THR F 195 14.68 -51.36 2.52
C THR F 195 13.70 -51.85 3.56
N LEU F 196 12.77 -51.00 3.94
CA LEU F 196 11.76 -51.38 4.91
C LEU F 196 10.45 -51.37 4.11
N CYS F 197 9.70 -52.47 4.17
CA CYS F 197 8.43 -52.56 3.46
C CYS F 197 7.31 -52.43 4.47
N LEU F 198 6.34 -51.57 4.20
CA LEU F 198 5.23 -51.39 5.11
C LEU F 198 3.84 -51.23 4.47
N SER F 199 2.81 -51.50 5.26
CA SER F 199 1.41 -51.41 4.81
C SER F 199 1.04 -49.99 4.33
N GLY F 200 0.48 -49.93 3.12
CA GLY F 200 0.05 -48.67 2.54
C GLY F 200 -1.28 -48.26 3.13
N PHE F 201 -1.99 -49.24 3.69
CA PHE F 201 -3.29 -49.05 4.31
C PHE F 201 -3.11 -48.54 5.74
N MET F 202 -4.00 -47.69 6.23
CA MET F 202 -3.86 -47.24 7.61
C MET F 202 -5.14 -46.75 8.31
N GLY F 203 -5.25 -47.08 9.59
CA GLY F 203 -6.43 -46.69 10.33
C GLY F 203 -6.30 -45.38 11.09
N MET F 204 -7.19 -44.45 10.78
CA MET F 204 -7.25 -43.12 11.40
C MET F 204 -8.70 -42.68 11.44
N ASP F 205 -9.19 -42.36 12.64
CA ASP F 205 -10.57 -41.91 12.75
C ASP F 205 -10.72 -40.44 12.41
N ILE F 206 -11.64 -40.13 11.50
CA ILE F 206 -11.89 -38.75 11.09
C ILE F 206 -13.20 -38.28 11.74
N PRO F 207 -13.09 -37.33 12.67
CA PRO F 207 -14.24 -36.77 13.39
C PRO F 207 -15.40 -36.29 12.51
N PRO F 208 -16.66 -36.44 13.00
CA PRO F 208 -17.92 -36.05 12.35
C PRO F 208 -18.11 -34.55 12.54
N PRO F 209 -18.91 -33.90 11.69
CA PRO F 209 -19.67 -34.44 10.54
C PRO F 209 -18.84 -34.83 9.31
N SER F 210 -17.68 -34.20 9.13
CA SER F 210 -16.79 -34.48 7.99
C SER F 210 -16.53 -35.98 7.81
N GLY F 211 -16.42 -36.67 8.94
CA GLY F 211 -16.18 -38.09 8.93
C GLY F 211 -17.35 -38.76 9.60
N PRO F 212 -17.38 -40.11 9.65
CA PRO F 212 -16.36 -41.03 9.13
C PRO F 212 -16.22 -41.05 7.61
N LEU F 213 -14.97 -41.19 7.16
CA LEU F 213 -14.56 -41.22 5.75
C LEU F 213 -13.33 -42.09 5.52
N TRP F 214 -13.32 -42.79 4.39
CA TRP F 214 -12.18 -43.60 3.97
C TRP F 214 -11.50 -42.65 2.98
N ILE F 215 -10.21 -42.80 2.79
CA ILE F 215 -9.48 -41.95 1.85
C ILE F 215 -8.81 -42.83 0.81
N LEU F 216 -8.92 -42.44 -0.44
CA LEU F 216 -8.33 -43.21 -1.51
C LEU F 216 -7.19 -42.38 -2.12
N GLY F 217 -5.96 -42.70 -1.75
CA GLY F 217 -4.83 -41.97 -2.25
C GLY F 217 -4.07 -42.62 -3.39
N ASP F 218 -2.79 -42.24 -3.50
CA ASP F 218 -1.88 -42.71 -4.54
C ASP F 218 -1.94 -44.24 -4.78
N VAL F 219 -1.98 -44.99 -3.68
CA VAL F 219 -2.06 -46.44 -3.72
C VAL F 219 -3.13 -46.91 -4.71
N PHE F 220 -4.24 -46.16 -4.78
CA PHE F 220 -5.36 -46.49 -5.65
C PHE F 220 -5.32 -45.65 -6.92
N ILE F 221 -5.41 -44.33 -6.75
CA ILE F 221 -5.42 -43.38 -7.86
C ILE F 221 -4.28 -43.57 -8.85
N GLY F 222 -3.19 -44.15 -8.40
CA GLY F 222 -2.06 -44.36 -9.27
C GLY F 222 -2.32 -45.41 -10.34
N ARG F 223 -3.02 -46.49 -9.97
CA ARG F 223 -3.28 -47.54 -10.94
C ARG F 223 -4.62 -47.44 -11.67
N TYR F 224 -5.36 -46.37 -11.41
CA TYR F 224 -6.66 -46.15 -12.07
C TYR F 224 -6.78 -44.72 -12.52
N TYR F 225 -6.80 -44.51 -13.84
CA TYR F 225 -6.95 -43.19 -14.43
C TYR F 225 -8.22 -42.58 -13.83
N THR F 226 -8.06 -41.47 -13.13
CA THR F 226 -9.19 -40.83 -12.48
C THR F 226 -9.61 -39.54 -13.15
N VAL F 227 -10.91 -39.23 -13.07
CA VAL F 227 -11.48 -38.03 -13.67
C VAL F 227 -12.33 -37.29 -12.63
N PHE F 228 -12.26 -35.96 -12.58
CA PHE F 228 -13.09 -35.16 -11.65
C PHE F 228 -13.99 -34.22 -12.46
N ASP F 229 -15.27 -34.56 -12.54
CA ASP F 229 -16.25 -33.83 -13.35
C ASP F 229 -17.00 -32.75 -12.56
N ARG F 230 -16.68 -31.48 -12.77
CA ARG F 230 -17.36 -30.40 -12.06
C ARG F 230 -18.69 -30.01 -12.72
N ASP F 231 -18.91 -30.51 -13.92
CA ASP F 231 -20.14 -30.25 -14.67
C ASP F 231 -21.29 -31.06 -14.08
N ASN F 232 -21.01 -32.33 -13.79
CA ASN F 232 -22.01 -33.24 -13.24
C ASN F 232 -21.59 -33.78 -11.89
N ASN F 233 -20.63 -33.11 -11.25
CA ASN F 233 -20.12 -33.49 -9.93
C ASN F 233 -20.07 -34.99 -9.74
N ARG F 234 -19.08 -35.60 -10.38
CA ARG F 234 -18.91 -37.03 -10.29
C ARG F 234 -17.44 -37.35 -10.51
N VAL F 235 -17.01 -38.53 -10.06
CA VAL F 235 -15.63 -38.98 -10.24
C VAL F 235 -15.74 -40.21 -11.14
N GLY F 236 -14.79 -40.38 -12.06
CA GLY F 236 -14.82 -41.52 -12.96
C GLY F 236 -13.53 -42.29 -12.98
N PHE F 237 -13.60 -43.62 -13.08
CA PHE F 237 -12.40 -44.44 -13.08
C PHE F 237 -12.30 -45.37 -14.26
N ALA F 238 -11.06 -45.73 -14.60
CA ALA F 238 -10.78 -46.63 -15.71
C ALA F 238 -9.34 -47.10 -15.50
N GLU F 239 -9.04 -48.36 -15.86
CA GLU F 239 -7.70 -48.91 -15.71
C GLU F 239 -6.70 -48.06 -16.53
N ALA F 240 -5.57 -47.69 -15.95
CA ALA F 240 -4.59 -46.87 -16.64
C ALA F 240 -3.81 -47.60 -17.74
N ALA F 241 -3.73 -46.96 -18.90
CA ALA F 241 -3.07 -47.48 -20.09
C ALA F 241 -1.58 -47.72 -19.91
N ILE G 3 -10.53 -27.26 14.84
CA ILE G 3 -9.86 -26.69 16.03
C ILE G 3 -8.60 -27.50 16.33
N PRO G 4 -7.40 -26.93 16.05
CA PRO G 4 -6.15 -27.64 16.30
C PRO G 4 -5.92 -27.82 17.81
N GLU G 5 -5.14 -28.83 18.18
CA GLU G 5 -4.86 -29.09 19.58
C GLU G 5 -4.02 -28.05 20.29
N VAL G 6 -3.28 -27.25 19.53
CA VAL G 6 -2.44 -26.19 20.08
C VAL G 6 -3.35 -25.20 20.82
N LEU G 7 -4.59 -25.12 20.35
CA LEU G 7 -5.57 -24.23 20.93
C LEU G 7 -6.22 -24.84 22.18
N LYS G 8 -6.28 -26.17 22.23
CA LYS G 8 -6.86 -26.86 23.38
C LYS G 8 -5.92 -26.71 24.57
N ASN G 9 -6.52 -26.62 25.77
CA ASN G 9 -5.78 -26.44 27.02
C ASN G 9 -5.20 -27.74 27.64
N TYR G 10 -6.00 -28.43 28.44
CA TYR G 10 -5.62 -29.69 29.10
C TYR G 10 -4.44 -29.67 30.05
N MET G 11 -3.64 -28.61 30.02
CA MET G 11 -2.53 -28.46 30.96
C MET G 11 -3.06 -27.30 31.76
N ASP G 12 -3.41 -27.53 33.02
CA ASP G 12 -3.99 -26.48 33.86
C ASP G 12 -5.31 -25.86 33.31
N ALA G 13 -6.29 -26.74 33.05
CA ALA G 13 -7.61 -26.32 32.60
C ALA G 13 -8.24 -25.78 33.86
N GLN G 14 -9.19 -24.88 33.73
CA GLN G 14 -9.82 -24.27 34.89
C GLN G 14 -11.06 -24.97 35.35
N TYR G 15 -11.80 -25.55 34.39
CA TYR G 15 -13.06 -26.22 34.68
C TYR G 15 -12.98 -27.73 34.69
N TYR G 16 -12.97 -28.34 35.87
CA TYR G 16 -12.87 -29.79 35.96
C TYR G 16 -13.30 -30.39 37.31
N GLY G 17 -13.57 -31.71 37.29
CA GLY G 17 -13.97 -32.37 38.51
C GLY G 17 -14.03 -33.87 38.39
N GLU G 18 -14.31 -34.54 39.51
CA GLU G 18 -14.39 -36.00 39.55
C GLU G 18 -15.75 -36.62 39.20
N ILE G 19 -15.70 -37.60 38.29
CA ILE G 19 -16.87 -38.36 37.84
C ILE G 19 -16.62 -39.83 38.23
N GLY G 20 -17.62 -40.69 38.06
CA GLY G 20 -17.45 -42.09 38.40
C GLY G 20 -17.84 -43.01 37.26
N ILE G 21 -17.18 -44.16 37.12
CA ILE G 21 -17.53 -45.10 36.06
C ILE G 21 -17.56 -46.53 36.61
N GLY G 22 -18.71 -47.19 36.47
CA GLY G 22 -18.89 -48.56 36.94
C GLY G 22 -19.61 -48.78 38.27
N THR G 23 -19.74 -50.05 38.65
CA THR G 23 -20.34 -50.39 39.93
C THR G 23 -19.46 -51.43 40.58
N PRO G 24 -18.71 -51.03 41.63
CA PRO G 24 -18.70 -49.67 42.18
C PRO G 24 -17.96 -48.72 41.27
N PRO G 25 -18.33 -47.42 41.31
CA PRO G 25 -17.72 -46.38 40.49
C PRO G 25 -16.25 -46.10 40.78
N GLN G 26 -15.45 -46.10 39.71
CA GLN G 26 -14.04 -45.81 39.78
C GLN G 26 -14.06 -44.32 39.51
N CYS G 27 -13.36 -43.51 40.31
CA CYS G 27 -13.34 -42.05 40.16
C CYS G 27 -12.23 -41.48 39.30
N PHE G 28 -12.56 -40.50 38.47
CA PHE G 28 -11.59 -39.87 37.60
C PHE G 28 -11.77 -38.39 37.63
N THR G 29 -10.70 -37.60 37.64
CA THR G 29 -10.87 -36.15 37.58
C THR G 29 -10.71 -35.80 36.09
N VAL G 30 -11.77 -35.31 35.48
CA VAL G 30 -11.79 -35.00 34.06
C VAL G 30 -12.00 -33.51 33.76
N VAL G 31 -11.80 -33.10 32.51
CA VAL G 31 -11.99 -31.71 32.09
C VAL G 31 -13.42 -31.54 31.58
N PHE G 32 -14.12 -30.51 32.05
CA PHE G 32 -15.48 -30.22 31.60
C PHE G 32 -15.33 -29.33 30.36
N ASP G 33 -15.27 -29.98 29.21
CA ASP G 33 -15.01 -29.33 27.95
C ASP G 33 -16.22 -29.22 27.00
N THR G 34 -16.77 -28.02 26.88
CA THR G 34 -17.93 -27.77 26.00
C THR G 34 -17.53 -27.61 24.54
N GLY G 35 -16.27 -27.94 24.22
CA GLY G 35 -15.83 -27.81 22.86
C GLY G 35 -15.74 -29.13 22.15
N SER G 36 -16.11 -30.17 22.87
CA SER G 36 -16.08 -31.53 22.38
C SER G 36 -17.32 -32.26 22.92
N SER G 37 -17.54 -33.49 22.48
CA SER G 37 -18.69 -34.24 22.93
C SER G 37 -18.34 -35.71 23.19
N ASN G 38 -17.12 -35.98 23.66
CA ASN G 38 -16.70 -37.36 23.90
C ASN G 38 -15.97 -37.52 25.19
N LEU G 39 -16.36 -38.52 25.98
CA LEU G 39 -15.74 -38.84 27.26
C LEU G 39 -14.74 -39.95 27.04
N TRP G 40 -13.65 -39.91 27.79
CA TRP G 40 -12.64 -40.93 27.69
C TRP G 40 -11.79 -40.79 28.92
N VAL G 41 -11.27 -41.92 29.39
CA VAL G 41 -10.41 -41.98 30.56
C VAL G 41 -9.39 -43.02 30.20
N PRO G 42 -8.30 -43.12 30.97
CA PRO G 42 -7.25 -44.10 30.67
C PRO G 42 -7.72 -45.55 30.93
N SER G 43 -7.08 -46.49 30.24
CA SER G 43 -7.38 -47.90 30.42
C SER G 43 -6.32 -48.46 31.34
N ILE G 44 -6.69 -49.39 32.21
CA ILE G 44 -5.72 -50.00 33.11
C ILE G 44 -4.69 -50.70 32.20
N HIS G 45 -5.10 -50.99 30.97
CA HIS G 45 -4.25 -51.63 29.99
C HIS G 45 -3.50 -50.59 29.19
N CYS G 46 -2.91 -49.64 29.91
CA CYS G 46 -2.13 -48.58 29.32
C CYS G 46 -0.97 -49.36 28.67
N LYS G 47 -0.83 -49.29 27.35
CA LYS G 47 0.21 -50.07 26.66
C LYS G 47 1.68 -49.66 26.77
N LEU G 48 1.99 -48.81 27.73
CA LEU G 48 3.36 -48.36 27.96
C LEU G 48 3.47 -47.77 29.35
N LEU G 49 4.34 -48.32 30.19
CA LEU G 49 4.47 -47.73 31.52
C LEU G 49 5.25 -46.43 31.40
N ASP G 50 4.50 -45.33 31.38
CA ASP G 50 5.08 -44.02 31.29
C ASP G 50 4.45 -43.17 32.35
N ILE G 51 5.04 -42.00 32.59
CA ILE G 51 4.58 -41.04 33.58
C ILE G 51 3.08 -40.85 33.45
N ALA G 52 2.59 -40.59 32.24
CA ALA G 52 1.15 -40.40 32.04
C ALA G 52 0.40 -41.60 32.61
N CYS G 53 0.93 -42.81 32.39
CA CYS G 53 0.28 -43.99 32.92
C CYS G 53 0.42 -43.91 34.42
N TRP G 54 1.65 -43.98 34.92
CA TRP G 54 1.90 -43.92 36.36
C TRP G 54 0.98 -43.03 37.22
N ILE G 55 0.87 -41.74 36.92
CA ILE G 55 0.04 -40.86 37.75
C ILE G 55 -1.46 -40.89 37.50
N HIS G 56 -1.90 -41.30 36.33
CA HIS G 56 -3.34 -41.29 36.04
C HIS G 56 -4.14 -42.43 36.64
N HIS G 57 -5.44 -42.20 36.77
CA HIS G 57 -6.32 -43.22 37.30
C HIS G 57 -6.77 -44.00 36.08
N LYS G 58 -6.86 -45.31 36.19
CA LYS G 58 -7.29 -46.09 35.03
C LYS G 58 -8.54 -46.92 35.28
N TYR G 59 -9.30 -47.18 34.23
CA TYR G 59 -10.53 -47.96 34.33
C TYR G 59 -10.23 -49.46 34.24
N ASN G 60 -10.77 -50.21 35.20
CA ASN G 60 -10.59 -51.65 35.25
C ASN G 60 -11.96 -52.32 35.15
N SER G 61 -12.41 -52.56 33.93
CA SER G 61 -13.72 -53.17 33.65
C SER G 61 -14.11 -54.32 34.56
N ASP G 62 -13.14 -55.19 34.82
CA ASP G 62 -13.34 -56.34 35.67
C ASP G 62 -13.99 -55.90 36.97
N LYS G 63 -13.47 -54.84 37.56
CA LYS G 63 -14.07 -54.39 38.81
C LYS G 63 -15.34 -53.54 38.65
N SER G 64 -16.12 -53.85 37.62
CA SER G 64 -17.39 -53.16 37.33
C SER G 64 -18.44 -54.16 36.88
N SER G 65 -19.60 -54.14 37.53
CA SER G 65 -20.72 -55.05 37.22
C SER G 65 -21.66 -54.57 36.13
N THR G 66 -21.60 -53.28 35.86
CA THR G 66 -22.43 -52.64 34.86
C THR G 66 -21.76 -52.59 33.49
N TYR G 67 -20.44 -52.78 33.49
CA TYR G 67 -19.66 -52.75 32.27
C TYR G 67 -20.20 -53.70 31.21
N VAL G 68 -20.08 -53.29 29.95
CA VAL G 68 -20.52 -54.09 28.81
C VAL G 68 -19.55 -53.81 27.70
N LYS G 69 -18.87 -54.86 27.25
CA LYS G 69 -17.88 -54.74 26.18
C LYS G 69 -18.47 -54.21 24.89
N ASN G 70 -17.62 -53.53 24.13
CA ASN G 70 -17.99 -52.99 22.86
C ASN G 70 -16.73 -53.32 22.08
N GLY G 71 -15.59 -52.89 22.64
CA GLY G 71 -14.30 -53.16 22.02
C GLY G 71 -13.96 -52.50 20.70
N THR G 72 -14.66 -51.43 20.33
CA THR G 72 -14.38 -50.74 19.08
C THR G 72 -13.22 -49.83 19.31
N SER G 73 -12.23 -49.93 18.44
CA SER G 73 -11.02 -49.12 18.49
C SER G 73 -11.21 -47.68 17.95
N PHE G 74 -10.57 -46.72 18.61
CA PHE G 74 -10.62 -45.33 18.18
C PHE G 74 -9.18 -44.88 18.16
N ASP G 75 -8.82 -44.15 17.11
CA ASP G 75 -7.45 -43.65 16.97
C ASP G 75 -7.52 -42.22 16.46
N ILE G 76 -7.60 -41.29 17.41
CA ILE G 76 -7.69 -39.88 17.12
C ILE G 76 -6.31 -39.25 17.19
N HIS G 77 -5.92 -38.50 16.15
CA HIS G 77 -4.62 -37.84 16.15
C HIS G 77 -4.70 -36.45 16.81
N TYR G 78 -4.87 -36.43 18.13
CA TYR G 78 -4.97 -35.20 18.93
C TYR G 78 -3.75 -34.32 18.64
N GLY G 79 -3.81 -33.60 17.52
CA GLY G 79 -2.71 -32.73 17.12
C GLY G 79 -1.40 -33.49 17.08
N SER G 80 -0.53 -33.17 18.03
CA SER G 80 0.79 -33.79 18.16
C SER G 80 0.69 -35.30 18.33
N GLY G 81 0.24 -35.74 19.50
CA GLY G 81 0.11 -37.16 19.76
C GLY G 81 -1.23 -37.68 19.29
N SER G 82 -1.46 -38.95 19.54
CA SER G 82 -2.72 -39.59 19.17
C SER G 82 -3.36 -40.26 20.37
N LEU G 83 -4.67 -40.08 20.52
CA LEU G 83 -5.41 -40.68 21.59
C LEU G 83 -5.94 -41.97 21.00
N SER G 84 -5.55 -43.09 21.60
CA SER G 84 -5.99 -44.37 21.10
C SER G 84 -6.29 -45.30 22.23
N GLY G 85 -7.24 -46.18 21.96
CA GLY G 85 -7.72 -47.17 22.90
C GLY G 85 -8.93 -47.81 22.25
N TYR G 86 -9.88 -48.24 23.08
CA TYR G 86 -11.06 -48.88 22.55
C TYR G 86 -12.26 -48.39 23.32
N LEU G 87 -13.46 -48.62 22.79
CA LEU G 87 -14.64 -48.17 23.47
C LEU G 87 -15.17 -49.23 24.42
N SER G 88 -15.77 -48.76 25.49
CA SER G 88 -16.38 -49.65 26.44
C SER G 88 -17.68 -48.99 26.84
N GLN G 89 -18.57 -49.76 27.47
CA GLN G 89 -19.85 -49.24 27.93
C GLN G 89 -19.91 -49.53 29.43
N ASP G 90 -20.51 -48.61 30.18
CA ASP G 90 -20.63 -48.74 31.63
C ASP G 90 -21.49 -47.56 32.12
N THR G 91 -21.65 -47.43 33.43
CA THR G 91 -22.48 -46.37 34.03
C THR G 91 -21.65 -45.24 34.62
N VAL G 92 -21.87 -44.02 34.12
CA VAL G 92 -21.13 -42.87 34.61
C VAL G 92 -21.98 -42.14 35.62
N SER G 93 -21.34 -41.62 36.67
CA SER G 93 -22.00 -40.88 37.74
C SER G 93 -21.26 -39.60 37.98
N VAL G 94 -21.98 -38.56 38.39
CA VAL G 94 -21.39 -37.27 38.68
C VAL G 94 -22.06 -36.66 39.92
N PRO G 95 -21.30 -36.48 41.00
CA PRO G 95 -19.88 -36.78 41.10
C PRO G 95 -19.76 -38.29 41.30
N CYS G 96 -18.82 -38.72 42.13
CA CYS G 96 -18.67 -40.15 42.41
C CYS G 96 -19.65 -40.51 43.52
N GLN G 97 -20.86 -39.94 43.41
CA GLN G 97 -21.95 -40.13 44.38
C GLN G 97 -23.29 -39.67 43.75
N GLY H 1 -24.24 -37.14 45.67
CA GLY H 1 -25.70 -37.04 45.39
C GLY H 1 -25.98 -36.42 44.04
N GLY H 2 -25.54 -37.07 42.97
CA GLY H 2 -25.76 -36.54 41.63
C GLY H 2 -26.59 -37.48 40.80
N VAL H 3 -26.06 -37.87 39.63
CA VAL H 3 -26.79 -38.78 38.74
C VAL H 3 -25.91 -39.96 38.31
N LYS H 4 -26.57 -41.00 37.81
CA LYS H 4 -25.88 -42.18 37.30
C LYS H 4 -26.43 -42.40 35.91
N VAL H 5 -25.66 -42.03 34.90
CA VAL H 5 -26.04 -42.18 33.51
C VAL H 5 -25.65 -43.63 33.09
N GLU H 6 -26.67 -44.45 32.91
CA GLU H 6 -26.43 -45.83 32.52
C GLU H 6 -26.11 -45.95 31.04
N ARG H 7 -25.56 -47.09 30.65
CA ARG H 7 -25.23 -47.36 29.26
C ARG H 7 -24.32 -46.30 28.60
N GLN H 8 -23.44 -45.67 29.35
CA GLN H 8 -22.59 -44.66 28.72
C GLN H 8 -21.43 -45.34 28.01
N VAL H 9 -21.27 -45.01 26.74
CA VAL H 9 -20.17 -45.56 25.96
C VAL H 9 -19.11 -44.49 26.00
N PHE H 10 -17.90 -44.87 26.36
CA PHE H 10 -16.78 -43.93 26.42
C PHE H 10 -15.58 -44.74 25.96
N GLY H 11 -14.41 -44.14 25.94
CA GLY H 11 -13.25 -44.87 25.51
C GLY H 11 -12.21 -45.01 26.60
N GLU H 12 -11.56 -46.16 26.60
CA GLU H 12 -10.47 -46.42 27.52
C GLU H 12 -9.23 -46.09 26.69
N ALA H 13 -8.45 -45.12 27.15
CA ALA H 13 -7.26 -44.71 26.44
C ALA H 13 -6.08 -45.63 26.73
N THR H 14 -5.58 -46.31 25.70
CA THR H 14 -4.45 -47.23 25.83
C THR H 14 -3.15 -46.55 25.42
N LYS H 15 -3.29 -45.37 24.82
CA LYS H 15 -2.16 -44.53 24.39
C LYS H 15 -2.75 -43.12 24.47
N GLN H 16 -2.18 -42.27 25.31
CA GLN H 16 -2.72 -40.92 25.45
C GLN H 16 -1.65 -39.83 25.56
N PRO H 17 -1.91 -38.65 24.96
CA PRO H 17 -0.98 -37.52 24.98
C PRO H 17 -0.48 -37.31 26.41
N GLY H 18 0.83 -37.33 26.57
CA GLY H 18 1.44 -37.19 27.88
C GLY H 18 1.22 -35.97 28.74
N ILE H 19 2.15 -35.79 29.67
CA ILE H 19 2.15 -34.70 30.62
C ILE H 19 2.49 -33.37 29.95
N THR H 20 2.86 -33.45 28.68
CA THR H 20 3.21 -32.28 27.90
C THR H 20 1.91 -31.65 27.39
N PHE H 21 0.99 -32.51 26.97
CA PHE H 21 -0.29 -32.12 26.44
C PHE H 21 -1.37 -32.08 27.53
N ILE H 22 -1.36 -33.06 28.43
CA ILE H 22 -2.36 -33.14 29.52
C ILE H 22 -1.69 -33.18 30.90
N ALA H 23 -2.24 -32.44 31.85
CA ALA H 23 -1.72 -32.37 33.19
C ALA H 23 -1.93 -33.71 33.89
N ALA H 24 -1.05 -34.06 34.82
CA ALA H 24 -1.14 -35.31 35.58
C ALA H 24 -2.35 -35.26 36.51
N LYS H 25 -2.96 -34.09 36.57
CA LYS H 25 -4.11 -33.91 37.42
C LYS H 25 -5.37 -34.43 36.77
N PHE H 26 -5.48 -34.23 35.46
CA PHE H 26 -6.64 -34.63 34.68
C PHE H 26 -6.50 -36.00 34.01
N ASP H 27 -7.42 -36.90 34.30
CA ASP H 27 -7.42 -38.25 33.76
C ASP H 27 -8.08 -38.40 32.38
N GLY H 28 -9.06 -37.56 32.09
CA GLY H 28 -9.75 -37.63 30.83
C GLY H 28 -10.58 -36.37 30.56
N ILE H 29 -11.37 -36.43 29.50
CA ILE H 29 -12.19 -35.29 29.09
C ILE H 29 -13.66 -35.70 28.96
N LEU H 30 -14.55 -34.90 29.52
CA LEU H 30 -15.95 -35.21 29.40
C LEU H 30 -16.50 -34.16 28.49
N GLY H 31 -16.54 -34.47 27.20
CA GLY H 31 -17.07 -33.53 26.23
C GLY H 31 -18.48 -33.15 26.59
N MET H 32 -18.82 -31.88 26.44
CA MET H 32 -20.16 -31.40 26.77
C MET H 32 -20.85 -30.60 25.66
N ALA H 33 -20.61 -31.01 24.42
CA ALA H 33 -21.20 -30.36 23.25
C ALA H 33 -22.16 -31.28 22.48
N TYR H 34 -22.69 -30.80 21.37
CA TYR H 34 -23.65 -31.58 20.61
C TYR H 34 -23.12 -32.88 20.03
N PRO H 35 -23.99 -33.89 19.96
CA PRO H 35 -23.68 -35.21 19.42
C PRO H 35 -23.23 -35.25 17.97
N ARG H 36 -23.13 -34.10 17.33
CA ARG H 36 -22.72 -34.02 15.91
C ARG H 36 -21.21 -34.00 15.72
N ILE H 37 -20.49 -33.46 16.71
CA ILE H 37 -19.03 -33.40 16.62
C ILE H 37 -18.42 -34.48 17.48
N SER H 38 -19.25 -35.44 17.89
CA SER H 38 -18.81 -36.55 18.71
C SER H 38 -18.16 -37.56 17.81
N VAL H 39 -16.98 -38.05 18.21
CA VAL H 39 -16.23 -39.03 17.44
C VAL H 39 -16.93 -40.39 17.43
N ASN H 40 -16.91 -41.05 16.28
CA ASN H 40 -17.53 -42.37 16.12
C ASN H 40 -19.01 -42.24 16.46
N ASN H 41 -19.55 -41.06 16.18
CA ASN H 41 -20.95 -40.74 16.44
C ASN H 41 -21.50 -41.37 17.73
N VAL H 42 -20.74 -41.23 18.81
CA VAL H 42 -21.14 -41.74 20.12
C VAL H 42 -22.07 -40.75 20.82
N LEU H 43 -23.15 -41.22 21.42
CA LEU H 43 -24.07 -40.34 22.13
C LEU H 43 -23.38 -39.79 23.40
N PRO H 44 -23.13 -38.47 23.45
CA PRO H 44 -22.47 -37.80 24.58
C PRO H 44 -23.16 -38.02 25.92
N VAL H 45 -22.37 -37.95 26.99
CA VAL H 45 -22.88 -38.13 28.36
C VAL H 45 -24.14 -37.32 28.67
N PHE H 46 -24.11 -36.01 28.44
CA PHE H 46 -25.29 -35.20 28.74
C PHE H 46 -26.47 -35.60 27.88
N ASP H 47 -26.22 -35.97 26.64
CA ASP H 47 -27.30 -36.40 25.76
C ASP H 47 -27.96 -37.67 26.30
N ASN H 48 -27.18 -38.49 26.98
CA ASN H 48 -27.69 -39.72 27.57
C ASN H 48 -28.51 -39.37 28.83
N LEU H 49 -27.91 -38.57 29.70
CA LEU H 49 -28.55 -38.11 30.92
C LEU H 49 -29.90 -37.45 30.61
N MET H 50 -29.94 -36.66 29.53
CA MET H 50 -31.13 -35.96 29.05
C MET H 50 -32.24 -36.89 28.56
N GLN H 51 -31.86 -38.00 27.94
CA GLN H 51 -32.85 -38.94 27.43
C GLN H 51 -33.51 -39.66 28.59
N GLN H 52 -32.67 -40.03 29.55
CA GLN H 52 -33.10 -40.76 30.71
C GLN H 52 -33.67 -39.84 31.80
N LYS H 53 -34.29 -38.75 31.37
CA LYS H 53 -34.91 -37.78 32.25
C LYS H 53 -34.32 -37.67 33.66
N LEU H 54 -33.00 -37.81 33.79
CA LEU H 54 -32.34 -37.73 35.10
C LEU H 54 -32.39 -36.34 35.75
N VAL H 55 -31.94 -35.32 35.01
CA VAL H 55 -31.92 -33.93 35.52
C VAL H 55 -33.26 -33.24 35.39
N ASP H 56 -33.50 -32.23 36.24
CA ASP H 56 -34.75 -31.49 36.18
C ASP H 56 -34.87 -30.82 34.84
N GLN H 57 -33.93 -29.94 34.54
CA GLN H 57 -33.95 -29.26 33.27
C GLN H 57 -32.63 -29.58 32.59
N ASN H 58 -32.72 -29.86 31.30
CA ASN H 58 -31.57 -30.21 30.47
C ASN H 58 -30.64 -29.03 30.21
N ILE H 59 -30.05 -28.56 31.29
CA ILE H 59 -29.16 -27.44 31.18
C ILE H 59 -28.10 -27.62 32.22
N PHE H 60 -26.98 -26.95 32.03
CA PHE H 60 -25.90 -27.02 32.99
C PHE H 60 -25.27 -25.64 33.06
N SER H 61 -24.27 -25.46 33.93
CA SER H 61 -23.63 -24.16 34.06
C SER H 61 -22.30 -24.24 34.76
N PHE H 62 -21.39 -23.34 34.41
CA PHE H 62 -20.08 -23.35 35.02
C PHE H 62 -19.86 -22.07 35.77
N TYR H 63 -19.16 -22.16 36.88
CA TYR H 63 -18.85 -20.99 37.69
C TYR H 63 -17.40 -21.13 38.09
N LEU H 64 -16.69 -20.01 38.13
CA LEU H 64 -15.29 -20.02 38.52
C LEU H 64 -15.06 -18.94 39.57
N SER H 65 -14.74 -19.36 40.79
CA SER H 65 -14.48 -18.42 41.87
C SER H 65 -13.08 -17.82 41.73
N ARG H 66 -12.90 -16.65 42.33
CA ARG H 66 -11.61 -15.96 42.29
C ARG H 66 -10.96 -16.01 43.67
N ASP H 67 -11.64 -16.64 44.63
CA ASP H 67 -11.19 -16.78 46.02
C ASP H 67 -10.12 -17.88 46.10
N PRO H 68 -9.09 -17.68 46.94
CA PRO H 68 -8.00 -18.64 47.14
C PRO H 68 -8.51 -19.96 47.73
N ASP H 69 -9.12 -19.87 48.92
CA ASP H 69 -9.67 -21.02 49.64
C ASP H 69 -10.32 -22.07 48.77
N ALA H 70 -11.11 -21.61 47.80
CA ALA H 70 -11.76 -22.53 46.88
C ALA H 70 -10.71 -23.12 45.95
N GLN H 71 -10.07 -24.20 46.39
CA GLN H 71 -9.03 -24.85 45.59
C GLN H 71 -9.49 -25.65 44.35
N PRO H 72 -10.73 -26.16 44.37
CA PRO H 72 -11.17 -26.92 43.19
C PRO H 72 -11.24 -26.08 41.91
N GLY H 73 -11.14 -26.78 40.77
CA GLY H 73 -11.19 -26.14 39.47
C GLY H 73 -12.61 -25.96 38.92
N GLY H 74 -13.10 -24.72 38.95
CA GLY H 74 -14.42 -24.44 38.46
C GLY H 74 -15.52 -25.01 39.34
N GLU H 75 -16.74 -25.04 38.82
CA GLU H 75 -17.87 -25.55 39.56
C GLU H 75 -19.03 -25.72 38.60
N LEU H 76 -19.23 -26.97 38.16
CA LEU H 76 -20.29 -27.35 37.24
C LEU H 76 -21.59 -27.66 37.97
N MET H 77 -22.71 -27.31 37.33
CA MET H 77 -24.04 -27.58 37.87
C MET H 77 -24.87 -28.23 36.78
N LEU H 78 -25.21 -29.50 37.00
CA LEU H 78 -25.97 -30.25 36.04
C LEU H 78 -27.45 -30.17 36.39
N GLY H 79 -28.24 -29.69 35.44
CA GLY H 79 -29.67 -29.61 35.64
C GLY H 79 -30.19 -28.31 36.20
N GLY H 80 -29.44 -27.23 36.11
CA GLY H 80 -29.93 -25.98 36.64
C GLY H 80 -28.93 -24.86 36.72
N THR H 81 -29.26 -23.85 37.54
CA THR H 81 -28.42 -22.67 37.76
C THR H 81 -28.63 -22.26 39.21
N ASP H 82 -27.84 -21.32 39.72
CA ASP H 82 -28.03 -20.92 41.11
C ASP H 82 -27.71 -19.46 41.31
N SER H 83 -28.72 -18.68 41.69
CA SER H 83 -28.54 -17.27 41.92
C SER H 83 -27.26 -16.98 42.71
N LYS H 84 -26.90 -17.83 43.68
CA LYS H 84 -25.67 -17.63 44.47
C LYS H 84 -24.39 -17.43 43.64
N TYR H 85 -24.36 -17.97 42.43
CA TYR H 85 -23.22 -17.85 41.55
C TYR H 85 -23.07 -16.48 40.91
N TYR H 86 -24.19 -15.85 40.61
CA TYR H 86 -24.14 -14.57 39.93
C TYR H 86 -25.00 -13.47 40.53
N LYS H 87 -25.04 -12.35 39.81
CA LYS H 87 -25.84 -11.23 40.22
C LYS H 87 -26.55 -10.66 39.02
N GLY H 88 -27.77 -10.20 39.25
CA GLY H 88 -28.55 -9.61 38.19
C GLY H 88 -29.37 -10.64 37.47
N SER H 89 -29.21 -10.68 36.15
CA SER H 89 -29.94 -11.63 35.34
C SER H 89 -28.97 -12.28 34.35
N LEU H 90 -29.49 -13.27 33.62
CA LEU H 90 -28.73 -13.99 32.62
C LEU H 90 -29.34 -13.54 31.33
N SER H 91 -28.51 -13.16 30.37
CA SER H 91 -28.99 -12.79 29.06
C SER H 91 -28.72 -14.03 28.28
N TYR H 92 -29.56 -14.32 27.30
CA TYR H 92 -29.36 -15.53 26.50
C TYR H 92 -29.01 -15.21 25.07
N LEU H 93 -28.47 -16.20 24.39
CA LEU H 93 -28.07 -16.10 23.01
C LEU H 93 -28.38 -17.44 22.37
N ASN H 94 -29.10 -17.43 21.26
CA ASN H 94 -29.42 -18.67 20.60
C ASN H 94 -28.21 -19.28 19.94
N VAL H 95 -28.12 -20.60 19.97
CA VAL H 95 -27.03 -21.34 19.34
C VAL H 95 -27.40 -21.40 17.86
N THR H 96 -26.50 -20.97 16.99
CA THR H 96 -26.71 -20.95 15.55
C THR H 96 -26.32 -22.23 14.83
N ARG H 97 -25.56 -23.09 15.48
CA ARG H 97 -25.13 -24.35 14.87
C ARG H 97 -24.94 -25.42 15.93
N LYS H 98 -25.89 -26.34 15.99
CA LYS H 98 -25.88 -27.42 16.95
C LYS H 98 -24.73 -28.42 16.72
N ALA H 99 -23.53 -28.01 17.15
CA ALA H 99 -22.30 -28.81 17.08
C ALA H 99 -21.55 -28.33 18.31
N TYR H 100 -20.77 -27.26 18.16
CA TYR H 100 -20.07 -26.67 19.31
C TYR H 100 -21.14 -25.72 19.83
N TRP H 101 -20.97 -25.20 21.05
CA TRP H 101 -21.96 -24.23 21.54
C TRP H 101 -21.59 -22.92 20.87
N GLN H 102 -22.24 -22.67 19.74
CA GLN H 102 -21.94 -21.52 18.92
C GLN H 102 -22.93 -20.39 18.89
N VAL H 103 -22.54 -19.27 19.47
CA VAL H 103 -23.41 -18.11 19.48
C VAL H 103 -22.90 -17.10 18.45
N HIS H 104 -23.65 -16.02 18.26
CA HIS H 104 -23.28 -14.99 17.30
C HIS H 104 -22.71 -13.77 18.00
N LEU H 105 -21.46 -13.48 17.70
CA LEU H 105 -20.75 -12.35 18.25
C LEU H 105 -21.17 -11.18 17.37
N ASP H 106 -21.38 -10.01 17.99
CA ASP H 106 -21.79 -8.83 17.24
C ASP H 106 -20.56 -8.04 16.80
N GLN H 107 -19.62 -7.83 17.70
CA GLN H 107 -18.39 -7.11 17.39
C GLN H 107 -17.44 -7.13 18.59
N VAL H 108 -16.18 -6.80 18.37
CA VAL H 108 -15.18 -6.78 19.43
C VAL H 108 -14.50 -5.41 19.47
N GLU H 109 -14.77 -4.65 20.52
CA GLU H 109 -14.21 -3.32 20.68
C GLU H 109 -12.97 -3.26 21.59
N VAL H 110 -11.99 -2.46 21.19
CA VAL H 110 -10.81 -2.26 22.00
C VAL H 110 -10.91 -0.79 22.40
N ALA H 111 -10.71 -0.50 23.69
CA ALA H 111 -10.81 0.86 24.19
C ALA H 111 -9.98 1.85 23.38
N SER H 112 -8.97 1.34 22.68
CA SER H 112 -8.12 2.16 21.82
C SER H 112 -8.84 2.44 20.48
N GLY H 113 -10.15 2.65 20.53
CA GLY H 113 -10.91 2.92 19.34
C GLY H 113 -11.09 1.78 18.33
N LEU H 114 -10.18 0.80 18.33
CA LEU H 114 -10.25 -0.34 17.41
C LEU H 114 -11.53 -1.16 17.51
N THR H 115 -12.02 -1.64 16.37
CA THR H 115 -13.21 -2.48 16.35
C THR H 115 -13.08 -3.62 15.35
N LEU H 116 -13.08 -4.85 15.86
CA LEU H 116 -12.99 -6.05 15.03
C LEU H 116 -14.40 -6.62 14.95
N CYS H 117 -14.57 -7.71 14.20
CA CYS H 117 -15.89 -8.32 14.00
C CYS H 117 -16.90 -7.21 13.71
N LYS H 118 -16.53 -6.33 12.79
CA LYS H 118 -17.35 -5.17 12.39
C LYS H 118 -18.77 -5.45 11.91
N GLU H 119 -18.93 -6.45 11.05
CA GLU H 119 -20.27 -6.73 10.55
C GLU H 119 -20.85 -7.98 11.21
N GLY H 120 -20.46 -8.22 12.46
CA GLY H 120 -20.94 -9.39 13.19
C GLY H 120 -20.17 -10.66 12.84
N CYS H 121 -20.18 -11.64 13.72
CA CYS H 121 -19.47 -12.88 13.45
C CYS H 121 -19.89 -14.00 14.41
N GLU H 122 -19.34 -15.19 14.19
CA GLU H 122 -19.65 -16.38 14.98
C GLU H 122 -18.60 -16.71 16.04
N ALA H 123 -19.08 -17.16 17.19
CA ALA H 123 -18.20 -17.55 18.28
C ALA H 123 -18.75 -18.79 18.97
N ILE H 124 -17.86 -19.61 19.48
CA ILE H 124 -18.27 -20.81 20.21
C ILE H 124 -17.80 -20.55 21.62
N VAL H 125 -18.57 -20.96 22.61
CA VAL H 125 -18.16 -20.79 23.99
C VAL H 125 -17.40 -22.09 24.29
N ASP H 126 -16.14 -21.98 24.75
CA ASP H 126 -15.30 -23.15 25.03
C ASP H 126 -14.63 -23.18 26.42
N THR H 127 -15.13 -24.04 27.29
CA THR H 127 -14.59 -24.21 28.64
C THR H 127 -13.26 -24.99 28.66
N GLY H 128 -12.87 -25.53 27.51
CA GLY H 128 -11.66 -26.33 27.43
C GLY H 128 -10.50 -25.64 26.73
N THR H 129 -10.57 -24.31 26.64
CA THR H 129 -9.55 -23.49 26.01
C THR H 129 -9.36 -22.24 26.85
N SER H 130 -8.10 -21.86 27.04
CA SER H 130 -7.78 -20.67 27.82
C SER H 130 -7.77 -19.44 26.93
N LEU H 131 -7.35 -19.62 25.68
CA LEU H 131 -7.27 -18.54 24.72
C LEU H 131 -8.59 -18.00 24.26
N MET H 132 -8.48 -16.91 23.51
CA MET H 132 -9.60 -16.24 22.88
C MET H 132 -9.03 -16.20 21.50
N VAL H 133 -9.42 -17.15 20.66
CA VAL H 133 -8.91 -17.22 19.30
C VAL H 133 -9.80 -16.39 18.38
N GLY H 134 -9.20 -15.87 17.33
CA GLY H 134 -9.94 -15.08 16.38
C GLY H 134 -9.17 -15.09 15.08
N PRO H 135 -9.85 -14.88 13.95
CA PRO H 135 -9.24 -14.89 12.62
C PRO H 135 -7.98 -14.02 12.62
N VAL H 136 -6.86 -14.64 12.28
CA VAL H 136 -5.57 -13.96 12.28
C VAL H 136 -5.54 -12.58 11.71
N ASP H 137 -6.10 -12.38 10.52
CA ASP H 137 -6.05 -11.04 9.99
C ASP H 137 -6.61 -10.00 10.95
N GLU H 138 -7.56 -10.42 11.78
CA GLU H 138 -8.16 -9.51 12.73
C GLU H 138 -7.36 -9.39 14.02
N VAL H 139 -7.19 -10.49 14.72
CA VAL H 139 -6.47 -10.42 15.98
C VAL H 139 -5.03 -9.94 15.81
N ARG H 140 -4.48 -10.07 14.61
CA ARG H 140 -3.11 -9.58 14.38
C ARG H 140 -3.15 -8.11 14.70
N GLU H 141 -4.21 -7.47 14.24
CA GLU H 141 -4.43 -6.04 14.41
C GLU H 141 -4.81 -5.66 15.82
N LEU H 142 -5.29 -6.64 16.59
CA LEU H 142 -5.72 -6.46 17.97
C LEU H 142 -4.49 -6.37 18.84
N GLN H 143 -3.48 -7.19 18.58
CA GLN H 143 -2.25 -7.17 19.38
C GLN H 143 -1.63 -5.78 19.33
N LYS H 144 -1.38 -5.26 18.13
CA LYS H 144 -0.79 -3.92 17.96
C LYS H 144 -1.49 -2.92 18.89
N ALA H 145 -2.82 -2.87 18.76
CA ALA H 145 -3.67 -1.99 19.52
C ALA H 145 -3.48 -2.06 21.04
N ILE H 146 -3.13 -3.24 21.57
CA ILE H 146 -2.88 -3.38 23.02
C ILE H 146 -1.37 -3.34 23.37
N GLY H 147 -0.51 -3.45 22.37
CA GLY H 147 0.93 -3.42 22.60
C GLY H 147 1.68 -4.74 22.64
N ALA H 148 1.03 -5.83 22.25
CA ALA H 148 1.69 -7.14 22.29
C ALA H 148 2.88 -7.27 21.32
N VAL H 149 4.06 -7.46 21.88
CA VAL H 149 5.29 -7.65 21.08
C VAL H 149 5.29 -9.11 20.56
N PRO H 150 5.18 -9.29 19.25
CA PRO H 150 5.17 -10.65 18.70
C PRO H 150 6.56 -11.24 18.64
N LEU H 151 6.69 -12.51 18.98
CA LEU H 151 8.00 -13.15 18.91
C LEU H 151 8.00 -14.03 17.69
N ILE H 152 9.20 -14.38 17.25
CA ILE H 152 9.42 -15.21 16.07
C ILE H 152 8.42 -16.36 15.97
N GLN H 153 8.15 -17.00 17.11
CA GLN H 153 7.21 -18.11 17.15
C GLN H 153 5.87 -17.68 17.74
N GLY H 154 5.14 -16.87 16.98
CA GLY H 154 3.83 -16.38 17.42
C GLY H 154 3.93 -15.50 18.64
N GLU H 155 3.69 -16.11 19.79
CA GLU H 155 3.75 -15.48 21.11
C GLU H 155 3.92 -13.97 21.16
N TYR H 156 2.87 -13.28 21.57
CA TYR H 156 2.91 -11.82 21.71
C TYR H 156 3.06 -11.47 23.18
N MET H 157 4.26 -11.08 23.59
CA MET H 157 4.52 -10.73 24.97
C MET H 157 4.13 -9.31 25.31
N ILE H 158 3.74 -9.10 26.54
CA ILE H 158 3.31 -7.79 27.01
C ILE H 158 4.17 -7.52 28.24
N PRO H 159 4.81 -6.34 28.31
CA PRO H 159 5.64 -6.02 29.48
C PRO H 159 4.78 -6.08 30.73
N CYS H 160 5.06 -7.06 31.59
CA CYS H 160 4.29 -7.25 32.80
C CYS H 160 4.01 -5.96 33.58
N GLU H 161 5.06 -5.18 33.84
CA GLU H 161 4.93 -3.93 34.58
C GLU H 161 4.11 -2.87 33.83
N LYS H 162 3.59 -3.24 32.66
CA LYS H 162 2.81 -2.37 31.81
C LYS H 162 1.39 -2.93 31.56
N VAL H 163 1.14 -4.16 32.00
CA VAL H 163 -0.16 -4.80 31.80
C VAL H 163 -1.28 -3.89 32.23
N SER H 164 -1.07 -3.25 33.37
CA SER H 164 -2.04 -2.34 33.98
C SER H 164 -2.59 -1.20 33.10
N THR H 165 -1.82 -0.75 32.12
CA THR H 165 -2.22 0.35 31.26
C THR H 165 -3.02 -0.06 30.03
N LEU H 166 -2.95 -1.34 29.67
CA LEU H 166 -3.65 -1.87 28.48
C LEU H 166 -5.14 -1.54 28.42
N PRO H 167 -5.66 -1.28 27.21
CA PRO H 167 -7.09 -0.96 27.06
C PRO H 167 -7.99 -2.17 27.24
N ALA H 168 -9.12 -1.94 27.89
CA ALA H 168 -10.08 -3.00 28.11
C ALA H 168 -10.64 -3.37 26.75
N ILE H 169 -11.01 -4.64 26.61
CA ILE H 169 -11.56 -5.16 25.37
C ILE H 169 -12.99 -5.60 25.64
N THR H 170 -13.94 -4.99 24.92
CA THR H 170 -15.37 -5.28 25.06
C THR H 170 -16.00 -6.13 23.97
N LEU H 171 -16.61 -7.22 24.41
CA LEU H 171 -17.28 -8.17 23.52
C LEU H 171 -18.77 -7.86 23.45
N LYS H 172 -19.31 -7.84 22.24
CA LYS H 172 -20.72 -7.55 22.06
C LYS H 172 -21.48 -8.84 21.79
N LEU H 173 -22.25 -9.29 22.78
CA LEU H 173 -23.06 -10.51 22.71
C LEU H 173 -24.48 -10.22 23.14
N GLY H 174 -25.45 -10.62 22.33
CA GLY H 174 -26.84 -10.39 22.66
C GLY H 174 -27.10 -8.90 22.73
N GLY H 175 -26.39 -8.15 21.89
CA GLY H 175 -26.55 -6.72 21.90
C GLY H 175 -26.09 -6.14 23.22
N LYS H 176 -25.22 -6.84 23.95
CA LYS H 176 -24.73 -6.32 25.23
C LYS H 176 -23.20 -6.40 25.25
N GLY H 177 -22.57 -5.57 26.09
CA GLY H 177 -21.11 -5.55 26.16
C GLY H 177 -20.50 -6.26 27.37
N TYR H 178 -19.55 -7.15 27.10
CA TYR H 178 -18.87 -7.91 28.15
C TYR H 178 -17.40 -7.53 28.20
N LYS H 179 -17.03 -6.78 29.24
CA LYS H 179 -15.67 -6.32 29.41
C LYS H 179 -14.68 -7.40 29.81
N LEU H 180 -13.44 -7.20 29.38
CA LEU H 180 -12.33 -8.08 29.70
C LEU H 180 -11.19 -7.09 29.88
N SER H 181 -10.84 -6.78 31.13
CA SER H 181 -9.75 -5.87 31.39
C SER H 181 -8.47 -6.69 31.16
N PRO H 182 -7.30 -6.02 31.02
CA PRO H 182 -6.01 -6.70 30.80
C PRO H 182 -5.73 -7.81 31.82
N GLU H 183 -6.27 -7.62 33.02
CA GLU H 183 -6.10 -8.62 34.07
C GLU H 183 -6.69 -9.93 33.57
N ASP H 184 -7.91 -9.85 33.05
CA ASP H 184 -8.60 -10.99 32.55
C ASP H 184 -7.99 -11.58 31.28
N TYR H 185 -7.38 -10.77 30.44
CA TYR H 185 -6.83 -11.28 29.19
C TYR H 185 -5.32 -11.40 29.06
N THR H 186 -4.59 -11.25 30.15
CA THR H 186 -3.14 -11.36 30.08
C THR H 186 -2.69 -12.66 30.75
N LEU H 187 -2.03 -13.54 30.01
CA LEU H 187 -1.55 -14.81 30.56
C LEU H 187 -0.22 -14.60 31.30
N LYS H 188 -0.17 -14.96 32.57
CA LYS H 188 1.07 -14.86 33.33
C LYS H 188 1.69 -16.26 33.38
N VAL H 189 3.00 -16.32 33.52
CA VAL H 189 3.75 -17.58 33.59
C VAL H 189 4.98 -17.31 34.43
N SER H 190 5.19 -18.10 35.47
CA SER H 190 6.34 -17.92 36.35
C SER H 190 7.31 -19.08 36.17
N GLN H 191 8.61 -18.77 36.20
CA GLN H 191 9.63 -19.79 36.03
C GLN H 191 10.85 -19.43 36.86
N ALA H 192 11.01 -20.11 38.00
CA ALA H 192 12.13 -19.89 38.92
C ALA H 192 12.17 -18.45 39.45
N GLY H 193 11.02 -17.78 39.43
CA GLY H 193 10.97 -16.41 39.92
C GLY H 193 10.60 -15.42 38.82
N LYS H 194 11.14 -15.65 37.63
CA LYS H 194 10.87 -14.75 36.51
C LYS H 194 9.47 -14.99 35.97
N THR H 195 8.65 -13.94 36.00
CA THR H 195 7.28 -14.01 35.51
C THR H 195 7.17 -13.39 34.13
N LEU H 196 6.72 -14.19 33.17
CA LEU H 196 6.52 -13.71 31.82
C LEU H 196 5.01 -13.61 31.56
N CYS H 197 4.60 -12.45 31.08
CA CYS H 197 3.21 -12.22 30.76
C CYS H 197 3.11 -12.10 29.26
N LEU H 198 2.22 -12.88 28.69
CA LEU H 198 2.00 -12.88 27.26
C LEU H 198 0.52 -12.63 27.05
N SER H 199 0.14 -12.26 25.85
CA SER H 199 -1.25 -11.97 25.53
C SER H 199 -2.15 -13.20 25.67
N GLY H 200 -3.45 -12.98 25.82
CA GLY H 200 -4.40 -14.06 25.95
C GLY H 200 -5.23 -14.29 24.70
N PHE H 201 -4.95 -13.50 23.66
CA PHE H 201 -5.64 -13.60 22.39
C PHE H 201 -4.75 -14.33 21.38
N MET H 202 -5.36 -15.18 20.56
CA MET H 202 -4.59 -15.93 19.59
C MET H 202 -5.09 -15.75 18.16
N GLY H 203 -4.15 -15.62 17.23
CA GLY H 203 -4.52 -15.45 15.83
C GLY H 203 -4.45 -16.80 15.18
N MET H 204 -5.60 -17.48 15.10
CA MET H 204 -5.66 -18.81 14.52
C MET H 204 -6.79 -18.84 13.52
N ASP H 205 -6.51 -19.38 12.34
CA ASP H 205 -7.51 -19.48 11.30
C ASP H 205 -8.15 -20.89 11.23
N ILE H 206 -9.40 -21.01 11.69
CA ILE H 206 -10.11 -22.27 11.67
C ILE H 206 -10.66 -22.49 10.27
N PRO H 207 -10.18 -23.52 9.59
CA PRO H 207 -10.65 -23.80 8.22
C PRO H 207 -12.14 -24.17 8.13
N PRO H 208 -12.84 -23.63 7.13
CA PRO H 208 -14.27 -23.87 6.90
C PRO H 208 -14.50 -25.35 6.68
N PRO H 209 -15.77 -25.77 6.61
CA PRO H 209 -17.00 -24.97 6.71
C PRO H 209 -17.42 -24.62 8.13
N SER H 210 -16.73 -25.20 9.13
CA SER H 210 -17.02 -24.93 10.54
C SER H 210 -16.39 -23.60 10.85
N GLY H 211 -15.34 -23.27 10.12
CA GLY H 211 -14.67 -22.01 10.29
C GLY H 211 -15.26 -21.00 9.31
N PRO H 212 -15.03 -19.71 9.51
CA PRO H 212 -14.24 -19.19 10.63
C PRO H 212 -15.10 -19.00 11.88
N LEU H 213 -14.52 -19.29 13.03
CA LEU H 213 -15.21 -19.12 14.31
C LEU H 213 -14.22 -18.40 15.22
N TRP H 214 -14.76 -17.71 16.21
CA TRP H 214 -13.93 -17.07 17.21
C TRP H 214 -14.06 -18.09 18.36
N ILE H 215 -12.98 -18.30 19.12
CA ILE H 215 -13.09 -19.23 20.23
C ILE H 215 -13.01 -18.44 21.52
N LEU H 216 -14.05 -18.53 22.34
CA LEU H 216 -14.10 -17.81 23.61
C LEU H 216 -13.71 -18.74 24.77
N GLY H 217 -12.41 -18.76 25.09
CA GLY H 217 -11.92 -19.62 26.16
C GLY H 217 -12.21 -19.06 27.53
N ASP H 218 -11.62 -19.66 28.57
CA ASP H 218 -11.85 -19.22 29.94
C ASP H 218 -11.50 -17.77 30.24
N VAL H 219 -10.76 -17.11 29.36
CA VAL H 219 -10.42 -15.71 29.57
C VAL H 219 -11.72 -14.91 29.72
N PHE H 220 -12.71 -15.29 28.93
CA PHE H 220 -14.03 -14.66 28.94
C PHE H 220 -14.96 -15.47 29.86
N ILE H 221 -14.97 -16.77 29.64
CA ILE H 221 -15.80 -17.68 30.40
C ILE H 221 -15.55 -17.62 31.92
N GLY H 222 -14.29 -17.60 32.31
CA GLY H 222 -13.94 -17.57 33.71
C GLY H 222 -14.33 -16.33 34.46
N ARG H 223 -15.06 -15.42 33.82
CA ARG H 223 -15.46 -14.19 34.50
C ARG H 223 -16.97 -14.04 34.52
N TYR H 224 -17.64 -14.68 33.58
CA TYR H 224 -19.09 -14.63 33.45
C TYR H 224 -19.75 -15.98 33.70
N TYR H 225 -20.71 -16.00 34.63
CA TYR H 225 -21.42 -17.23 34.93
C TYR H 225 -22.00 -17.69 33.60
N THR H 226 -21.45 -18.78 33.06
CA THR H 226 -21.89 -19.31 31.79
C THR H 226 -22.87 -20.47 31.92
N VAL H 227 -24.05 -20.31 31.32
CA VAL H 227 -25.10 -21.32 31.34
C VAL H 227 -25.29 -21.89 29.95
N PHE H 228 -25.48 -23.21 29.85
CA PHE H 228 -25.68 -23.90 28.58
C PHE H 228 -27.00 -24.60 28.72
N ASP H 229 -27.96 -24.20 27.87
CA ASP H 229 -29.33 -24.69 27.87
C ASP H 229 -29.61 -25.51 26.60
N ARG H 230 -29.66 -26.83 26.74
CA ARG H 230 -29.95 -27.75 25.62
C ARG H 230 -31.48 -27.86 25.35
N ASP H 231 -32.29 -27.34 26.27
CA ASP H 231 -33.75 -27.37 26.16
C ASP H 231 -34.30 -26.28 25.25
N ASN H 232 -33.55 -25.20 25.11
CA ASN H 232 -33.96 -24.07 24.29
C ASN H 232 -32.73 -23.61 23.52
N ASN H 233 -31.78 -24.53 23.37
CA ASN H 233 -30.53 -24.31 22.66
C ASN H 233 -30.07 -22.86 22.73
N ARG H 234 -29.49 -22.48 23.86
CA ARG H 234 -29.04 -21.12 24.04
C ARG H 234 -28.01 -21.05 25.16
N VAL H 235 -27.12 -20.06 25.07
CA VAL H 235 -26.08 -19.86 26.06
C VAL H 235 -26.44 -18.55 26.76
N GLY H 236 -26.07 -18.44 28.03
CA GLY H 236 -26.38 -17.23 28.77
C GLY H 236 -25.19 -16.77 29.58
N PHE H 237 -25.20 -15.50 30.00
CA PHE H 237 -24.09 -14.99 30.80
C PHE H 237 -24.56 -14.09 31.92
N ALA H 238 -23.77 -14.03 32.98
CA ALA H 238 -24.12 -13.20 34.13
C ALA H 238 -22.86 -12.69 34.79
N GLU H 239 -22.99 -11.56 35.49
CA GLU H 239 -21.83 -11.00 36.17
C GLU H 239 -21.66 -11.95 37.33
N ALA H 240 -20.49 -12.58 37.43
CA ALA H 240 -20.26 -13.55 38.50
C ALA H 240 -20.04 -12.89 39.85
N ALA H 241 -20.56 -13.55 40.88
CA ALA H 241 -20.46 -13.06 42.23
C ALA H 241 -19.06 -13.33 42.76
N1 EPE I . 21.63 9.42 -22.16
C2 EPE I . 22.49 8.22 -22.44
C3 EPE I . 22.15 7.48 -23.74
N4 EPE I . 20.68 7.45 -23.93
C5 EPE I . 19.89 7.74 -22.73
C6 EPE I . 20.17 9.20 -22.36
C7 EPE I . 20.13 6.20 -24.39
C8 EPE I . 18.86 6.41 -25.20
O8 EPE I . 19.14 7.00 -26.44
C9 EPE I . 22.01 10.79 -22.61
C10 EPE I . 21.03 11.84 -22.14
S EPE I . 20.86 13.22 -23.29
O1S EPE I . 22.05 14.05 -23.30
O2S EPE I . 19.59 13.85 -23.02
O3S EPE I . 20.75 12.78 -24.80
HO8 EPE I . 19.47 6.33 -27.05
HOS3 EPE I . 21.63 12.56 -25.13
N1 EPE J . 15.49 47.70 5.51
C2 EPE J . 15.71 48.72 6.53
C3 EPE J . 16.24 50.11 6.12
N4 EPE J . 15.36 50.66 5.09
C5 EPE J . 15.76 49.76 4.00
C6 EPE J . 15.15 48.37 4.24
C7 EPE J . 15.64 52.06 4.80
C8 EPE J . 14.45 52.94 5.16
O8 EPE J . 14.06 52.93 6.55
C9 EPE J . 14.30 46.96 5.98
C10 EPE J . 14.15 45.65 5.23
S EPE J . 12.43 45.37 4.71
O1S EPE J . 11.67 46.59 4.97
O2S EPE J . 11.95 44.16 5.32
O3S EPE J . 12.33 44.96 3.16
HO8 EPE J . 13.88 53.83 6.85
HOS3 EPE J . 11.54 44.39 3.12
N1 EPE K . -3.79 -23.23 3.45
C2 EPE K . -4.91 -22.27 3.57
C3 EPE K . -4.67 -20.83 3.08
N4 EPE K . -4.20 -20.87 1.69
C5 EPE K . -2.86 -21.40 1.96
C6 EPE K . -2.95 -22.90 2.28
C7 EPE K . -4.18 -19.49 1.19
C8 EPE K . -5.45 -19.02 0.48
O8 EPE K . -5.66 -19.72 -0.75
C9 EPE K . -4.54 -24.50 3.21
C10 EPE K . -3.90 -25.83 3.61
S EPE K . -2.66 -26.48 2.48
O1S EPE K . -1.34 -26.06 2.91
O2S EPE K . -3.08 -26.09 1.15
O3S EPE K . -2.57 -28.08 2.53
HO8 EPE K . -4.82 -19.82 -1.20
HOS3 EPE K . -3.30 -28.39 3.08
N1 EPE L . -12.07 -40.77 21.71
C2 EPE L . -13.06 -40.92 20.64
C3 EPE L . -14.12 -41.88 21.15
N4 EPE L . -14.69 -41.32 22.38
C5 EPE L . -13.69 -41.34 23.41
C6 EPE L . -12.62 -40.35 22.99
C7 EPE L . -15.77 -42.26 22.62
C8 EPE L . -16.68 -41.87 23.78
O8 EPE L . -17.29 -40.62 23.52
C9 EPE L . -10.90 -39.96 21.38
C10 EPE L . -11.11 -38.62 20.70
S EPE L . -12.19 -37.49 21.48
O1S EPE L . -11.82 -37.22 22.84
O2S EPE L . -13.49 -38.04 21.24
O3S EPE L . -12.16 -36.14 20.73
HO8 EPE L . -18.22 -40.64 23.82
HOS3 EPE L . -11.60 -35.54 21.23
#